data_5I8Q
#
_entry.id   5I8Q
#
_cell.length_a   168.063
_cell.length_b   154.031
_cell.length_c   78.988
_cell.angle_alpha   90.00
_cell.angle_beta   90.00
_cell.angle_gamma   90.00
#
_symmetry.space_group_name_H-M   'P 21 21 2'
#
loop_
_entity.id
_entity.type
_entity.pdbx_description
1 polymer 'Pre-mRNA-splicing factor ATP-dependent RNA helicase PRP43'
2 polymer "RNA (5'-R(P*UP*UP*UP*UP*UP*UP*UP*UP*U)-3')"
3 polymer "RNA (5'-R(P*UP*UP*UP*UP*UP*UP*UP*UP*UP*UP*UP*UP*U)-3')"
4 non-polymer 'MAGNESIUM ION'
5 non-polymer 'PHOSPHOAMINOPHOSPHONIC ACID-ADENYLATE ESTER'
#
loop_
_entity_poly.entity_id
_entity_poly.type
_entity_poly.pdbx_seq_one_letter_code
_entity_poly.pdbx_strand_id
1 'polypeptide(L)'
;MGSKRRFSSEHPDPVETSIPEQAAEIAEELSKQHPLPSEEPLVHHDAGEFKGLQRHHTSAEEAQKLEDGKINPFTGREFT
PKYVDILKIRRELPVHAQRDEFLKLYQNNQIMVFVGETGSGKTTQIPQFVLFDEMPHLENTQVACTQPRRVAAMSVAQRV
AEEMDVKLGEEVGYSIRFENKTSNKTILKYMTDGMLLREAMEDHDLSRYSCIILDEAHERTLATDILMGLLKQVVKRRPD
LKIIIMSATLDAEKFQRYFNDAPLLAVPGRTYPVELYYTPEFQRDYLDSAIRTVLQIHATEEAGDILLFLTGEDEIEDAV
RKISLEGDQLVREEGCGPLSVYPLYGSLPPHQQQRIFEPAPESHNGRPGRKVVISTNIAETSLTIDGIVYVVDPGFSKQK
VYNPRIRVESLLVSPISKASAQQRAGRAGRTRPGKCFRLYTEEAFQKELIEQSYPEILRSNLSSTVLELKKLGIDDLVHF
DFMDPPAPETMMRALEELNYLACLDDEGNLTPLGRLASQFPLDPMLAVMLIGSFEFQCSQEILTIVAMLSVPNVFIRPTK
DKKRADDAKNIFAHPDGDHITLLNVYHAFKSDEAYEYGIHKWCRDHYLNYRSLSAADNIRSQLERLMNRYNLELNTTDYE
SPKYFDNIRKALASGFFMQVAKKRSGAKGYITVKDNQDVLIHPSTVLGHDAEWVIYNEFVLTSKNYIRTVTSVRPEWLIE
IAPAYYDLSNFQKGDVKLSLERIKEKVDRLNELKQGKNKKKSKHSKK
;
A,B
2 'polyribonucleotide' UUUUUUUUU C
3 'polyribonucleotide' UUUUUUUUUUUUU F
#
loop_
_chem_comp.id
_chem_comp.type
_chem_comp.name
_chem_comp.formula
ANP non-polymer 'PHOSPHOAMINOPHOSPHONIC ACID-ADENYLATE ESTER' 'C10 H17 N6 O12 P3'
MG non-polymer 'MAGNESIUM ION' 'Mg 2'
U RNA linking URIDINE-5'-MONOPHOSPHATE 'C9 H13 N2 O9 P'
#
# COMPACT_ATOMS: atom_id res chain seq x y z
N LYS A 4 10.86 -0.55 14.64
CA LYS A 4 9.66 -0.74 13.83
C LYS A 4 8.84 -1.94 14.34
N ARG A 5 9.51 -2.85 15.06
CA ARG A 5 8.84 -4.02 15.60
C ARG A 5 8.27 -3.75 17.00
N ARG A 6 7.46 -2.71 17.10
CA ARG A 6 6.86 -2.29 18.36
C ARG A 6 6.05 -3.41 19.02
N PHE A 7 5.96 -3.37 20.34
CA PHE A 7 5.21 -4.38 21.08
C PHE A 7 4.88 -3.94 22.51
N SER A 8 3.62 -3.56 22.72
CA SER A 8 3.09 -3.28 24.05
C SER A 8 3.86 -2.21 24.82
N SER A 9 4.71 -2.65 25.76
CA SER A 9 5.50 -1.78 26.62
C SER A 9 4.64 -0.90 27.51
N GLU A 10 4.55 -1.26 28.79
CA GLU A 10 3.82 -0.47 29.77
C GLU A 10 4.45 0.90 29.95
N HIS A 11 3.61 1.94 30.01
CA HIS A 11 4.08 3.30 30.15
C HIS A 11 3.10 4.12 30.98
N PRO A 12 3.60 5.21 31.62
CA PRO A 12 2.74 6.11 32.39
C PRO A 12 1.54 6.62 31.60
N ASP A 13 0.47 6.96 32.29
CA ASP A 13 -0.78 7.40 31.66
C ASP A 13 -0.59 8.71 30.91
N PRO A 14 -0.71 8.66 29.57
CA PRO A 14 -0.49 9.84 28.72
C PRO A 14 -1.51 10.95 28.95
N VAL A 15 -2.76 10.56 29.16
CA VAL A 15 -3.85 11.52 29.36
C VAL A 15 -3.62 12.37 30.60
N GLU A 16 -3.20 11.73 31.68
CA GLU A 16 -2.99 12.42 32.95
C GLU A 16 -1.77 13.33 32.94
N THR A 17 -0.75 12.94 32.18
CA THR A 17 0.52 13.66 32.19
C THR A 17 0.59 14.76 31.13
N SER A 18 -0.35 14.75 30.19
CA SER A 18 -0.36 15.71 29.10
C SER A 18 -0.86 17.08 29.56
N ILE A 19 -0.01 18.10 29.43
CA ILE A 19 -0.40 19.47 29.72
C ILE A 19 -1.47 20.01 28.75
N PRO A 20 -1.33 19.72 27.43
CA PRO A 20 -2.42 20.13 26.54
C PRO A 20 -3.78 19.55 26.92
N GLU A 21 -3.78 18.41 27.60
CA GLU A 21 -5.03 17.81 28.08
C GLU A 21 -5.65 18.64 29.19
N GLN A 22 -4.81 19.14 30.10
CA GLN A 22 -5.28 20.00 31.19
C GLN A 22 -5.81 21.32 30.59
N ALA A 23 -5.05 21.86 29.65
CA ALA A 23 -5.46 23.05 28.92
C ALA A 23 -6.81 22.84 28.25
N ALA A 24 -7.01 21.63 27.73
CA ALA A 24 -8.24 21.29 27.04
C ALA A 24 -9.41 21.09 27.99
N GLU A 25 -9.12 20.62 29.20
CA GLU A 25 -10.15 20.49 30.22
C GLU A 25 -10.61 21.88 30.64
N ILE A 26 -9.65 22.78 30.80
CA ILE A 26 -9.97 24.18 31.07
C ILE A 26 -10.85 24.77 29.96
N ALA A 27 -10.43 24.54 28.72
CA ALA A 27 -11.14 25.06 27.56
C ALA A 27 -12.58 24.53 27.49
N GLU A 28 -12.74 23.23 27.67
CA GLU A 28 -14.05 22.59 27.60
C GLU A 28 -14.95 23.06 28.75
N GLU A 29 -14.35 23.30 29.91
CA GLU A 29 -15.11 23.82 31.04
C GLU A 29 -15.61 25.23 30.74
N LEU A 30 -14.73 26.06 30.21
CA LEU A 30 -15.10 27.43 29.85
C LEU A 30 -16.17 27.44 28.74
N SER A 31 -16.12 26.45 27.86
CA SER A 31 -17.12 26.31 26.82
C SER A 31 -18.45 25.85 27.42
N LYS A 32 -18.37 25.06 28.47
CA LYS A 32 -19.56 24.60 29.18
C LYS A 32 -20.21 25.76 29.91
N GLN A 33 -19.40 26.71 30.35
CA GLN A 33 -19.91 27.88 31.06
C GLN A 33 -20.77 28.76 30.17
N HIS A 34 -20.31 28.98 28.94
CA HIS A 34 -21.06 29.77 27.98
C HIS A 34 -21.28 28.99 26.70
N PRO A 35 -22.37 28.19 26.67
CA PRO A 35 -22.74 27.35 25.53
C PRO A 35 -22.81 28.14 24.24
N LEU A 36 -22.20 27.62 23.19
CA LEU A 36 -22.17 28.29 21.89
C LEU A 36 -23.58 28.45 21.34
N PRO A 37 -23.88 29.66 20.82
CA PRO A 37 -25.19 29.98 20.23
C PRO A 37 -25.62 28.98 19.17
N SER A 38 -26.83 28.44 19.30
CA SER A 38 -27.34 27.46 18.36
C SER A 38 -27.55 28.07 16.97
N GLU A 39 -27.77 27.21 15.98
CA GLU A 39 -27.96 27.65 14.60
C GLU A 39 -29.29 28.38 14.42
N GLU A 40 -29.33 29.27 13.44
CA GLU A 40 -30.55 29.99 13.12
C GLU A 40 -31.45 29.14 12.24
N PRO A 41 -32.76 29.12 12.55
CA PRO A 41 -33.69 28.40 11.70
C PRO A 41 -33.70 28.98 10.28
N LEU A 42 -34.03 28.14 9.30
CA LEU A 42 -34.00 28.57 7.90
C LEU A 42 -35.24 29.37 7.52
N VAL A 43 -35.03 30.49 6.83
CA VAL A 43 -36.11 31.33 6.34
C VAL A 43 -36.49 30.91 4.92
N HIS A 44 -37.80 30.77 4.67
CA HIS A 44 -38.26 30.29 3.38
C HIS A 44 -39.65 30.82 3.03
N HIS A 45 -39.98 30.78 1.74
CA HIS A 45 -41.31 31.12 1.27
C HIS A 45 -42.29 30.00 1.63
N ASP A 46 -43.45 30.37 2.16
CA ASP A 46 -44.41 29.39 2.64
C ASP A 46 -44.98 28.52 1.53
N ALA A 47 -44.87 29.01 0.29
CA ALA A 47 -45.33 28.30 -0.91
C ALA A 47 -46.83 28.05 -0.93
N GLY A 48 -47.33 27.58 -2.06
CA GLY A 48 -48.74 27.33 -2.25
C GLY A 48 -49.02 26.97 -3.70
N GLU A 49 -48.18 27.49 -4.59
CA GLU A 49 -48.23 27.15 -6.00
C GLU A 49 -47.57 25.80 -6.23
N PHE A 50 -46.98 25.26 -5.17
CA PHE A 50 -46.30 23.97 -5.22
C PHE A 50 -47.25 22.82 -4.88
N LYS A 51 -48.29 23.14 -4.13
CA LYS A 51 -49.25 22.14 -3.67
C LYS A 51 -50.04 21.53 -4.82
N GLY A 52 -50.63 20.36 -4.57
CA GLY A 52 -51.41 19.67 -5.56
C GLY A 52 -50.80 18.36 -6.00
N LEU A 53 -49.68 18.00 -5.39
CA LEU A 53 -48.96 16.78 -5.75
C LEU A 53 -48.57 15.96 -4.53
N GLN A 54 -48.73 14.65 -4.63
CA GLN A 54 -48.23 13.73 -3.60
C GLN A 54 -46.71 13.80 -3.59
N ARG A 55 -46.12 13.60 -2.42
CA ARG A 55 -44.68 13.78 -2.24
C ARG A 55 -43.86 12.79 -3.06
N HIS A 56 -42.76 13.29 -3.63
CA HIS A 56 -41.85 12.51 -4.46
C HIS A 56 -42.54 11.90 -5.68
N HIS A 57 -43.27 12.74 -6.42
CA HIS A 57 -43.93 12.32 -7.64
C HIS A 57 -44.00 13.44 -8.66
N THR A 58 -42.96 14.26 -8.70
CA THR A 58 -42.89 15.39 -9.62
C THR A 58 -42.47 14.95 -11.02
N SER A 59 -43.27 15.29 -12.02
CA SER A 59 -42.95 14.98 -13.40
C SER A 59 -42.17 16.13 -14.04
N ALA A 60 -41.65 15.89 -15.24
CA ALA A 60 -40.86 16.90 -15.94
C ALA A 60 -41.74 18.01 -16.47
N GLU A 61 -42.95 17.65 -16.91
CA GLU A 61 -43.88 18.61 -17.50
C GLU A 61 -44.29 19.69 -16.50
N GLU A 62 -44.57 19.28 -15.27
CA GLU A 62 -44.96 20.21 -14.21
C GLU A 62 -43.82 21.16 -13.88
N ALA A 63 -42.61 20.60 -13.79
CA ALA A 63 -41.42 21.40 -13.51
C ALA A 63 -41.20 22.45 -14.59
N GLN A 64 -41.35 22.03 -15.85
CA GLN A 64 -41.21 22.94 -16.98
C GLN A 64 -42.30 24.01 -16.97
N LYS A 65 -43.49 23.62 -16.54
CA LYS A 65 -44.61 24.57 -16.43
C LYS A 65 -44.31 25.61 -15.36
N LEU A 66 -43.62 25.20 -14.30
CA LEU A 66 -43.20 26.14 -13.27
C LEU A 66 -42.06 27.02 -13.77
N GLU A 67 -41.21 26.46 -14.62
CA GLU A 67 -40.06 27.19 -15.16
C GLU A 67 -40.48 28.31 -16.11
N ASP A 68 -41.37 27.99 -17.05
CA ASP A 68 -41.78 28.96 -18.06
C ASP A 68 -42.64 30.08 -17.49
N GLY A 69 -42.98 29.98 -16.21
CA GLY A 69 -43.78 30.98 -15.54
C GLY A 69 -43.07 32.32 -15.43
N LYS A 70 -43.84 33.36 -15.15
CA LYS A 70 -43.28 34.71 -15.01
C LYS A 70 -42.79 34.97 -13.59
N ILE A 71 -43.23 34.13 -12.65
CA ILE A 71 -42.82 34.27 -11.26
C ILE A 71 -41.97 33.08 -10.81
N ASN A 72 -41.05 33.35 -9.88
CA ASN A 72 -40.20 32.31 -9.34
C ASN A 72 -40.97 31.41 -8.37
N PRO A 73 -40.76 30.09 -8.48
CA PRO A 73 -41.49 29.13 -7.64
C PRO A 73 -41.03 29.14 -6.17
N PHE A 74 -39.78 29.52 -5.94
CA PHE A 74 -39.20 29.45 -4.60
C PHE A 74 -39.13 30.83 -3.94
N THR A 75 -39.03 31.88 -4.75
CA THR A 75 -39.00 33.24 -4.23
C THR A 75 -40.20 34.03 -4.74
N GLY A 76 -40.29 35.29 -4.35
CA GLY A 76 -41.39 36.15 -4.77
C GLY A 76 -41.00 37.07 -5.91
N ARG A 77 -39.78 36.88 -6.42
CA ARG A 77 -39.27 37.76 -7.47
C ARG A 77 -39.88 37.46 -8.84
N GLU A 78 -39.90 38.48 -9.69
CA GLU A 78 -40.29 38.30 -11.09
C GLU A 78 -39.05 37.98 -11.91
N PHE A 79 -39.21 37.18 -12.95
CA PHE A 79 -38.08 36.75 -13.76
C PHE A 79 -37.55 37.83 -14.70
N THR A 80 -36.23 37.92 -14.79
CA THR A 80 -35.56 38.88 -15.66
C THR A 80 -35.36 38.28 -17.05
N PRO A 81 -35.17 39.14 -18.07
CA PRO A 81 -34.85 38.66 -19.42
C PRO A 81 -33.60 37.78 -19.45
N LYS A 82 -32.66 38.07 -18.56
CA LYS A 82 -31.46 37.26 -18.41
C LYS A 82 -31.83 35.82 -18.12
N TYR A 83 -32.78 35.63 -17.20
CA TYR A 83 -33.28 34.31 -16.87
C TYR A 83 -33.91 33.63 -18.07
N VAL A 84 -34.58 34.40 -18.91
CA VAL A 84 -35.21 33.86 -20.12
C VAL A 84 -34.15 33.33 -21.08
N ASP A 85 -33.15 34.15 -21.36
CA ASP A 85 -32.06 33.75 -22.24
C ASP A 85 -31.32 32.51 -21.70
N ILE A 86 -30.94 32.56 -20.44
CA ILE A 86 -30.24 31.45 -19.80
C ILE A 86 -31.08 30.17 -19.83
N LEU A 87 -32.38 30.32 -19.61
CA LEU A 87 -33.30 29.18 -19.65
C LEU A 87 -33.33 28.56 -21.04
N LYS A 88 -33.45 29.43 -22.06
CA LYS A 88 -33.44 28.98 -23.45
C LYS A 88 -32.14 28.25 -23.77
N ILE A 89 -31.03 28.72 -23.21
CA ILE A 89 -29.74 28.08 -23.43
C ILE A 89 -29.63 26.72 -22.76
N ARG A 90 -30.00 26.64 -21.49
CA ARG A 90 -29.79 25.44 -20.69
C ARG A 90 -30.85 24.37 -20.95
N ARG A 91 -31.97 24.75 -21.54
CA ARG A 91 -33.03 23.78 -21.83
C ARG A 91 -32.61 22.83 -22.95
N GLU A 92 -31.60 23.24 -23.71
CA GLU A 92 -31.12 22.43 -24.84
C GLU A 92 -29.93 21.55 -24.45
N LEU A 93 -29.59 21.56 -23.16
CA LEU A 93 -28.49 20.73 -22.66
C LEU A 93 -28.88 19.26 -22.67
N PRO A 94 -27.91 18.38 -22.97
CA PRO A 94 -28.13 16.93 -23.08
C PRO A 94 -28.71 16.30 -21.82
N VAL A 95 -28.42 16.88 -20.66
CA VAL A 95 -28.90 16.34 -19.39
C VAL A 95 -30.39 16.61 -19.21
N HIS A 96 -30.89 17.65 -19.87
CA HIS A 96 -32.29 18.04 -19.73
C HIS A 96 -33.21 17.03 -20.42
N ALA A 97 -32.77 16.51 -21.56
CA ALA A 97 -33.56 15.57 -22.34
C ALA A 97 -33.85 14.27 -21.58
N GLN A 98 -33.08 14.03 -20.52
CA GLN A 98 -33.22 12.81 -19.73
C GLN A 98 -33.91 13.09 -18.39
N ARG A 99 -34.24 14.36 -18.16
CA ARG A 99 -34.83 14.83 -16.90
C ARG A 99 -35.85 13.88 -16.29
N ASP A 100 -36.90 13.61 -17.05
CA ASP A 100 -37.97 12.71 -16.63
C ASP A 100 -37.41 11.42 -16.03
N GLU A 101 -36.59 10.73 -16.82
CA GLU A 101 -36.00 9.46 -16.38
C GLU A 101 -35.28 9.64 -15.06
N PHE A 102 -34.46 10.68 -14.98
CA PHE A 102 -33.73 11.00 -13.76
C PHE A 102 -34.68 11.03 -12.57
N LEU A 103 -35.76 11.81 -12.72
CA LEU A 103 -36.76 11.91 -11.67
C LEU A 103 -37.26 10.52 -11.30
N LYS A 104 -37.65 9.76 -12.32
CA LYS A 104 -38.24 8.45 -12.11
C LYS A 104 -37.30 7.48 -11.39
N LEU A 105 -36.00 7.76 -11.43
CA LEU A 105 -35.07 6.95 -10.66
C LEU A 105 -34.93 7.52 -9.25
N TYR A 106 -34.76 8.83 -9.18
CA TYR A 106 -34.49 9.51 -7.91
C TYR A 106 -35.63 9.33 -6.91
N GLN A 107 -36.83 9.13 -7.43
CA GLN A 107 -38.01 8.96 -6.60
C GLN A 107 -38.09 7.54 -6.02
N ASN A 108 -37.55 6.56 -6.73
CA ASN A 108 -37.72 5.16 -6.35
C ASN A 108 -36.47 4.54 -5.76
N ASN A 109 -35.39 5.30 -5.68
CA ASN A 109 -34.15 4.80 -5.12
C ASN A 109 -33.58 5.75 -4.06
N GLN A 110 -32.95 5.17 -3.04
CA GLN A 110 -32.41 5.96 -1.93
C GLN A 110 -31.01 6.47 -2.26
N ILE A 111 -30.21 5.64 -2.91
CA ILE A 111 -28.88 6.02 -3.36
C ILE A 111 -28.70 5.69 -4.84
N MET A 112 -28.19 6.65 -5.61
CA MET A 112 -28.05 6.47 -7.04
C MET A 112 -26.72 7.01 -7.57
N VAL A 113 -26.26 6.44 -8.69
CA VAL A 113 -25.05 6.91 -9.35
C VAL A 113 -25.40 7.56 -10.68
N PHE A 114 -24.68 8.62 -11.03
CA PHE A 114 -24.95 9.35 -12.27
C PHE A 114 -23.68 9.59 -13.07
N VAL A 115 -23.69 9.19 -14.33
CA VAL A 115 -22.54 9.39 -15.22
C VAL A 115 -22.96 10.03 -16.54
N GLY A 116 -22.34 11.16 -16.86
CA GLY A 116 -22.61 11.86 -18.10
C GLY A 116 -21.35 12.48 -18.68
N GLU A 117 -21.44 12.91 -19.93
CA GLU A 117 -20.31 13.54 -20.61
C GLU A 117 -19.90 14.84 -19.93
N THR A 118 -18.65 15.25 -20.17
CA THR A 118 -18.14 16.48 -19.60
C THR A 118 -18.81 17.71 -20.17
N GLY A 119 -19.36 18.54 -19.28
CA GLY A 119 -20.02 19.77 -19.70
C GLY A 119 -21.42 19.54 -20.25
N SER A 120 -22.12 18.56 -19.69
CA SER A 120 -23.49 18.27 -20.10
C SER A 120 -24.47 19.01 -19.20
N GLY A 121 -23.99 19.46 -18.05
CA GLY A 121 -24.81 20.21 -17.11
C GLY A 121 -25.19 19.41 -15.88
N LYS A 122 -24.30 18.53 -15.45
CA LYS A 122 -24.56 17.72 -14.26
C LYS A 122 -24.64 18.59 -13.01
N THR A 123 -23.52 19.20 -12.65
CA THR A 123 -23.39 19.97 -11.41
C THR A 123 -24.39 21.13 -11.33
N THR A 124 -24.82 21.64 -12.47
CA THR A 124 -25.71 22.81 -12.50
C THR A 124 -27.20 22.45 -12.53
N GLN A 125 -27.55 21.43 -13.31
CA GLN A 125 -28.96 21.12 -13.53
C GLN A 125 -29.51 20.05 -12.59
N ILE A 126 -28.67 19.07 -12.24
CA ILE A 126 -29.12 17.98 -11.36
C ILE A 126 -29.64 18.46 -9.99
N PRO A 127 -28.91 19.36 -9.30
CA PRO A 127 -29.46 19.80 -8.01
C PRO A 127 -30.78 20.56 -8.14
N GLN A 128 -30.98 21.22 -9.27
CA GLN A 128 -32.23 21.94 -9.51
C GLN A 128 -33.37 20.95 -9.76
N PHE A 129 -33.08 19.88 -10.48
CA PHE A 129 -34.04 18.80 -10.67
C PHE A 129 -34.44 18.25 -9.31
N VAL A 130 -33.43 18.04 -8.46
CA VAL A 130 -33.65 17.58 -7.10
C VAL A 130 -34.55 18.55 -6.34
N LEU A 131 -34.32 19.85 -6.54
CA LEU A 131 -35.14 20.87 -5.90
C LEU A 131 -36.60 20.78 -6.35
N PHE A 132 -36.81 20.44 -7.62
CA PHE A 132 -38.16 20.34 -8.15
C PHE A 132 -38.90 19.11 -7.63
N ASP A 133 -38.19 18.00 -7.43
CA ASP A 133 -38.83 16.81 -6.90
C ASP A 133 -39.00 16.89 -5.39
N GLU A 134 -37.98 17.39 -4.70
CA GLU A 134 -38.01 17.47 -3.24
C GLU A 134 -38.87 18.63 -2.75
N MET A 135 -38.98 18.74 -1.42
CA MET A 135 -39.70 19.85 -0.80
C MET A 135 -38.85 20.50 0.30
N PRO A 136 -37.69 21.04 -0.07
CA PRO A 136 -36.71 21.53 0.91
C PRO A 136 -37.23 22.68 1.76
N HIS A 137 -37.99 23.58 1.14
CA HIS A 137 -38.52 24.75 1.84
C HIS A 137 -39.69 24.37 2.76
N LEU A 138 -40.42 23.32 2.39
CA LEU A 138 -41.57 22.89 3.17
C LEU A 138 -41.17 22.06 4.38
N GLU A 139 -40.13 21.24 4.22
CA GLU A 139 -39.68 20.38 5.32
C GLU A 139 -38.50 20.99 6.07
N ASN A 140 -38.22 22.26 5.77
CA ASN A 140 -37.17 23.02 6.46
C ASN A 140 -35.80 22.36 6.41
N THR A 141 -35.33 22.05 5.20
CA THR A 141 -34.02 21.43 5.02
C THR A 141 -33.25 22.07 3.87
N GLN A 142 -31.95 21.81 3.83
CA GLN A 142 -31.10 22.29 2.74
C GLN A 142 -30.70 21.14 1.82
N VAL A 143 -30.14 21.48 0.66
CA VAL A 143 -29.57 20.48 -0.22
C VAL A 143 -28.13 20.83 -0.54
N ALA A 144 -27.26 19.84 -0.46
CA ALA A 144 -25.82 20.06 -0.58
C ALA A 144 -25.23 19.43 -1.84
N CYS A 145 -24.51 20.23 -2.61
CA CYS A 145 -23.74 19.72 -3.73
C CYS A 145 -22.26 19.89 -3.42
N THR A 146 -21.49 18.81 -3.53
CA THR A 146 -20.11 18.80 -3.10
C THR A 146 -19.12 18.87 -4.26
N GLN A 147 -18.20 19.84 -4.18
CA GLN A 147 -17.13 19.97 -5.16
C GLN A 147 -15.79 19.77 -4.48
N PRO A 148 -14.87 19.07 -5.17
CA PRO A 148 -13.51 18.84 -4.63
C PRO A 148 -12.63 20.08 -4.65
N ARG A 149 -13.18 21.21 -5.10
CA ARG A 149 -12.42 22.45 -5.19
C ARG A 149 -13.19 23.64 -4.61
N ARG A 150 -12.46 24.63 -4.11
CA ARG A 150 -13.07 25.88 -3.65
C ARG A 150 -13.66 26.64 -4.84
N VAL A 151 -12.77 26.96 -5.78
CA VAL A 151 -13.11 27.73 -6.98
C VAL A 151 -14.28 27.13 -7.73
N ALA A 152 -14.32 25.79 -7.75
CA ALA A 152 -15.42 25.07 -8.38
C ALA A 152 -16.75 25.46 -7.74
N ALA A 153 -16.81 25.27 -6.42
CA ALA A 153 -18.02 25.59 -5.64
C ALA A 153 -18.44 27.04 -5.82
N MET A 154 -17.47 27.96 -5.73
CA MET A 154 -17.74 29.38 -5.87
C MET A 154 -18.33 29.72 -7.24
N SER A 155 -17.62 29.31 -8.28
CA SER A 155 -18.02 29.62 -9.66
C SER A 155 -19.38 29.01 -10.01
N VAL A 156 -19.58 27.74 -9.65
CA VAL A 156 -20.84 27.08 -9.96
C VAL A 156 -21.98 27.69 -9.15
N ALA A 157 -21.65 28.18 -7.96
CA ALA A 157 -22.64 28.88 -7.14
C ALA A 157 -23.05 30.17 -7.84
N GLN A 158 -22.09 30.87 -8.42
CA GLN A 158 -22.37 32.07 -9.20
C GLN A 158 -23.28 31.76 -10.38
N ARG A 159 -22.87 30.79 -11.20
CA ARG A 159 -23.62 30.41 -12.39
C ARG A 159 -25.05 30.00 -12.07
N VAL A 160 -25.21 29.13 -11.07
CA VAL A 160 -26.54 28.66 -10.69
C VAL A 160 -27.38 29.77 -10.09
N ALA A 161 -26.73 30.68 -9.35
CA ALA A 161 -27.41 31.85 -8.81
C ALA A 161 -27.98 32.69 -9.95
N GLU A 162 -27.22 32.83 -11.03
CA GLU A 162 -27.71 33.54 -12.21
C GLU A 162 -28.79 32.76 -12.94
N GLU A 163 -28.72 31.43 -12.85
CA GLU A 163 -29.69 30.57 -13.53
C GLU A 163 -31.06 30.59 -12.88
N MET A 164 -31.09 30.65 -11.55
CA MET A 164 -32.34 30.62 -10.81
C MET A 164 -32.84 32.02 -10.49
N ASP A 165 -32.16 33.02 -11.06
CA ASP A 165 -32.51 34.43 -10.89
C ASP A 165 -32.58 34.83 -9.43
N VAL A 166 -31.57 34.42 -8.67
CA VAL A 166 -31.46 34.82 -7.27
C VAL A 166 -30.09 35.48 -7.03
N LYS A 167 -30.05 36.42 -6.09
CA LYS A 167 -28.79 37.09 -5.77
C LYS A 167 -27.87 36.12 -5.03
N LEU A 168 -26.61 36.07 -5.45
CA LEU A 168 -25.65 35.13 -4.88
C LEU A 168 -25.42 35.40 -3.39
N GLY A 169 -25.71 34.39 -2.58
CA GLY A 169 -25.57 34.52 -1.14
C GLY A 169 -26.93 34.50 -0.46
N GLU A 170 -27.99 34.55 -1.26
CA GLU A 170 -29.35 34.51 -0.74
C GLU A 170 -29.88 33.09 -0.69
N GLU A 171 -30.65 32.70 -1.70
CA GLU A 171 -31.27 31.38 -1.74
C GLU A 171 -30.30 30.31 -2.23
N VAL A 172 -29.38 30.70 -3.11
CA VAL A 172 -28.35 29.81 -3.61
C VAL A 172 -26.98 30.34 -3.22
N GLY A 173 -26.17 29.50 -2.58
CA GLY A 173 -24.88 29.96 -2.08
C GLY A 173 -23.80 28.91 -1.94
N TYR A 174 -22.57 29.37 -1.72
CA TYR A 174 -21.44 28.47 -1.52
C TYR A 174 -20.83 28.67 -0.14
N SER A 175 -20.21 27.62 0.40
CA SER A 175 -19.55 27.71 1.70
C SER A 175 -18.12 27.17 1.65
N ILE A 176 -17.16 28.07 1.81
CA ILE A 176 -15.74 27.73 1.78
C ILE A 176 -15.12 28.15 3.12
N ARG A 177 -14.03 27.49 3.52
CA ARG A 177 -13.45 27.69 4.85
C ARG A 177 -13.01 29.13 5.12
N PHE A 178 -12.66 29.86 4.07
CA PHE A 178 -12.22 31.25 4.24
C PHE A 178 -13.37 32.22 4.02
N GLU A 179 -14.47 31.73 3.45
CA GLU A 179 -15.61 32.57 3.14
C GLU A 179 -16.85 31.74 2.77
N ASN A 180 -17.93 31.94 3.50
CA ASN A 180 -19.20 31.31 3.14
C ASN A 180 -20.26 32.37 2.84
N LYS A 181 -21.03 32.14 1.77
CA LYS A 181 -22.10 33.05 1.38
C LYS A 181 -23.45 32.50 1.79
N THR A 182 -23.44 31.38 2.49
CA THR A 182 -24.68 30.72 2.91
C THR A 182 -25.34 31.45 4.07
N SER A 183 -26.54 31.97 3.81
CA SER A 183 -27.33 32.62 4.85
C SER A 183 -28.45 31.69 5.31
N ASN A 184 -29.47 32.27 5.96
CA ASN A 184 -30.57 31.47 6.46
C ASN A 184 -31.66 31.21 5.41
N LYS A 185 -31.52 31.84 4.26
CA LYS A 185 -32.47 31.62 3.17
C LYS A 185 -31.90 30.66 2.13
N THR A 186 -30.66 30.24 2.35
CA THR A 186 -29.96 29.38 1.40
C THR A 186 -30.59 27.99 1.33
N ILE A 187 -31.06 27.62 0.14
CA ILE A 187 -31.61 26.30 -0.08
C ILE A 187 -30.61 25.43 -0.82
N LEU A 188 -30.11 25.93 -1.95
CA LEU A 188 -29.08 25.21 -2.69
C LEU A 188 -27.69 25.62 -2.22
N LYS A 189 -26.98 24.66 -1.64
CA LYS A 189 -25.70 24.93 -1.00
C LYS A 189 -24.56 24.15 -1.64
N TYR A 190 -23.69 24.86 -2.35
CA TYR A 190 -22.48 24.26 -2.89
C TYR A 190 -21.36 24.36 -1.87
N MET A 191 -20.60 23.29 -1.71
CA MET A 191 -19.58 23.25 -0.68
C MET A 191 -18.48 22.23 -0.95
N THR A 192 -17.31 22.46 -0.38
CA THR A 192 -16.23 21.50 -0.46
C THR A 192 -16.53 20.31 0.43
N ASP A 193 -15.92 19.17 0.12
CA ASP A 193 -16.11 17.95 0.90
C ASP A 193 -15.64 18.13 2.34
N GLY A 194 -14.67 19.01 2.54
CA GLY A 194 -14.14 19.29 3.86
C GLY A 194 -15.14 20.02 4.74
N MET A 195 -15.89 20.94 4.13
CA MET A 195 -16.92 21.68 4.86
C MET A 195 -18.04 20.76 5.30
N LEU A 196 -18.51 19.93 4.36
CA LEU A 196 -19.55 18.95 4.67
C LEU A 196 -19.05 17.96 5.71
N LEU A 197 -17.74 17.71 5.69
CA LEU A 197 -17.12 16.83 6.67
C LEU A 197 -17.14 17.47 8.05
N ARG A 198 -16.91 18.78 8.10
CA ARG A 198 -16.97 19.53 9.35
C ARG A 198 -18.38 19.52 9.92
N GLU A 199 -19.35 19.82 9.06
CA GLU A 199 -20.75 19.80 9.47
C GLU A 199 -21.17 18.40 9.91
N ALA A 200 -20.51 17.39 9.34
CA ALA A 200 -20.76 16.01 9.73
C ALA A 200 -20.10 15.69 11.07
N MET A 201 -19.02 16.41 11.37
CA MET A 201 -18.30 16.20 12.62
C MET A 201 -19.03 16.86 13.79
N GLU A 202 -19.69 17.98 13.52
CA GLU A 202 -20.48 18.65 14.53
C GLU A 202 -21.86 17.99 14.66
N ASP A 203 -22.39 17.53 13.54
CA ASP A 203 -23.65 16.78 13.53
C ASP A 203 -23.48 15.46 12.77
N HIS A 204 -23.50 14.36 13.52
CA HIS A 204 -23.19 13.04 12.97
C HIS A 204 -24.14 12.59 11.87
N ASP A 205 -25.44 12.88 12.04
CA ASP A 205 -26.45 12.37 11.12
C ASP A 205 -26.75 13.33 9.98
N LEU A 206 -26.23 14.55 10.05
CA LEU A 206 -26.47 15.59 9.05
C LEU A 206 -27.97 15.82 8.86
N SER A 207 -28.66 16.12 9.96
CA SER A 207 -30.11 16.28 9.95
C SER A 207 -30.57 17.48 9.12
N ARG A 208 -29.66 18.41 8.87
CA ARG A 208 -29.98 19.61 8.11
C ARG A 208 -30.28 19.28 6.64
N TYR A 209 -29.66 18.21 6.14
CA TYR A 209 -29.80 17.84 4.74
C TYR A 209 -30.75 16.66 4.52
N SER A 210 -31.56 16.75 3.47
CA SER A 210 -32.45 15.65 3.09
C SER A 210 -31.91 14.96 1.84
N CYS A 211 -31.11 15.69 1.08
CA CYS A 211 -30.46 15.14 -0.12
C CYS A 211 -29.04 15.66 -0.25
N ILE A 212 -28.09 14.75 -0.42
CA ILE A 212 -26.68 15.10 -0.54
C ILE A 212 -26.11 14.63 -1.87
N ILE A 213 -25.42 15.53 -2.57
CA ILE A 213 -24.85 15.20 -3.87
C ILE A 213 -23.32 15.37 -3.87
N LEU A 214 -22.62 14.30 -4.25
CA LEU A 214 -21.17 14.32 -4.31
C LEU A 214 -20.69 14.26 -5.75
N ASP A 215 -20.28 15.41 -6.29
CA ASP A 215 -19.82 15.48 -7.67
C ASP A 215 -18.31 15.22 -7.75
N GLU A 216 -17.88 14.68 -8.89
CA GLU A 216 -16.48 14.31 -9.11
C GLU A 216 -15.98 13.35 -8.03
N ALA A 217 -16.65 12.20 -7.91
CA ALA A 217 -16.27 11.21 -6.92
C ALA A 217 -15.15 10.32 -7.42
N HIS A 218 -14.68 10.60 -8.63
CA HIS A 218 -13.62 9.80 -9.24
C HIS A 218 -12.25 10.14 -8.68
N GLU A 219 -12.16 11.27 -7.98
CA GLU A 219 -10.89 11.68 -7.39
C GLU A 219 -10.60 10.92 -6.10
N ARG A 220 -11.66 10.47 -5.44
CA ARG A 220 -11.55 9.68 -4.21
C ARG A 220 -10.71 10.38 -3.15
N THR A 221 -11.02 11.65 -2.90
CA THR A 221 -10.32 12.40 -1.86
C THR A 221 -10.66 11.84 -0.49
N LEU A 222 -9.87 12.23 0.51
CA LEU A 222 -10.03 11.74 1.87
C LEU A 222 -11.45 11.99 2.39
N ALA A 223 -11.84 13.25 2.37
CA ALA A 223 -13.15 13.68 2.86
C ALA A 223 -14.29 12.98 2.13
N THR A 224 -14.12 12.78 0.83
CA THR A 224 -15.14 12.11 0.02
C THR A 224 -15.37 10.68 0.50
N ASP A 225 -14.29 9.92 0.62
CA ASP A 225 -14.37 8.54 1.07
C ASP A 225 -14.94 8.43 2.48
N ILE A 226 -14.46 9.30 3.38
CA ILE A 226 -14.97 9.33 4.74
C ILE A 226 -16.47 9.60 4.75
N LEU A 227 -16.90 10.56 3.92
CA LEU A 227 -18.30 10.92 3.80
C LEU A 227 -19.14 9.77 3.28
N MET A 228 -18.62 9.01 2.32
CA MET A 228 -19.34 7.87 1.78
C MET A 228 -19.49 6.79 2.86
N GLY A 229 -18.39 6.50 3.54
CA GLY A 229 -18.39 5.51 4.60
C GLY A 229 -19.36 5.86 5.72
N LEU A 230 -19.47 7.15 6.02
CA LEU A 230 -20.40 7.62 7.04
C LEU A 230 -21.85 7.53 6.55
N LEU A 231 -22.08 8.02 5.34
CA LEU A 231 -23.41 8.04 4.73
C LEU A 231 -23.99 6.64 4.57
N LYS A 232 -23.12 5.64 4.40
CA LYS A 232 -23.61 4.27 4.28
C LYS A 232 -24.30 3.81 5.57
N GLN A 233 -23.87 4.36 6.71
CA GLN A 233 -24.47 4.04 7.99
C GLN A 233 -25.62 4.99 8.30
N VAL A 234 -25.46 6.24 7.89
CA VAL A 234 -26.51 7.25 8.07
C VAL A 234 -27.78 6.84 7.35
N VAL A 235 -27.63 6.23 6.18
CA VAL A 235 -28.78 5.77 5.40
C VAL A 235 -29.48 4.62 6.13
N LYS A 236 -28.74 3.89 6.95
CA LYS A 236 -29.31 2.84 7.77
C LYS A 236 -30.12 3.44 8.91
N ARG A 237 -29.59 4.51 9.50
CA ARG A 237 -30.28 5.15 10.61
C ARG A 237 -31.50 5.96 10.18
N ARG A 238 -31.35 6.76 9.12
CA ARG A 238 -32.46 7.58 8.64
C ARG A 238 -32.74 7.37 7.15
N PRO A 239 -33.91 6.80 6.83
CA PRO A 239 -34.32 6.52 5.44
C PRO A 239 -34.83 7.73 4.68
N ASP A 240 -34.91 8.88 5.34
CA ASP A 240 -35.44 10.09 4.70
C ASP A 240 -34.36 10.83 3.91
N LEU A 241 -33.15 10.28 3.92
CA LEU A 241 -32.02 10.91 3.25
C LEU A 241 -31.74 10.24 1.89
N LYS A 242 -31.51 11.06 0.87
CA LYS A 242 -31.15 10.55 -0.44
C LYS A 242 -29.74 11.00 -0.82
N ILE A 243 -28.97 10.11 -1.44
CA ILE A 243 -27.60 10.40 -1.80
C ILE A 243 -27.33 10.18 -3.28
N ILE A 244 -26.76 11.17 -3.94
CA ILE A 244 -26.45 11.11 -5.36
C ILE A 244 -24.94 11.17 -5.59
N ILE A 245 -24.41 10.21 -6.33
CA ILE A 245 -22.99 10.19 -6.66
C ILE A 245 -22.77 10.54 -8.13
N MET A 246 -22.13 11.68 -8.38
CA MET A 246 -21.93 12.15 -9.75
C MET A 246 -20.45 12.22 -10.13
N SER A 247 -20.18 11.96 -11.41
CA SER A 247 -18.86 12.10 -11.99
C SER A 247 -18.95 12.02 -13.50
N ALA A 248 -18.02 12.67 -14.19
CA ALA A 248 -17.98 12.60 -15.65
C ALA A 248 -17.43 11.24 -16.08
N THR A 249 -16.47 10.73 -15.32
CA THR A 249 -15.89 9.42 -15.56
C THR A 249 -15.78 8.65 -14.25
N LEU A 250 -15.97 7.34 -14.31
CA LEU A 250 -15.98 6.53 -13.09
C LEU A 250 -15.88 5.03 -13.36
N ASP A 251 -15.33 4.31 -12.39
CA ASP A 251 -15.45 2.86 -12.37
C ASP A 251 -16.69 2.52 -11.53
N ALA A 252 -17.85 2.83 -12.09
CA ALA A 252 -19.11 2.79 -11.37
C ALA A 252 -19.43 1.45 -10.72
N GLU A 253 -18.77 0.38 -11.17
CA GLU A 253 -18.98 -0.94 -10.60
C GLU A 253 -18.69 -0.96 -9.09
N LYS A 254 -17.57 -0.37 -8.71
CA LYS A 254 -17.17 -0.29 -7.31
C LYS A 254 -18.20 0.47 -6.48
N PHE A 255 -18.69 1.57 -7.02
CA PHE A 255 -19.67 2.42 -6.33
C PHE A 255 -21.02 1.71 -6.16
N GLN A 256 -21.46 1.03 -7.21
CA GLN A 256 -22.72 0.29 -7.17
C GLN A 256 -22.64 -0.86 -6.19
N ARG A 257 -21.53 -1.60 -6.24
CA ARG A 257 -21.35 -2.76 -5.37
C ARG A 257 -21.15 -2.36 -3.92
N TYR A 258 -20.59 -1.18 -3.69
CA TYR A 258 -20.36 -0.70 -2.32
C TYR A 258 -21.67 -0.27 -1.66
N PHE A 259 -22.50 0.45 -2.41
CA PHE A 259 -23.77 0.94 -1.88
C PHE A 259 -24.90 -0.07 -2.09
N ASN A 260 -24.56 -1.35 -2.00
CA ASN A 260 -25.53 -2.45 -2.09
C ASN A 260 -26.34 -2.44 -3.38
N ASP A 261 -25.65 -2.68 -4.50
CA ASP A 261 -26.28 -2.75 -5.82
C ASP A 261 -27.09 -1.50 -6.14
N ALA A 262 -26.44 -0.35 -6.10
CA ALA A 262 -27.10 0.92 -6.39
C ALA A 262 -27.25 1.12 -7.90
N PRO A 263 -28.37 1.74 -8.33
CA PRO A 263 -28.63 1.95 -9.75
C PRO A 263 -27.70 2.96 -10.40
N LEU A 264 -27.40 2.75 -11.68
CA LEU A 264 -26.52 3.65 -12.43
C LEU A 264 -27.25 4.28 -13.61
N LEU A 265 -27.25 5.60 -13.65
CA LEU A 265 -27.88 6.33 -14.76
C LEU A 265 -26.79 6.93 -15.65
N ALA A 266 -26.66 6.37 -16.84
CA ALA A 266 -25.68 6.86 -17.81
C ALA A 266 -26.37 7.62 -18.93
N VAL A 267 -26.05 8.90 -19.07
CA VAL A 267 -26.67 9.71 -20.11
C VAL A 267 -25.70 10.00 -21.26
N PRO A 268 -26.13 9.69 -22.49
CA PRO A 268 -25.34 10.01 -23.68
C PRO A 268 -25.49 11.48 -24.07
N GLY A 269 -25.00 11.84 -25.24
CA GLY A 269 -25.16 13.20 -25.74
C GLY A 269 -24.04 14.15 -25.40
N ARG A 270 -23.61 14.94 -26.38
CA ARG A 270 -22.53 15.91 -26.22
C ARG A 270 -23.00 17.32 -26.56
N THR A 271 -22.68 18.28 -25.69
CA THR A 271 -23.03 19.68 -25.93
C THR A 271 -22.28 20.22 -27.14
N TYR A 272 -20.96 20.16 -27.07
CA TYR A 272 -20.11 20.56 -28.20
C TYR A 272 -18.93 19.60 -28.33
N PRO A 273 -18.60 19.24 -29.58
CA PRO A 273 -17.49 18.30 -29.84
C PRO A 273 -16.14 18.87 -29.44
N VAL A 274 -15.35 18.08 -28.73
CA VAL A 274 -13.99 18.48 -28.38
C VAL A 274 -12.98 17.56 -29.06
N GLU A 275 -12.18 18.14 -29.95
CA GLU A 275 -11.22 17.37 -30.74
C GLU A 275 -9.97 17.07 -29.94
N LEU A 276 -9.43 15.87 -30.11
CA LEU A 276 -8.24 15.44 -29.37
C LEU A 276 -7.02 15.32 -30.27
N TYR A 277 -5.94 15.98 -29.89
CA TYR A 277 -4.69 15.92 -30.63
C TYR A 277 -3.58 15.30 -29.79
N TYR A 278 -2.99 14.22 -30.31
CA TYR A 278 -1.85 13.59 -29.65
C TYR A 278 -0.56 13.86 -30.41
N THR A 279 0.54 13.97 -29.68
CA THR A 279 1.85 14.10 -30.32
C THR A 279 2.32 12.74 -30.80
N PRO A 280 2.82 12.67 -32.04
CA PRO A 280 3.30 11.40 -32.61
C PRO A 280 4.46 10.81 -31.81
N GLU A 281 5.28 11.69 -31.22
CA GLU A 281 6.43 11.26 -30.45
C GLU A 281 6.34 11.75 -29.00
N PHE A 282 7.32 11.36 -28.20
CA PHE A 282 7.38 11.75 -26.80
C PHE A 282 8.13 13.07 -26.62
N GLN A 283 7.60 13.94 -25.76
CA GLN A 283 8.19 15.25 -25.54
C GLN A 283 9.23 15.21 -24.43
N ARG A 284 10.48 15.46 -24.80
CA ARG A 284 11.61 15.36 -23.88
C ARG A 284 11.47 16.29 -22.68
N ASP A 285 11.14 17.55 -22.93
CA ASP A 285 10.92 18.51 -21.85
C ASP A 285 9.50 19.06 -21.94
N TYR A 286 8.63 18.62 -21.04
CA TYR A 286 7.22 18.96 -21.08
C TYR A 286 6.98 20.46 -20.90
N LEU A 287 7.88 21.15 -20.20
CA LEU A 287 7.74 22.58 -19.97
C LEU A 287 7.95 23.38 -21.24
N ASP A 288 9.09 23.13 -21.90
CA ASP A 288 9.40 23.81 -23.16
C ASP A 288 8.37 23.47 -24.22
N SER A 289 7.93 22.21 -24.23
CA SER A 289 6.89 21.77 -25.15
C SER A 289 5.59 22.54 -24.89
N ALA A 290 5.26 22.71 -23.62
CA ALA A 290 4.06 23.44 -23.23
C ALA A 290 4.12 24.89 -23.69
N ILE A 291 5.21 25.57 -23.37
CA ILE A 291 5.41 26.96 -23.76
C ILE A 291 5.33 27.14 -25.28
N ARG A 292 6.11 26.33 -25.99
CA ARG A 292 6.16 26.42 -27.46
C ARG A 292 4.81 26.12 -28.10
N THR A 293 4.08 25.15 -27.58
CA THR A 293 2.77 24.81 -28.12
C THR A 293 1.76 25.90 -27.85
N VAL A 294 1.80 26.48 -26.65
CA VAL A 294 0.90 27.59 -26.32
C VAL A 294 1.16 28.78 -27.24
N LEU A 295 2.43 29.11 -27.43
CA LEU A 295 2.80 30.19 -28.35
C LEU A 295 2.38 29.86 -29.78
N GLN A 296 2.40 28.58 -30.12
CA GLN A 296 2.00 28.14 -31.46
C GLN A 296 0.50 28.33 -31.68
N ILE A 297 -0.29 27.95 -30.68
CA ILE A 297 -1.73 28.15 -30.74
C ILE A 297 -2.05 29.64 -30.79
N HIS A 298 -1.26 30.41 -30.05
CA HIS A 298 -1.39 31.87 -30.04
C HIS A 298 -1.13 32.46 -31.42
N ALA A 299 -0.12 31.94 -32.11
CA ALA A 299 0.31 32.51 -33.38
C ALA A 299 -0.55 32.06 -34.57
N THR A 300 -1.04 30.81 -34.51
CA THR A 300 -1.68 30.22 -35.67
C THR A 300 -3.17 29.95 -35.54
N GLU A 301 -3.55 29.18 -34.53
CA GLU A 301 -4.93 28.71 -34.38
C GLU A 301 -5.97 29.83 -34.28
N GLU A 302 -7.24 29.47 -34.47
CA GLU A 302 -8.34 30.43 -34.52
C GLU A 302 -8.55 31.16 -33.20
N ALA A 303 -9.51 32.07 -33.19
CA ALA A 303 -9.83 32.85 -32.00
C ALA A 303 -10.32 31.97 -30.87
N GLY A 304 -9.91 32.29 -29.65
CA GLY A 304 -10.27 31.51 -28.48
C GLY A 304 -9.17 31.56 -27.43
N ASP A 305 -9.54 31.32 -26.18
CA ASP A 305 -8.57 31.36 -25.09
C ASP A 305 -7.96 29.98 -24.82
N ILE A 306 -6.77 29.98 -24.24
CA ILE A 306 -6.03 28.75 -24.00
C ILE A 306 -5.92 28.41 -22.53
N LEU A 307 -6.21 27.16 -22.17
CA LEU A 307 -6.08 26.70 -20.80
C LEU A 307 -4.93 25.70 -20.67
N LEU A 308 -3.90 26.08 -19.95
CA LEU A 308 -2.72 25.23 -19.76
C LEU A 308 -2.63 24.68 -18.35
N PHE A 309 -2.34 23.39 -18.23
CA PHE A 309 -2.12 22.77 -16.93
C PHE A 309 -0.64 22.56 -16.67
N LEU A 310 -0.21 22.78 -15.42
CA LEU A 310 1.17 22.58 -15.04
C LEU A 310 1.29 21.97 -13.65
N THR A 311 2.50 21.95 -13.11
CA THR A 311 2.78 21.26 -11.85
C THR A 311 2.60 22.15 -10.63
N GLY A 312 3.61 22.97 -10.33
CA GLY A 312 3.59 23.79 -9.13
C GLY A 312 3.61 25.29 -9.41
N GLU A 313 3.50 26.08 -8.34
CA GLU A 313 3.39 27.54 -8.48
C GLU A 313 4.69 28.16 -8.98
N ASP A 314 5.82 27.54 -8.66
CA ASP A 314 7.12 28.04 -9.09
C ASP A 314 7.24 27.88 -10.60
N GLU A 315 6.98 26.66 -11.06
CA GLU A 315 6.94 26.32 -12.47
C GLU A 315 5.95 27.19 -13.23
N ILE A 316 4.79 27.41 -12.62
CA ILE A 316 3.75 28.23 -13.23
C ILE A 316 4.21 29.68 -13.39
N GLU A 317 4.85 30.23 -12.36
CA GLU A 317 5.37 31.59 -12.44
C GLU A 317 6.43 31.72 -13.53
N ASP A 318 7.34 30.75 -13.58
CA ASP A 318 8.38 30.73 -14.61
C ASP A 318 7.75 30.73 -16.01
N ALA A 319 6.79 29.83 -16.21
CA ALA A 319 6.08 29.72 -17.48
C ALA A 319 5.36 31.03 -17.81
N VAL A 320 4.82 31.68 -16.79
CA VAL A 320 4.09 32.94 -16.97
C VAL A 320 5.02 34.02 -17.49
N ARG A 321 6.16 34.22 -16.83
CA ARG A 321 7.07 35.29 -17.25
C ARG A 321 7.70 34.98 -18.62
N LYS A 322 7.98 33.70 -18.88
CA LYS A 322 8.54 33.32 -20.17
C LYS A 322 7.56 33.55 -21.32
N ILE A 323 6.35 33.00 -21.17
CA ILE A 323 5.29 33.16 -22.17
C ILE A 323 4.93 34.63 -22.36
N SER A 324 4.99 35.40 -21.28
CA SER A 324 4.75 36.84 -21.35
C SER A 324 5.82 37.53 -22.20
N LEU A 325 7.08 37.23 -21.91
CA LEU A 325 8.20 37.84 -22.63
C LEU A 325 8.16 37.51 -24.12
N GLU A 326 8.21 36.22 -24.44
CA GLU A 326 8.23 35.80 -25.84
C GLU A 326 6.94 36.14 -26.55
N GLY A 327 5.85 36.26 -25.79
CA GLY A 327 4.57 36.68 -26.34
C GLY A 327 4.63 38.14 -26.77
N ASP A 328 5.21 38.98 -25.91
CA ASP A 328 5.43 40.37 -26.25
C ASP A 328 6.32 40.50 -27.48
N GLN A 329 7.36 39.69 -27.54
CA GLN A 329 8.23 39.69 -28.71
C GLN A 329 7.47 39.25 -29.97
N LEU A 330 6.52 38.34 -29.80
CA LEU A 330 5.68 37.90 -30.91
C LEU A 330 4.78 39.02 -31.41
N VAL A 331 4.21 39.78 -30.47
CA VAL A 331 3.35 40.90 -30.82
C VAL A 331 4.17 41.99 -31.52
N ARG A 332 5.37 42.22 -31.04
CA ARG A 332 6.22 43.30 -31.56
C ARG A 332 6.77 43.00 -32.95
N GLU A 333 7.37 41.83 -33.13
CA GLU A 333 8.13 41.56 -34.34
C GLU A 333 7.35 40.77 -35.41
N GLU A 334 6.49 39.86 -34.99
CA GLU A 334 5.75 39.04 -35.94
C GLU A 334 4.29 39.47 -36.05
N GLY A 335 3.97 40.61 -35.44
CA GLY A 335 2.64 41.19 -35.53
C GLY A 335 1.53 40.28 -35.07
N CYS A 336 1.73 39.60 -33.95
CA CYS A 336 0.71 38.73 -33.39
C CYS A 336 -0.23 39.52 -32.49
N GLY A 337 -1.39 38.94 -32.20
CA GLY A 337 -2.38 39.59 -31.36
C GLY A 337 -1.92 39.73 -29.92
N PRO A 338 -2.50 40.70 -29.19
CA PRO A 338 -2.20 40.91 -27.77
C PRO A 338 -2.45 39.65 -26.94
N LEU A 339 -1.62 39.42 -25.94
CA LEU A 339 -1.69 38.20 -25.14
C LEU A 339 -1.74 38.50 -23.65
N SER A 340 -2.69 37.91 -22.94
CA SER A 340 -2.79 38.12 -21.50
C SER A 340 -2.70 36.81 -20.71
N VAL A 341 -1.61 36.65 -19.97
CA VAL A 341 -1.37 35.44 -19.20
C VAL A 341 -1.77 35.59 -17.73
N TYR A 342 -2.60 34.68 -17.25
CA TYR A 342 -3.03 34.69 -15.86
C TYR A 342 -2.70 33.38 -15.15
N PRO A 343 -2.00 33.46 -14.01
CA PRO A 343 -1.69 32.30 -13.17
C PRO A 343 -2.89 31.87 -12.32
N LEU A 344 -2.91 30.61 -11.92
CA LEU A 344 -4.03 30.09 -11.13
C LEU A 344 -3.62 28.88 -10.29
N TYR A 345 -3.43 29.09 -9.00
CA TYR A 345 -3.15 27.99 -8.08
C TYR A 345 -3.74 28.28 -6.70
N GLY A 346 -3.77 27.25 -5.85
CA GLY A 346 -4.49 27.31 -4.60
C GLY A 346 -4.04 28.34 -3.58
N SER A 347 -2.75 28.69 -3.60
CA SER A 347 -2.20 29.61 -2.61
C SER A 347 -2.54 31.07 -2.93
N LEU A 348 -3.26 31.28 -4.03
CA LEU A 348 -3.67 32.63 -4.40
C LEU A 348 -4.95 33.04 -3.68
N PRO A 349 -5.07 34.33 -3.35
CA PRO A 349 -6.33 34.87 -2.83
C PRO A 349 -7.46 34.70 -3.84
N PRO A 350 -8.69 34.48 -3.37
CA PRO A 350 -9.87 34.23 -4.21
C PRO A 350 -10.04 35.25 -5.33
N HIS A 351 -9.62 36.49 -5.10
CA HIS A 351 -9.70 37.52 -6.13
C HIS A 351 -8.73 37.24 -7.27
N GLN A 352 -7.48 36.96 -6.93
CA GLN A 352 -6.46 36.64 -7.92
C GLN A 352 -6.82 35.38 -8.69
N GLN A 353 -7.60 34.51 -8.05
CA GLN A 353 -8.12 33.31 -8.70
C GLN A 353 -9.25 33.69 -9.65
N GLN A 354 -10.04 34.68 -9.25
CA GLN A 354 -11.15 35.17 -10.07
C GLN A 354 -10.64 35.92 -11.30
N ARG A 355 -9.39 36.37 -11.24
CA ARG A 355 -8.79 37.16 -12.31
C ARG A 355 -8.69 36.45 -13.66
N ILE A 356 -8.92 35.14 -13.67
CA ILE A 356 -8.82 34.37 -14.91
C ILE A 356 -10.07 34.50 -15.80
N PHE A 357 -11.16 34.96 -15.20
CA PHE A 357 -12.43 35.07 -15.92
C PHE A 357 -12.57 36.40 -16.64
N GLU A 358 -11.50 37.19 -16.63
CA GLU A 358 -11.49 38.48 -17.32
C GLU A 358 -11.52 38.26 -18.84
N PRO A 359 -12.19 39.18 -19.56
CA PRO A 359 -12.31 39.10 -21.02
C PRO A 359 -10.96 39.09 -21.74
N ALA A 360 -10.97 38.64 -22.98
CA ALA A 360 -9.76 38.63 -23.81
C ALA A 360 -9.35 40.05 -24.18
N PRO A 361 -8.03 40.30 -24.33
CA PRO A 361 -7.50 41.62 -24.67
C PRO A 361 -8.07 42.20 -25.96
N GLU A 362 -8.35 43.50 -25.95
CA GLU A 362 -8.81 44.20 -27.14
C GLU A 362 -7.69 44.31 -28.17
N SER A 363 -8.06 44.41 -29.44
CA SER A 363 -7.07 44.46 -30.51
C SER A 363 -7.13 45.77 -31.29
N HIS A 364 -6.00 46.45 -31.38
CA HIS A 364 -5.92 47.70 -32.13
C HIS A 364 -5.45 47.43 -33.55
N ASN A 365 -4.73 46.33 -33.74
CA ASN A 365 -4.12 46.00 -35.02
C ASN A 365 -5.01 45.11 -35.88
N GLY A 366 -6.01 44.50 -35.26
CA GLY A 366 -6.91 43.60 -35.97
C GLY A 366 -6.61 42.14 -35.69
N ARG A 367 -5.40 41.88 -35.19
CA ARG A 367 -4.99 40.53 -34.84
C ARG A 367 -5.72 40.04 -33.59
N PRO A 368 -6.19 38.78 -33.63
CA PRO A 368 -6.96 38.18 -32.53
C PRO A 368 -6.20 38.20 -31.20
N GLY A 369 -6.68 39.01 -30.25
CA GLY A 369 -6.11 39.04 -28.92
C GLY A 369 -6.69 37.92 -28.07
N ARG A 370 -5.86 37.34 -27.20
CA ARG A 370 -6.31 36.17 -26.44
C ARG A 370 -5.71 36.06 -25.05
N LYS A 371 -6.25 35.12 -24.28
CA LYS A 371 -5.88 34.92 -22.88
C LYS A 371 -5.38 33.50 -22.63
N VAL A 372 -4.30 33.40 -21.87
CA VAL A 372 -3.74 32.11 -21.49
C VAL A 372 -3.81 31.91 -19.98
N VAL A 373 -4.59 30.93 -19.55
CA VAL A 373 -4.75 30.62 -18.14
C VAL A 373 -3.86 29.45 -17.74
N ILE A 374 -2.78 29.76 -17.01
CA ILE A 374 -1.87 28.73 -16.54
C ILE A 374 -2.25 28.28 -15.13
N SER A 375 -2.79 27.07 -15.03
CA SER A 375 -3.32 26.58 -13.77
C SER A 375 -2.76 25.21 -13.38
N THR A 376 -2.90 24.88 -12.10
CA THR A 376 -2.62 23.53 -11.62
C THR A 376 -3.83 22.66 -11.87
N ASN A 377 -3.94 21.55 -11.16
CA ASN A 377 -5.11 20.70 -11.29
C ASN A 377 -6.27 21.19 -10.42
N ILE A 378 -6.24 22.48 -10.08
CA ILE A 378 -7.31 23.11 -9.33
C ILE A 378 -8.50 23.38 -10.26
N ALA A 379 -8.20 23.57 -11.54
CA ALA A 379 -9.24 23.80 -12.54
C ALA A 379 -9.47 22.54 -13.36
N GLU A 380 -8.89 21.44 -12.90
CA GLU A 380 -8.99 20.17 -13.60
C GLU A 380 -10.40 19.59 -13.53
N THR A 381 -11.08 19.81 -12.41
CA THR A 381 -12.37 19.16 -12.16
C THR A 381 -13.52 20.15 -11.91
N SER A 382 -14.61 19.95 -12.64
CA SER A 382 -15.85 20.73 -12.47
C SER A 382 -15.63 22.23 -12.42
N LEU A 383 -15.31 22.83 -13.57
CA LEU A 383 -15.12 24.26 -13.67
C LEU A 383 -15.31 24.71 -15.11
N THR A 384 -16.20 25.68 -15.32
CA THR A 384 -16.50 26.14 -16.67
C THR A 384 -16.04 27.58 -16.90
N ILE A 385 -14.98 27.73 -17.67
CA ILE A 385 -14.52 29.04 -18.09
C ILE A 385 -15.09 29.34 -19.48
N ASP A 386 -15.67 30.53 -19.63
CA ASP A 386 -16.41 30.87 -20.83
C ASP A 386 -15.54 31.02 -22.07
N GLY A 387 -14.38 31.64 -21.90
CA GLY A 387 -13.51 31.97 -23.03
C GLY A 387 -12.66 30.84 -23.55
N ILE A 388 -12.42 29.83 -22.72
CA ILE A 388 -11.54 28.73 -23.08
C ILE A 388 -12.06 27.90 -24.26
N VAL A 389 -11.22 27.77 -25.28
CA VAL A 389 -11.52 26.92 -26.42
C VAL A 389 -10.45 25.84 -26.54
N TYR A 390 -9.21 26.20 -26.24
CA TYR A 390 -8.09 25.28 -26.36
C TYR A 390 -7.61 24.81 -24.98
N VAL A 391 -7.27 23.53 -24.89
CA VAL A 391 -6.75 22.97 -23.64
C VAL A 391 -5.41 22.28 -23.85
N VAL A 392 -4.35 22.81 -23.25
CA VAL A 392 -3.03 22.23 -23.37
C VAL A 392 -2.70 21.37 -22.15
N ASP A 393 -2.36 20.11 -22.39
CA ASP A 393 -2.10 19.17 -21.31
C ASP A 393 -0.78 18.42 -21.49
N PRO A 394 0.20 18.70 -20.61
CA PRO A 394 1.48 17.99 -20.58
C PRO A 394 1.32 16.56 -20.07
N GLY A 395 0.30 16.34 -19.24
CA GLY A 395 0.02 15.03 -18.71
C GLY A 395 0.69 14.76 -17.38
N PHE A 396 1.15 15.82 -16.73
CA PHE A 396 1.81 15.70 -15.43
C PHE A 396 1.05 16.45 -14.34
N SER A 397 1.19 15.97 -13.11
CA SER A 397 0.66 16.69 -11.94
C SER A 397 1.51 16.38 -10.72
N LYS A 398 1.20 17.02 -9.59
CA LYS A 398 1.90 16.73 -8.36
C LYS A 398 1.00 15.92 -7.44
N GLN A 399 1.43 14.70 -7.10
CA GLN A 399 0.62 13.81 -6.30
C GLN A 399 1.32 13.40 -5.01
N LYS A 400 0.56 12.82 -4.08
CA LYS A 400 1.08 12.48 -2.76
C LYS A 400 1.65 11.06 -2.72
N VAL A 401 2.87 10.95 -2.20
CA VAL A 401 3.53 9.65 -2.03
C VAL A 401 3.83 9.42 -0.54
N TYR A 402 3.54 8.21 -0.06
CA TYR A 402 3.73 7.89 1.34
C TYR A 402 4.61 6.67 1.52
N ASN A 403 5.64 6.79 2.36
CA ASN A 403 6.55 5.69 2.60
C ASN A 403 6.29 5.01 3.94
N PRO A 404 5.72 3.79 3.90
CA PRO A 404 5.35 3.05 5.11
C PRO A 404 6.53 2.78 6.03
N ARG A 405 7.71 2.59 5.45
CA ARG A 405 8.93 2.37 6.21
C ARG A 405 9.27 3.59 7.06
N ILE A 406 9.19 4.76 6.45
CA ILE A 406 9.48 6.02 7.14
C ILE A 406 8.25 6.52 7.89
N ARG A 407 7.08 6.10 7.40
CA ARG A 407 5.79 6.67 7.84
C ARG A 407 5.82 8.19 7.66
N VAL A 408 5.77 8.61 6.40
CA VAL A 408 5.75 10.03 6.07
C VAL A 408 5.21 10.22 4.66
N GLU A 409 4.62 11.39 4.42
CA GLU A 409 4.06 11.74 3.12
C GLU A 409 4.78 12.95 2.53
N SER A 410 5.06 12.88 1.24
CA SER A 410 5.66 13.99 0.52
C SER A 410 4.99 14.15 -0.84
N LEU A 411 5.40 15.18 -1.57
CA LEU A 411 4.80 15.45 -2.88
C LEU A 411 5.78 15.15 -4.01
N LEU A 412 5.31 14.42 -5.01
CA LEU A 412 6.15 14.01 -6.12
C LEU A 412 5.46 14.24 -7.46
N VAL A 413 6.23 14.63 -8.46
CA VAL A 413 5.71 14.81 -9.82
C VAL A 413 5.38 13.45 -10.43
N SER A 414 4.12 13.25 -10.77
CA SER A 414 3.64 11.98 -11.29
C SER A 414 2.77 12.17 -12.53
N PRO A 415 2.74 11.14 -13.41
CA PRO A 415 1.83 11.11 -14.55
C PRO A 415 0.37 11.03 -14.10
N ILE A 416 -0.49 11.82 -14.74
CA ILE A 416 -1.89 11.87 -14.37
C ILE A 416 -2.63 10.60 -14.77
N SER A 417 -3.93 10.57 -14.49
CA SER A 417 -4.75 9.39 -14.80
C SER A 417 -5.57 9.60 -16.07
N LYS A 418 -6.13 8.51 -16.58
CA LYS A 418 -6.99 8.55 -17.75
C LYS A 418 -8.21 9.40 -17.50
N ALA A 419 -8.83 9.19 -16.34
CA ALA A 419 -9.98 9.97 -15.91
C ALA A 419 -9.66 11.45 -15.84
N SER A 420 -8.51 11.76 -15.24
CA SER A 420 -8.07 13.14 -15.09
C SER A 420 -7.84 13.79 -16.45
N ALA A 421 -7.33 13.00 -17.39
CA ALA A 421 -7.10 13.50 -18.74
C ALA A 421 -8.42 13.78 -19.46
N GLN A 422 -9.39 12.89 -19.25
CA GLN A 422 -10.72 13.10 -19.82
C GLN A 422 -11.37 14.34 -19.21
N GLN A 423 -11.02 14.64 -17.96
CA GLN A 423 -11.55 15.82 -17.28
C GLN A 423 -10.92 17.09 -17.85
N ARG A 424 -9.59 17.12 -17.90
CA ARG A 424 -8.85 18.25 -18.45
C ARG A 424 -9.29 18.55 -19.87
N ALA A 425 -9.46 17.49 -20.67
CA ALA A 425 -9.96 17.63 -22.03
C ALA A 425 -11.41 18.06 -22.02
N GLY A 426 -12.12 17.71 -20.95
CA GLY A 426 -13.52 18.03 -20.83
C GLY A 426 -13.78 19.45 -20.38
N ARG A 427 -12.72 20.17 -20.02
CA ARG A 427 -12.85 21.57 -19.64
C ARG A 427 -13.28 22.44 -20.82
N ALA A 428 -12.93 22.02 -22.03
CA ALA A 428 -13.31 22.73 -23.24
C ALA A 428 -14.53 22.11 -23.89
N GLY A 429 -15.05 22.75 -24.92
CA GLY A 429 -16.23 22.26 -25.62
C GLY A 429 -17.50 22.45 -24.81
N ARG A 430 -17.69 23.65 -24.29
CA ARG A 430 -18.87 23.96 -23.48
C ARG A 430 -19.63 25.14 -24.07
N THR A 431 -19.00 26.31 -24.05
CA THR A 431 -19.56 27.49 -24.69
C THR A 431 -19.55 27.30 -26.21
N ARG A 432 -18.43 26.82 -26.71
CA ARG A 432 -18.23 26.55 -28.13
C ARG A 432 -17.30 25.36 -28.28
N PRO A 433 -17.34 24.67 -29.44
CA PRO A 433 -16.49 23.51 -29.68
C PRO A 433 -15.03 23.75 -29.32
N GLY A 434 -14.41 22.77 -28.67
CA GLY A 434 -13.06 22.94 -28.16
C GLY A 434 -12.02 22.04 -28.81
N LYS A 435 -10.77 22.42 -28.66
CA LYS A 435 -9.64 21.65 -29.19
C LYS A 435 -8.64 21.38 -28.08
N CYS A 436 -8.28 20.12 -27.90
CA CYS A 436 -7.40 19.74 -26.80
C CYS A 436 -6.09 19.11 -27.27
N PHE A 437 -5.00 19.81 -27.01
CA PHE A 437 -3.67 19.33 -27.34
C PHE A 437 -3.03 18.60 -26.15
N ARG A 438 -2.89 17.29 -26.27
CA ARG A 438 -2.23 16.48 -25.25
C ARG A 438 -0.78 16.21 -25.64
N LEU A 439 0.15 16.57 -24.77
CA LEU A 439 1.57 16.47 -25.07
C LEU A 439 2.11 15.06 -24.83
N TYR A 440 1.40 14.06 -25.36
CA TYR A 440 1.83 12.67 -25.25
C TYR A 440 1.14 11.82 -26.30
N THR A 441 1.74 10.68 -26.63
CA THR A 441 1.20 9.80 -27.66
C THR A 441 -0.11 9.16 -27.22
N GLU A 442 -0.92 8.75 -28.19
CA GLU A 442 -2.18 8.07 -27.91
C GLU A 442 -1.88 6.70 -27.29
N GLU A 443 -0.75 6.12 -27.68
CA GLU A 443 -0.29 4.86 -27.12
C GLU A 443 0.00 5.02 -25.63
N ALA A 444 0.46 6.21 -25.25
CA ALA A 444 0.70 6.51 -23.84
C ALA A 444 -0.61 6.63 -23.08
N PHE A 445 -1.61 7.21 -23.73
CA PHE A 445 -2.93 7.35 -23.12
C PHE A 445 -3.59 5.98 -22.91
N GLN A 446 -3.37 5.07 -23.86
CA GLN A 446 -3.97 3.75 -23.79
C GLN A 446 -3.29 2.85 -22.75
N LYS A 447 -1.99 3.04 -22.56
CA LYS A 447 -1.21 2.13 -21.72
C LYS A 447 -0.52 2.82 -20.53
N GLU A 448 0.25 3.86 -20.83
CA GLU A 448 1.08 4.52 -19.82
C GLU A 448 0.27 5.18 -18.70
N LEU A 449 -0.87 5.78 -19.06
CA LEU A 449 -1.67 6.52 -18.08
C LEU A 449 -2.55 5.60 -17.25
N ILE A 450 -2.51 5.79 -15.94
CA ILE A 450 -3.30 5.01 -14.99
C ILE A 450 -4.79 5.15 -15.29
N GLU A 451 -5.56 4.11 -14.98
CA GLU A 451 -7.00 4.11 -15.23
C GLU A 451 -7.70 5.24 -14.48
N GLN A 452 -7.52 5.29 -13.16
CA GLN A 452 -8.14 6.34 -12.35
C GLN A 452 -7.44 6.47 -10.98
N SER A 453 -6.39 7.28 -10.91
CA SER A 453 -5.73 7.78 -9.68
C SER A 453 -5.97 7.05 -8.35
N TYR A 454 -4.88 6.59 -7.74
CA TYR A 454 -4.91 5.88 -6.46
C TYR A 454 -5.61 6.71 -5.37
N PRO A 455 -6.57 6.10 -4.67
CA PRO A 455 -7.35 6.74 -3.59
C PRO A 455 -6.47 7.39 -2.53
N GLU A 456 -6.96 8.47 -1.93
CA GLU A 456 -6.18 9.26 -0.99
C GLU A 456 -5.94 8.50 0.33
N ILE A 457 -6.93 7.77 0.79
CA ILE A 457 -6.82 7.02 2.04
C ILE A 457 -5.67 6.01 1.97
N LEU A 458 -5.54 5.36 0.81
CA LEU A 458 -4.50 4.37 0.61
C LEU A 458 -3.12 5.01 0.49
N ARG A 459 -3.09 6.33 0.34
CA ARG A 459 -1.84 7.07 0.24
C ARG A 459 -1.56 7.86 1.50
N SER A 460 -2.48 8.76 1.85
CA SER A 460 -2.27 9.71 2.94
C SER A 460 -1.96 9.08 4.29
N ASN A 461 -1.23 9.83 5.12
CA ASN A 461 -1.03 9.46 6.52
C ASN A 461 -2.35 9.63 7.27
N LEU A 462 -2.64 8.69 8.16
CA LEU A 462 -3.96 8.63 8.78
C LEU A 462 -3.99 9.18 10.20
N SER A 463 -2.99 10.00 10.55
CA SER A 463 -2.91 10.57 11.89
C SER A 463 -4.06 11.52 12.19
N SER A 464 -4.55 12.21 11.17
CA SER A 464 -5.65 13.15 11.33
C SER A 464 -6.99 12.49 10.99
N THR A 465 -6.95 11.63 9.98
CA THR A 465 -8.13 10.92 9.51
C THR A 465 -8.80 10.15 10.65
N VAL A 466 -7.98 9.48 11.46
CA VAL A 466 -8.48 8.73 12.60
C VAL A 466 -9.19 9.63 13.60
N LEU A 467 -8.58 10.78 13.90
CA LEU A 467 -9.16 11.75 14.81
C LEU A 467 -10.52 12.22 14.32
N GLU A 468 -10.60 12.54 13.03
CA GLU A 468 -11.84 13.01 12.44
C GLU A 468 -12.93 11.92 12.44
N LEU A 469 -12.53 10.69 12.10
CA LEU A 469 -13.45 9.56 12.14
C LEU A 469 -13.99 9.33 13.54
N LYS A 470 -13.12 9.50 14.54
CA LYS A 470 -13.53 9.38 15.93
C LYS A 470 -14.50 10.50 16.31
N LYS A 471 -14.28 11.69 15.77
CA LYS A 471 -15.18 12.80 16.02
C LYS A 471 -16.55 12.54 15.41
N LEU A 472 -16.57 11.85 14.27
CA LEU A 472 -17.84 11.48 13.64
C LEU A 472 -18.67 10.59 14.55
N GLY A 473 -18.00 9.87 15.44
CA GLY A 473 -18.69 9.02 16.39
C GLY A 473 -18.48 7.54 16.13
N ILE A 474 -17.46 7.23 15.32
CA ILE A 474 -17.17 5.84 14.96
C ILE A 474 -16.22 5.21 15.97
N ASP A 475 -16.69 4.18 16.66
CA ASP A 475 -15.91 3.53 17.70
C ASP A 475 -14.92 2.51 17.13
N ASP A 476 -15.43 1.53 16.40
CA ASP A 476 -14.58 0.49 15.82
C ASP A 476 -14.19 0.86 14.38
N LEU A 477 -13.03 1.50 14.25
CA LEU A 477 -12.55 1.93 12.95
C LEU A 477 -12.09 0.75 12.09
N VAL A 478 -11.61 -0.29 12.76
CA VAL A 478 -11.15 -1.50 12.07
C VAL A 478 -12.30 -2.17 11.33
N HIS A 479 -13.47 -2.19 11.97
CA HIS A 479 -14.65 -2.82 11.39
C HIS A 479 -15.41 -1.88 10.47
N PHE A 480 -15.03 -0.61 10.47
CA PHE A 480 -15.76 0.43 9.74
C PHE A 480 -15.72 0.21 8.23
N ASP A 481 -16.85 0.48 7.58
CA ASP A 481 -17.00 0.27 6.15
C ASP A 481 -16.40 1.40 5.31
N PHE A 482 -15.16 1.20 4.86
CA PHE A 482 -14.58 2.06 3.83
C PHE A 482 -14.90 1.47 2.46
N MET A 483 -14.81 2.29 1.42
CA MET A 483 -14.90 1.75 0.07
C MET A 483 -13.61 1.01 -0.23
N ASP A 484 -12.50 1.59 0.22
CA ASP A 484 -11.18 0.98 0.09
C ASP A 484 -10.44 1.07 1.42
N PRO A 485 -10.54 0.02 2.25
CA PRO A 485 -9.91 -0.04 3.57
C PRO A 485 -8.39 0.13 3.52
N PRO A 486 -7.84 1.00 4.39
CA PRO A 486 -6.41 1.26 4.45
C PRO A 486 -5.63 0.15 5.15
N ALA A 487 -4.31 0.29 5.20
CA ALA A 487 -3.45 -0.70 5.85
C ALA A 487 -3.61 -0.65 7.36
N PRO A 488 -3.99 -1.80 7.96
CA PRO A 488 -4.15 -1.94 9.41
C PRO A 488 -2.90 -1.53 10.20
N GLU A 489 -1.73 -1.72 9.60
CA GLU A 489 -0.48 -1.28 10.22
C GLU A 489 -0.47 0.23 10.44
N THR A 490 -0.73 0.96 9.36
CA THR A 490 -0.78 2.42 9.40
C THR A 490 -1.85 2.92 10.36
N MET A 491 -3.00 2.25 10.34
CA MET A 491 -4.10 2.56 11.26
C MET A 491 -3.67 2.43 12.72
N MET A 492 -3.06 1.29 13.03
CA MET A 492 -2.63 0.99 14.40
C MET A 492 -1.58 1.99 14.86
N ARG A 493 -0.64 2.31 13.99
CA ARG A 493 0.40 3.29 14.32
C ARG A 493 -0.18 4.68 14.51
N ALA A 494 -1.23 5.00 13.75
CA ALA A 494 -1.92 6.27 13.88
C ALA A 494 -2.61 6.38 15.23
N LEU A 495 -3.34 5.32 15.58
CA LEU A 495 -3.99 5.21 16.89
C LEU A 495 -2.96 5.32 18.01
N GLU A 496 -1.77 4.77 17.74
CA GLU A 496 -0.67 4.84 18.70
C GLU A 496 -0.23 6.28 18.90
N GLU A 497 -0.03 7.00 17.80
CA GLU A 497 0.36 8.40 17.83
C GLU A 497 -0.66 9.24 18.60
N LEU A 498 -1.94 9.05 18.30
CA LEU A 498 -2.99 9.78 18.98
C LEU A 498 -3.10 9.37 20.44
N ASN A 499 -2.67 8.15 20.76
CA ASN A 499 -2.65 7.69 22.15
C ASN A 499 -1.56 8.38 22.94
N TYR A 500 -0.40 8.58 22.30
CA TYR A 500 0.70 9.29 22.96
C TYR A 500 0.43 10.79 23.05
N LEU A 501 -0.33 11.31 22.09
CA LEU A 501 -0.69 12.72 22.09
C LEU A 501 -1.83 13.02 23.06
N ALA A 502 -2.34 11.97 23.70
CA ALA A 502 -3.44 12.07 24.65
C ALA A 502 -4.71 12.65 24.01
N CYS A 503 -4.96 12.28 22.76
CA CYS A 503 -6.20 12.63 22.10
C CYS A 503 -7.21 11.50 22.26
N LEU A 504 -6.68 10.29 22.42
CA LEU A 504 -7.50 9.11 22.69
C LEU A 504 -7.01 8.41 23.96
N ASP A 505 -7.94 8.11 24.86
CA ASP A 505 -7.57 7.43 26.11
C ASP A 505 -7.23 5.98 25.86
N ASP A 506 -6.93 5.25 26.93
CA ASP A 506 -6.54 3.85 26.81
C ASP A 506 -7.70 2.98 26.31
N GLU A 507 -8.93 3.41 26.60
CA GLU A 507 -10.10 2.65 26.21
C GLU A 507 -10.43 2.81 24.72
N GLY A 508 -10.04 3.94 24.16
CA GLY A 508 -10.19 4.17 22.73
C GLY A 508 -11.16 5.27 22.35
N ASN A 509 -11.64 6.00 23.36
CA ASN A 509 -12.58 7.09 23.11
C ASN A 509 -11.88 8.44 23.00
N LEU A 510 -12.62 9.46 22.61
CA LEU A 510 -12.06 10.81 22.45
C LEU A 510 -11.91 11.56 23.76
N THR A 511 -10.72 12.11 23.97
CA THR A 511 -10.46 12.96 25.12
C THR A 511 -10.92 14.39 24.80
N PRO A 512 -11.12 15.22 25.83
CA PRO A 512 -11.40 16.64 25.61
C PRO A 512 -10.36 17.31 24.72
N LEU A 513 -9.10 16.86 24.84
CA LEU A 513 -8.02 17.37 24.00
C LEU A 513 -8.25 17.03 22.53
N GLY A 514 -8.69 15.79 22.29
CA GLY A 514 -8.98 15.36 20.94
C GLY A 514 -10.21 16.05 20.37
N ARG A 515 -11.25 16.12 21.19
CA ARG A 515 -12.50 16.75 20.80
C ARG A 515 -12.31 18.24 20.49
N LEU A 516 -11.35 18.86 21.17
CA LEU A 516 -11.03 20.26 20.91
C LEU A 516 -10.13 20.42 19.70
N ALA A 517 -9.12 19.57 19.59
CA ALA A 517 -8.14 19.66 18.51
C ALA A 517 -8.72 19.22 17.18
N SER A 518 -9.87 18.57 17.21
CA SER A 518 -10.53 18.13 15.99
C SER A 518 -11.13 19.29 15.22
N GLN A 519 -11.52 20.34 15.94
CA GLN A 519 -12.18 21.50 15.35
C GLN A 519 -11.22 22.35 14.54
N PHE A 520 -9.94 22.31 14.89
CA PHE A 520 -8.92 23.10 14.20
C PHE A 520 -8.54 22.48 12.87
N PRO A 521 -8.21 23.32 11.88
CA PRO A 521 -7.77 22.88 10.55
C PRO A 521 -6.27 22.58 10.50
N LEU A 522 -5.74 21.99 11.57
CA LEU A 522 -4.31 21.76 11.69
C LEU A 522 -3.97 20.29 11.83
N ASP A 523 -2.71 19.96 11.58
CA ASP A 523 -2.19 18.63 11.85
C ASP A 523 -2.20 18.42 13.36
N PRO A 524 -2.75 17.28 13.81
CA PRO A 524 -2.95 16.92 15.22
C PRO A 524 -1.81 17.34 16.17
N MET A 525 -0.55 17.25 15.72
CA MET A 525 0.57 17.68 16.53
C MET A 525 0.58 19.20 16.70
N LEU A 526 0.44 19.91 15.58
CA LEU A 526 0.30 21.37 15.60
C LEU A 526 -0.86 21.78 16.48
N ALA A 527 -1.96 21.03 16.37
CA ALA A 527 -3.16 21.29 17.14
C ALA A 527 -2.89 21.18 18.64
N VAL A 528 -2.43 20.01 19.07
CA VAL A 528 -2.10 19.76 20.48
C VAL A 528 -1.13 20.81 21.03
N MET A 529 -0.11 21.14 20.23
CA MET A 529 0.84 22.19 20.57
C MET A 529 0.13 23.52 20.85
N LEU A 530 -0.70 23.93 19.90
CA LEU A 530 -1.44 25.19 20.00
C LEU A 530 -2.36 25.21 21.23
N ILE A 531 -3.02 24.09 21.50
CA ILE A 531 -3.91 23.98 22.64
C ILE A 531 -3.13 24.14 23.95
N GLY A 532 -2.04 23.40 24.07
CA GLY A 532 -1.24 23.42 25.28
C GLY A 532 -0.40 24.67 25.44
N SER A 533 -0.40 25.53 24.42
CA SER A 533 0.43 26.73 24.42
C SER A 533 0.21 27.68 25.59
N PHE A 534 -1.04 28.00 25.90
CA PHE A 534 -1.33 29.06 26.86
C PHE A 534 -1.00 28.66 28.31
N GLU A 535 -0.76 27.37 28.54
CA GLU A 535 -0.34 26.91 29.85
C GLU A 535 1.12 27.29 30.10
N PHE A 536 1.84 27.58 29.02
CA PHE A 536 3.22 28.01 29.13
C PHE A 536 3.33 29.52 28.99
N GLN A 537 2.16 30.18 29.00
CA GLN A 537 2.06 31.64 28.93
C GLN A 537 2.76 32.20 27.69
N CYS A 538 2.45 31.64 26.53
CA CYS A 538 3.00 32.10 25.26
C CYS A 538 2.14 31.61 24.10
N SER A 539 0.83 31.69 24.26
CA SER A 539 -0.11 31.16 23.28
C SER A 539 -0.14 31.97 21.99
N GLN A 540 0.11 33.27 22.10
CA GLN A 540 0.08 34.14 20.92
C GLN A 540 1.27 33.83 20.01
N GLU A 541 2.45 33.70 20.62
CA GLU A 541 3.67 33.39 19.87
C GLU A 541 3.56 32.01 19.22
N ILE A 542 3.03 31.05 19.96
CA ILE A 542 2.81 29.70 19.44
C ILE A 542 1.81 29.71 18.30
N LEU A 543 0.77 30.52 18.44
CA LEU A 543 -0.23 30.72 17.40
C LEU A 543 0.44 31.20 16.11
N THR A 544 1.24 32.24 16.25
CA THR A 544 2.00 32.79 15.13
C THR A 544 2.88 31.73 14.48
N ILE A 545 3.61 30.98 15.30
CA ILE A 545 4.50 29.93 14.81
C ILE A 545 3.74 28.87 14.01
N VAL A 546 2.61 28.43 14.55
CA VAL A 546 1.76 27.46 13.87
C VAL A 546 1.30 28.00 12.52
N ALA A 547 0.85 29.24 12.51
CA ALA A 547 0.42 29.90 11.28
C ALA A 547 1.55 29.92 10.25
N MET A 548 2.76 30.21 10.70
CA MET A 548 3.93 30.26 9.82
C MET A 548 4.32 28.87 9.32
N LEU A 549 4.01 27.86 10.11
CA LEU A 549 4.29 26.48 9.72
C LEU A 549 3.23 25.96 8.76
N SER A 550 2.07 26.62 8.75
CA SER A 550 0.96 26.22 7.91
C SER A 550 1.04 26.82 6.50
N VAL A 551 2.07 27.64 6.28
CA VAL A 551 2.25 28.31 5.00
C VAL A 551 3.58 27.89 4.37
N PRO A 552 3.62 27.75 3.03
CA PRO A 552 4.84 27.45 2.28
C PRO A 552 6.03 28.34 2.66
N ASN A 553 7.23 27.93 2.25
CA ASN A 553 8.48 28.60 2.63
C ASN A 553 8.46 30.10 2.42
N VAL A 554 8.77 30.84 3.48
CA VAL A 554 8.75 32.30 3.45
C VAL A 554 9.98 32.88 2.77
N PHE A 555 11.13 32.28 3.05
CA PHE A 555 12.41 32.82 2.60
C PHE A 555 12.63 32.64 1.09
N ILE A 556 13.10 33.71 0.45
CA ILE A 556 13.42 33.68 -0.97
C ILE A 556 14.93 33.57 -1.16
N ARG A 557 15.35 32.62 -2.00
CA ARG A 557 16.76 32.39 -2.22
C ARG A 557 17.06 32.27 -3.72
N PRO A 558 17.53 33.36 -4.34
CA PRO A 558 17.90 33.35 -5.76
C PRO A 558 19.06 32.42 -6.03
N THR A 559 19.04 31.76 -7.19
CA THR A 559 20.09 30.81 -7.56
C THR A 559 21.44 31.50 -7.68
N LYS A 560 21.44 32.70 -8.24
CA LYS A 560 22.68 33.40 -8.56
C LYS A 560 23.04 34.48 -7.55
N ASP A 561 22.24 34.63 -6.50
CA ASP A 561 22.51 35.61 -5.45
C ASP A 561 22.20 35.03 -4.08
N LYS A 562 22.96 34.01 -3.69
CA LYS A 562 22.69 33.29 -2.45
C LYS A 562 23.23 34.02 -1.22
N LYS A 563 24.33 34.75 -1.39
CA LYS A 563 24.99 35.43 -0.29
C LYS A 563 24.10 36.45 0.41
N ARG A 564 23.58 37.40 -0.37
CA ARG A 564 22.75 38.46 0.18
C ARG A 564 21.46 37.93 0.78
N ALA A 565 20.92 36.87 0.20
CA ALA A 565 19.71 36.24 0.71
C ALA A 565 19.99 35.57 2.06
N ASP A 566 21.14 34.91 2.15
CA ASP A 566 21.54 34.24 3.38
C ASP A 566 21.84 35.26 4.49
N ASP A 567 22.35 36.42 4.11
CA ASP A 567 22.59 37.48 5.08
C ASP A 567 21.25 38.06 5.56
N ALA A 568 20.36 38.31 4.61
CA ALA A 568 19.04 38.84 4.90
C ALA A 568 18.27 37.89 5.82
N LYS A 569 18.52 36.59 5.67
CA LYS A 569 17.92 35.60 6.55
C LYS A 569 18.61 35.61 7.92
N ASN A 570 19.93 35.78 7.90
CA ASN A 570 20.71 35.81 9.13
C ASN A 570 20.34 37.00 10.02
N ILE A 571 19.77 38.03 9.42
CA ILE A 571 19.29 39.18 10.18
C ILE A 571 18.16 38.76 11.13
N PHE A 572 17.22 37.97 10.64
CA PHE A 572 16.12 37.49 11.47
C PHE A 572 16.50 36.23 12.25
N ALA A 573 17.65 35.66 11.92
CA ALA A 573 18.06 34.37 12.49
C ALA A 573 18.27 34.42 14.00
N HIS A 574 17.82 33.38 14.68
CA HIS A 574 18.00 33.26 16.12
C HIS A 574 18.67 31.94 16.47
N PRO A 575 19.73 31.99 17.28
CA PRO A 575 20.46 30.79 17.70
C PRO A 575 19.55 29.84 18.47
N ASP A 576 19.74 28.53 18.26
CA ASP A 576 18.90 27.51 18.88
C ASP A 576 17.43 27.71 18.57
N GLY A 577 17.06 27.59 17.31
CA GLY A 577 15.66 27.66 16.91
C GLY A 577 15.40 28.23 15.52
N ASP A 578 14.74 27.43 14.69
CA ASP A 578 14.22 27.91 13.41
C ASP A 578 12.84 28.52 13.63
N HIS A 579 12.08 27.91 14.51
CA HIS A 579 10.73 28.38 14.84
C HIS A 579 10.79 29.78 15.43
N ILE A 580 11.75 30.00 16.31
CA ILE A 580 11.98 31.32 16.91
C ILE A 580 12.27 32.35 15.81
N THR A 581 13.07 31.93 14.84
CA THR A 581 13.41 32.77 13.69
C THR A 581 12.15 33.15 12.90
N LEU A 582 11.29 32.16 12.68
CA LEU A 582 10.03 32.39 11.98
C LEU A 582 9.17 33.41 12.75
N LEU A 583 9.13 33.25 14.06
CA LEU A 583 8.42 34.18 14.93
C LEU A 583 8.96 35.60 14.78
N ASN A 584 10.30 35.70 14.70
CA ASN A 584 10.94 36.99 14.47
C ASN A 584 10.55 37.59 13.12
N VAL A 585 10.49 36.74 12.10
CA VAL A 585 10.12 37.18 10.76
C VAL A 585 8.70 37.76 10.74
N TYR A 586 7.75 37.01 11.28
CA TYR A 586 6.36 37.50 11.30
C TYR A 586 6.23 38.73 12.19
N HIS A 587 6.94 38.76 13.31
CA HIS A 587 6.86 39.88 14.23
C HIS A 587 7.45 41.15 13.60
N ALA A 588 8.39 40.96 12.68
CA ALA A 588 8.99 42.08 11.98
C ALA A 588 8.12 42.52 10.81
N PHE A 589 7.40 41.57 10.21
CA PHE A 589 6.49 41.88 9.11
C PHE A 589 5.27 42.66 9.61
N LYS A 590 4.83 42.35 10.82
CA LYS A 590 3.66 42.99 11.40
C LYS A 590 4.05 44.25 12.17
N SER A 591 5.33 44.61 12.10
CA SER A 591 5.84 45.77 12.81
C SER A 591 5.47 47.08 12.10
N ASP A 592 5.32 48.14 12.88
CA ASP A 592 4.96 49.45 12.35
C ASP A 592 6.05 49.98 11.41
N GLU A 593 7.29 49.61 11.69
CA GLU A 593 8.43 50.04 10.87
C GLU A 593 8.32 49.49 9.45
N ALA A 594 8.02 48.20 9.33
CA ALA A 594 7.88 47.54 8.04
C ALA A 594 6.73 48.16 7.24
N TYR A 595 5.76 48.73 7.95
CA TYR A 595 4.66 49.42 7.30
C TYR A 595 5.07 50.83 6.89
N GLU A 596 6.01 51.42 7.62
CA GLU A 596 6.52 52.74 7.28
C GLU A 596 7.47 52.66 6.10
N TYR A 597 8.05 51.48 5.88
CA TYR A 597 8.98 51.30 4.76
C TYR A 597 8.21 51.08 3.45
N GLY A 598 7.48 49.97 3.37
CA GLY A 598 6.71 49.65 2.19
C GLY A 598 6.20 48.22 2.14
N ILE A 599 5.97 47.62 3.32
CA ILE A 599 5.64 46.20 3.49
C ILE A 599 6.08 45.29 2.34
N HIS A 600 5.41 45.40 1.20
CA HIS A 600 5.76 44.63 0.02
C HIS A 600 7.15 45.01 -0.46
N LYS A 601 7.47 46.29 -0.37
CA LYS A 601 8.81 46.78 -0.66
C LYS A 601 9.79 46.26 0.39
N TRP A 602 9.33 46.23 1.64
CA TRP A 602 10.12 45.73 2.75
C TRP A 602 10.36 44.22 2.63
N CYS A 603 9.38 43.53 2.08
CA CYS A 603 9.51 42.10 1.81
C CYS A 603 10.46 41.88 0.63
N ARG A 604 10.41 42.80 -0.33
CA ARG A 604 11.29 42.74 -1.49
C ARG A 604 12.62 43.40 -1.20
N ASP A 605 12.88 43.69 0.07
CA ASP A 605 14.17 44.24 0.47
C ASP A 605 14.88 43.28 1.44
N HIS A 606 14.12 42.41 2.09
CA HIS A 606 14.67 41.47 3.05
C HIS A 606 14.60 40.03 2.59
N TYR A 607 14.41 39.84 1.28
CA TYR A 607 14.33 38.50 0.67
C TYR A 607 13.25 37.65 1.31
N LEU A 608 12.02 38.16 1.32
CA LEU A 608 10.90 37.45 1.91
C LEU A 608 9.72 37.36 0.94
N ASN A 609 8.93 36.30 1.05
CA ASN A 609 7.76 36.11 0.21
C ASN A 609 6.54 36.80 0.80
N TYR A 610 6.02 37.80 0.11
CA TYR A 610 4.85 38.54 0.57
C TYR A 610 3.60 37.68 0.57
N ARG A 611 3.46 36.84 -0.46
CA ARG A 611 2.31 35.95 -0.58
C ARG A 611 2.22 35.01 0.62
N SER A 612 3.36 34.41 0.96
CA SER A 612 3.44 33.50 2.10
C SER A 612 3.15 34.22 3.42
N LEU A 613 3.66 35.44 3.55
CA LEU A 613 3.50 36.20 4.79
C LEU A 613 2.06 36.64 5.00
N SER A 614 1.41 37.12 3.94
CA SER A 614 0.03 37.54 4.01
C SER A 614 -0.90 36.34 4.22
N ALA A 615 -0.57 35.22 3.56
CA ALA A 615 -1.30 33.99 3.77
C ALA A 615 -1.19 33.54 5.22
N ALA A 616 0.01 33.72 5.79
CA ALA A 616 0.26 33.38 7.18
C ALA A 616 -0.53 34.27 8.12
N ASP A 617 -0.63 35.55 7.78
CA ASP A 617 -1.42 36.50 8.56
C ASP A 617 -2.89 36.07 8.56
N ASN A 618 -3.38 35.70 7.38
CA ASN A 618 -4.75 35.22 7.23
C ASN A 618 -5.03 33.98 8.08
N ILE A 619 -4.21 32.95 7.88
CA ILE A 619 -4.32 31.72 8.65
C ILE A 619 -4.30 31.99 10.15
N ARG A 620 -3.40 32.88 10.57
CA ARG A 620 -3.29 33.26 11.97
C ARG A 620 -4.57 33.89 12.47
N SER A 621 -5.18 34.73 11.63
CA SER A 621 -6.45 35.35 12.00
C SER A 621 -7.54 34.31 12.19
N GLN A 622 -7.60 33.34 11.27
CA GLN A 622 -8.59 32.27 11.35
C GLN A 622 -8.42 31.47 12.64
N LEU A 623 -7.19 31.02 12.89
CA LEU A 623 -6.87 30.24 14.08
C LEU A 623 -7.15 31.02 15.35
N GLU A 624 -6.91 32.33 15.33
CA GLU A 624 -7.18 33.19 16.47
C GLU A 624 -8.67 33.26 16.73
N ARG A 625 -9.46 33.38 15.66
CA ARG A 625 -10.91 33.39 15.77
C ARG A 625 -11.41 32.09 16.38
N LEU A 626 -10.82 30.98 15.94
CA LEU A 626 -11.22 29.67 16.47
C LEU A 626 -10.84 29.51 17.94
N MET A 627 -9.65 30.00 18.31
CA MET A 627 -9.21 29.95 19.70
C MET A 627 -10.13 30.77 20.59
N ASN A 628 -10.55 31.93 20.09
CA ASN A 628 -11.49 32.78 20.82
C ASN A 628 -12.88 32.13 20.89
N ARG A 629 -13.21 31.34 19.88
CA ARG A 629 -14.51 30.68 19.82
C ARG A 629 -14.60 29.53 20.83
N TYR A 630 -13.57 28.68 20.86
CA TYR A 630 -13.56 27.55 21.78
C TYR A 630 -12.89 27.92 23.09
N ASN A 631 -12.79 29.23 23.34
CA ASN A 631 -12.38 29.78 24.63
C ASN A 631 -10.98 29.37 25.08
N LEU A 632 -9.98 29.70 24.26
CA LEU A 632 -8.58 29.51 24.65
C LEU A 632 -7.94 30.87 24.91
N GLU A 633 -7.33 31.02 26.08
CA GLU A 633 -6.74 32.29 26.48
C GLU A 633 -5.52 32.65 25.64
N LEU A 634 -5.50 33.88 25.14
CA LEU A 634 -4.32 34.40 24.45
C LEU A 634 -3.36 35.00 25.46
N ASN A 635 -2.25 34.35 25.66
CA ASN A 635 -1.32 34.74 26.71
C ASN A 635 0.11 34.89 26.19
N THR A 636 0.86 35.79 26.80
CA THR A 636 2.25 36.02 26.40
C THR A 636 3.09 36.53 27.56
N THR A 637 4.41 36.50 27.40
CA THR A 637 5.32 36.99 28.42
C THR A 637 6.31 38.00 27.85
N ASP A 638 6.93 38.79 28.73
CA ASP A 638 7.85 39.82 28.31
C ASP A 638 9.16 39.26 27.76
N TYR A 639 9.73 39.94 26.78
CA TYR A 639 11.03 39.57 26.22
C TYR A 639 12.12 39.72 27.27
N GLU A 640 11.92 40.66 28.20
CA GLU A 640 12.85 40.88 29.30
C GLU A 640 12.99 39.64 30.17
N SER A 641 11.91 38.86 30.27
CA SER A 641 11.92 37.62 31.02
C SER A 641 12.74 36.55 30.29
N PRO A 642 13.70 35.95 31.00
CA PRO A 642 14.59 34.95 30.40
C PRO A 642 13.88 33.63 30.09
N LYS A 643 12.68 33.46 30.65
CA LYS A 643 11.91 32.23 30.43
C LYS A 643 11.02 32.34 29.20
N TYR A 644 11.26 33.36 28.38
CA TYR A 644 10.49 33.58 27.16
C TYR A 644 10.74 32.47 26.14
N PHE A 645 11.98 32.41 25.65
CA PHE A 645 12.40 31.40 24.70
C PHE A 645 12.16 29.99 25.26
N ASP A 646 12.36 29.83 26.56
CA ASP A 646 12.17 28.55 27.22
C ASP A 646 10.70 28.14 27.22
N ASN A 647 9.82 29.09 27.48
CA ASN A 647 8.38 28.84 27.40
C ASN A 647 7.98 28.42 26.00
N ILE A 648 8.45 29.16 25.01
CA ILE A 648 8.15 28.84 23.61
C ILE A 648 8.62 27.43 23.24
N ARG A 649 9.87 27.12 23.59
CA ARG A 649 10.44 25.80 23.34
C ARG A 649 9.63 24.68 24.00
N LYS A 650 9.27 24.90 25.26
CA LYS A 650 8.47 23.93 26.01
C LYS A 650 7.14 23.67 25.32
N ALA A 651 6.46 24.75 24.95
CA ALA A 651 5.18 24.65 24.26
C ALA A 651 5.33 23.92 22.93
N LEU A 652 6.49 24.08 22.29
CA LEU A 652 6.80 23.34 21.07
C LEU A 652 6.93 21.85 21.35
N ALA A 653 7.61 21.52 22.44
CA ALA A 653 7.80 20.14 22.83
C ALA A 653 6.48 19.48 23.22
N SER A 654 5.53 20.29 23.66
CA SER A 654 4.21 19.80 24.06
C SER A 654 3.51 19.05 22.93
N GLY A 655 3.77 19.46 21.69
CA GLY A 655 3.14 18.85 20.54
C GLY A 655 4.10 18.08 19.67
N PHE A 656 5.38 18.41 19.74
CA PHE A 656 6.37 17.74 18.90
C PHE A 656 7.42 16.98 19.71
N PHE A 657 6.97 16.22 20.71
CA PHE A 657 7.88 15.43 21.52
C PHE A 657 8.26 14.12 20.79
N MET A 658 7.38 13.67 19.91
CA MET A 658 7.62 12.44 19.16
C MET A 658 8.66 12.65 18.06
N GLN A 659 8.90 13.91 17.69
CA GLN A 659 9.88 14.22 16.66
C GLN A 659 11.09 14.92 17.27
N VAL A 660 12.00 14.12 17.82
CA VAL A 660 13.20 14.63 18.48
C VAL A 660 14.44 13.90 17.96
N ALA A 661 15.50 14.66 17.70
CA ALA A 661 16.76 14.08 17.24
C ALA A 661 17.90 14.32 18.22
N LYS A 662 18.80 13.35 18.30
CA LYS A 662 19.97 13.40 19.16
C LYS A 662 21.24 13.21 18.34
N LYS A 663 22.20 14.09 18.51
CA LYS A 663 23.48 13.97 17.81
C LYS A 663 24.28 12.79 18.35
N ARG A 664 24.92 12.04 17.46
CA ARG A 664 25.74 10.91 17.89
C ARG A 664 26.87 11.36 18.81
N SER A 665 26.91 10.78 20.00
CA SER A 665 27.94 11.09 20.98
C SER A 665 29.33 10.76 20.46
N GLY A 666 30.09 11.80 20.13
CA GLY A 666 31.46 11.63 19.65
C GLY A 666 31.53 11.18 18.20
N ALA A 667 30.54 11.59 17.40
CA ALA A 667 30.51 11.23 16.00
C ALA A 667 29.84 12.30 15.15
N LYS A 668 29.49 11.94 13.91
CA LYS A 668 28.86 12.87 12.99
C LYS A 668 27.42 12.46 12.70
N GLY A 669 26.55 13.45 12.54
CA GLY A 669 25.16 13.19 12.19
C GLY A 669 24.24 13.01 13.38
N TYR A 670 22.94 13.00 13.10
CA TYR A 670 21.93 12.86 14.15
C TYR A 670 21.17 11.54 14.01
N ILE A 671 20.35 11.23 15.01
CA ILE A 671 19.49 10.05 14.97
C ILE A 671 18.17 10.35 15.67
N THR A 672 17.06 9.89 15.10
CA THR A 672 15.74 10.22 15.61
C THR A 672 15.32 9.30 16.76
N VAL A 673 14.61 9.86 17.73
CA VAL A 673 14.06 9.10 18.84
C VAL A 673 13.03 8.10 18.34
N LYS A 674 12.19 8.56 17.41
CA LYS A 674 11.13 7.73 16.84
C LYS A 674 11.68 6.84 15.72
N ASP A 675 11.50 5.53 15.89
CA ASP A 675 11.86 4.51 14.88
C ASP A 675 13.37 4.41 14.62
N ASN A 676 14.16 5.19 15.33
CA ASN A 676 15.63 5.09 15.31
C ASN A 676 16.24 5.13 13.92
N GLN A 677 16.18 6.29 13.27
CA GLN A 677 16.72 6.44 11.92
C GLN A 677 17.87 7.45 11.87
N ASP A 678 18.92 7.11 11.13
CA ASP A 678 20.07 7.99 10.96
C ASP A 678 19.71 9.18 10.08
N VAL A 679 19.96 10.39 10.58
CA VAL A 679 19.53 11.61 9.90
C VAL A 679 20.56 12.74 9.97
N LEU A 680 20.30 13.81 9.22
CA LEU A 680 21.16 14.98 9.19
C LEU A 680 20.33 16.26 9.24
N ILE A 681 20.97 17.37 9.59
CA ILE A 681 20.28 18.65 9.69
C ILE A 681 20.25 19.38 8.35
N HIS A 682 19.06 19.85 7.96
CA HIS A 682 18.86 20.54 6.69
C HIS A 682 19.71 21.82 6.62
N PRO A 683 20.36 22.05 5.47
CA PRO A 683 21.26 23.18 5.24
C PRO A 683 20.64 24.56 5.47
N SER A 684 19.31 24.64 5.49
CA SER A 684 18.64 25.93 5.64
C SER A 684 18.34 26.25 7.11
N THR A 685 18.87 25.42 8.02
CA THR A 685 18.65 25.61 9.44
C THR A 685 19.61 26.64 10.03
N VAL A 686 19.08 27.53 10.86
CA VAL A 686 19.86 28.61 11.47
C VAL A 686 20.99 28.12 12.38
N LEU A 687 20.68 27.14 13.22
CA LEU A 687 21.64 26.63 14.21
C LEU A 687 23.00 26.29 13.61
N GLY A 688 24.00 27.09 13.96
CA GLY A 688 25.35 26.90 13.46
C GLY A 688 26.21 26.08 14.40
N HIS A 689 25.78 25.97 15.65
CA HIS A 689 26.51 25.20 16.65
C HIS A 689 25.83 23.85 16.89
N ASP A 690 26.61 22.88 17.38
CA ASP A 690 26.10 21.53 17.59
C ASP A 690 25.30 21.40 18.88
N ALA A 691 23.98 21.58 18.78
CA ALA A 691 23.09 21.28 19.89
C ALA A 691 22.70 19.81 19.82
N GLU A 692 23.03 19.06 20.86
CA GLU A 692 22.89 17.61 20.81
C GLU A 692 21.44 17.12 20.92
N TRP A 693 20.55 17.97 21.41
CA TRP A 693 19.13 17.61 21.48
C TRP A 693 18.26 18.62 20.76
N VAL A 694 17.54 18.16 19.73
CA VAL A 694 16.72 19.08 18.95
C VAL A 694 15.31 18.57 18.66
N ILE A 695 14.37 19.50 18.55
CA ILE A 695 13.02 19.19 18.09
C ILE A 695 12.87 19.64 16.65
N TYR A 696 12.34 18.78 15.80
CA TYR A 696 12.19 19.12 14.39
C TYR A 696 10.74 19.12 13.92
N ASN A 697 10.50 19.80 12.81
CA ASN A 697 9.15 19.92 12.27
C ASN A 697 8.93 19.06 11.04
N GLU A 698 9.88 19.03 10.12
CA GLU A 698 9.70 18.27 8.88
C GLU A 698 10.78 17.22 8.68
N PHE A 699 10.39 16.09 8.10
CA PHE A 699 11.31 15.04 7.70
C PHE A 699 11.33 14.98 6.18
N VAL A 700 12.50 15.18 5.58
CA VAL A 700 12.58 15.28 4.13
C VAL A 700 13.65 14.38 3.52
N LEU A 701 13.29 13.64 2.48
CA LEU A 701 14.23 12.76 1.78
C LEU A 701 14.58 13.33 0.41
N THR A 702 15.87 13.55 0.18
CA THR A 702 16.36 14.03 -1.10
C THR A 702 17.72 13.40 -1.42
N SER A 703 18.77 14.21 -1.40
CA SER A 703 20.13 13.69 -1.57
C SER A 703 20.46 12.75 -0.42
N LYS A 704 20.07 13.14 0.78
CA LYS A 704 20.23 12.32 1.97
C LYS A 704 18.99 12.42 2.83
N ASN A 705 18.96 11.69 3.93
CA ASN A 705 17.84 11.77 4.87
C ASN A 705 18.00 13.00 5.77
N TYR A 706 17.29 14.07 5.41
CA TYR A 706 17.45 15.35 6.08
C TYR A 706 16.31 15.71 7.04
N ILE A 707 16.67 16.46 8.07
CA ILE A 707 15.75 16.95 9.08
C ILE A 707 15.60 18.47 8.94
N ARG A 708 14.38 18.92 8.68
CA ARG A 708 14.12 20.33 8.40
C ARG A 708 13.37 21.05 9.52
N THR A 709 13.81 22.29 9.79
CA THR A 709 13.23 23.17 10.81
C THR A 709 13.39 22.60 12.21
N VAL A 710 14.43 23.02 12.90
CA VAL A 710 14.73 22.50 14.23
C VAL A 710 14.87 23.57 15.29
N THR A 711 14.90 23.13 16.55
CA THR A 711 15.09 24.02 17.70
C THR A 711 15.62 23.23 18.89
N SER A 712 16.73 23.70 19.46
CA SER A 712 17.35 23.00 20.58
C SER A 712 16.40 22.88 21.76
N VAL A 713 16.50 21.77 22.49
CA VAL A 713 15.63 21.51 23.62
C VAL A 713 16.38 20.75 24.69
N ARG A 714 15.96 20.89 25.95
CA ARG A 714 16.53 20.12 27.03
C ARG A 714 15.71 18.84 27.24
N PRO A 715 16.40 17.69 27.32
CA PRO A 715 15.75 16.40 27.57
C PRO A 715 14.89 16.42 28.83
N GLU A 716 15.27 17.23 29.80
CA GLU A 716 14.50 17.41 31.02
C GLU A 716 13.08 17.84 30.70
N TRP A 717 12.97 18.85 29.83
CA TRP A 717 11.67 19.36 29.40
C TRP A 717 10.85 18.26 28.73
N LEU A 718 11.53 17.45 27.91
CA LEU A 718 10.87 16.36 27.20
C LEU A 718 10.31 15.33 28.16
N ILE A 719 11.10 14.96 29.16
CA ILE A 719 10.66 14.01 30.18
C ILE A 719 9.49 14.58 30.97
N GLU A 720 9.59 15.86 31.33
CA GLU A 720 8.53 16.55 32.06
C GLU A 720 7.20 16.54 31.30
N ILE A 721 7.26 16.89 30.03
CA ILE A 721 6.06 17.09 29.23
C ILE A 721 5.40 15.77 28.81
N ALA A 722 6.19 14.86 28.26
CA ALA A 722 5.66 13.58 27.80
C ALA A 722 6.34 12.39 28.48
N PRO A 723 5.96 12.12 29.73
CA PRO A 723 6.52 10.98 30.48
C PRO A 723 6.04 9.66 29.90
N ALA A 724 4.87 9.67 29.27
CA ALA A 724 4.28 8.47 28.70
C ALA A 724 5.12 7.91 27.58
N TYR A 725 5.69 8.79 26.77
CA TYR A 725 6.48 8.37 25.62
C TYR A 725 7.97 8.22 25.97
N TYR A 726 8.40 8.90 27.02
CA TYR A 726 9.80 8.91 27.38
C TYR A 726 10.12 8.08 28.61
N ASP A 727 9.33 7.05 28.86
CA ASP A 727 9.69 6.06 29.86
C ASP A 727 10.70 5.12 29.22
N LEU A 728 11.73 4.76 29.97
CA LEU A 728 12.84 3.96 29.43
C LEU A 728 12.38 2.62 28.87
N SER A 729 11.28 2.10 29.41
CA SER A 729 10.77 0.79 29.04
C SER A 729 10.32 0.69 27.58
N ASN A 730 10.03 1.83 26.96
CA ASN A 730 9.49 1.85 25.61
C ASN A 730 10.52 1.59 24.51
N PHE A 731 11.77 1.99 24.76
CA PHE A 731 12.76 2.01 23.69
C PHE A 731 13.67 0.79 23.67
N GLN A 732 14.19 0.50 22.47
CA GLN A 732 15.06 -0.65 22.24
C GLN A 732 16.32 -0.59 23.11
N LYS A 733 17.00 -1.73 23.23
CA LYS A 733 18.14 -1.86 24.14
C LYS A 733 19.27 -0.86 23.83
N GLY A 734 20.24 -0.83 24.73
CA GLY A 734 21.33 0.15 24.74
C GLY A 734 21.81 0.73 23.42
N ASP A 735 21.16 1.81 22.99
CA ASP A 735 21.60 2.55 21.82
C ASP A 735 21.98 3.96 22.25
N VAL A 736 22.56 4.73 21.33
CA VAL A 736 23.10 6.06 21.62
C VAL A 736 22.10 6.96 22.36
N LYS A 737 20.84 6.91 21.96
CA LYS A 737 19.80 7.71 22.61
C LYS A 737 19.59 7.28 24.06
N LEU A 738 19.32 5.99 24.26
CA LEU A 738 18.97 5.46 25.57
C LEU A 738 20.12 5.56 26.56
N SER A 739 21.34 5.44 26.05
CA SER A 739 22.54 5.42 26.90
C SER A 739 22.71 6.71 27.71
N LEU A 740 22.47 7.85 27.08
CA LEU A 740 22.60 9.13 27.78
C LEU A 740 21.26 9.67 28.26
N GLU A 741 20.18 9.15 27.68
CA GLU A 741 18.84 9.42 28.21
C GLU A 741 18.77 8.88 29.65
N ARG A 742 19.34 7.70 29.85
CA ARG A 742 19.41 7.10 31.17
C ARG A 742 20.32 7.88 32.10
N ILE A 743 21.31 8.57 31.52
CA ILE A 743 22.18 9.44 32.31
C ILE A 743 21.39 10.65 32.80
N LYS A 744 20.57 11.20 31.92
CA LYS A 744 19.66 12.28 32.29
C LYS A 744 18.70 11.81 33.38
N GLU A 745 18.27 10.55 33.29
CA GLU A 745 17.41 9.98 34.33
C GLU A 745 18.14 9.86 35.67
N LYS A 746 19.37 9.37 35.64
CA LYS A 746 20.21 9.30 36.85
C LYS A 746 20.32 10.68 37.48
N VAL A 747 20.52 11.69 36.63
CA VAL A 747 20.59 13.07 37.06
C VAL A 747 19.32 13.50 37.78
N ASP A 748 18.18 13.27 37.13
CA ASP A 748 16.87 13.63 37.70
C ASP A 748 16.67 12.97 39.07
N ARG A 749 17.00 11.68 39.14
CA ARG A 749 16.84 10.92 40.37
C ARG A 749 17.79 11.40 41.47
N LEU A 750 18.96 11.90 41.09
CA LEU A 750 19.89 12.46 42.06
C LEU A 750 19.37 13.79 42.59
N ASN A 751 18.79 14.58 41.69
CA ASN A 751 18.13 15.83 42.06
C ASN A 751 17.03 15.58 43.09
N GLU A 752 16.17 14.61 42.81
CA GLU A 752 15.11 14.24 43.73
C GLU A 752 15.67 13.67 45.04
N LEU A 753 16.78 12.96 44.93
CA LEU A 753 17.41 12.33 46.08
C LEU A 753 17.97 13.37 47.06
N LYS A 754 18.48 14.47 46.53
CA LYS A 754 19.09 15.50 47.36
C LYS A 754 18.06 16.36 48.10
N GLN A 755 16.83 16.40 47.59
CA GLN A 755 15.77 17.18 48.23
C GLN A 755 15.08 16.36 49.31
N LYS B 4 11.73 8.45 -10.97
CA LYS B 4 10.50 7.79 -10.54
C LYS B 4 9.29 8.29 -11.33
N ARG B 5 9.41 9.48 -11.90
CA ARG B 5 8.33 10.07 -12.69
C ARG B 5 8.43 9.66 -14.17
N ARG B 6 8.48 8.36 -14.40
CA ARG B 6 8.61 7.79 -15.75
C ARG B 6 7.48 8.26 -16.67
N PHE B 7 7.78 8.33 -17.97
CA PHE B 7 6.79 8.74 -18.96
C PHE B 7 7.17 8.37 -20.38
N SER B 8 6.52 7.33 -20.90
CA SER B 8 6.63 6.93 -22.31
C SER B 8 8.06 6.64 -22.75
N SER B 9 8.66 7.60 -23.45
CA SER B 9 10.01 7.49 -24.01
C SER B 9 10.13 6.38 -25.03
N GLU B 10 10.16 6.75 -26.31
CA GLU B 10 10.35 5.79 -27.40
C GLU B 10 11.71 5.12 -27.30
N HIS B 11 11.74 3.81 -27.51
CA HIS B 11 12.97 3.03 -27.42
C HIS B 11 12.95 1.89 -28.43
N PRO B 12 14.14 1.40 -28.82
CA PRO B 12 14.25 0.26 -29.74
C PRO B 12 13.47 -0.96 -29.26
N ASP B 13 13.05 -1.81 -30.19
CA ASP B 13 12.22 -2.97 -29.88
C ASP B 13 12.98 -3.98 -29.01
N PRO B 14 12.52 -4.16 -27.77
CA PRO B 14 13.20 -5.05 -26.80
C PRO B 14 13.17 -6.51 -27.23
N VAL B 15 12.04 -6.94 -27.79
CA VAL B 15 11.86 -8.33 -28.20
C VAL B 15 12.88 -8.73 -29.27
N GLU B 16 13.07 -7.85 -30.25
CA GLU B 16 13.97 -8.13 -31.36
C GLU B 16 15.44 -8.10 -30.96
N THR B 17 15.78 -7.26 -29.99
CA THR B 17 17.16 -7.06 -29.60
C THR B 17 17.63 -8.00 -28.48
N SER B 18 16.67 -8.66 -27.83
CA SER B 18 16.99 -9.55 -26.72
C SER B 18 17.56 -10.87 -27.20
N ILE B 19 18.79 -11.17 -26.78
CA ILE B 19 19.42 -12.46 -27.06
C ILE B 19 18.70 -13.64 -26.37
N PRO B 20 18.29 -13.47 -25.09
CA PRO B 20 17.49 -14.56 -24.50
C PRO B 20 16.22 -14.89 -25.27
N GLU B 21 15.69 -13.91 -26.00
CA GLU B 21 14.52 -14.15 -26.84
C GLU B 21 14.85 -15.06 -28.02
N GLN B 22 16.01 -14.83 -28.64
CA GLN B 22 16.46 -15.67 -29.73
C GLN B 22 16.72 -17.09 -29.22
N ALA B 23 17.39 -17.16 -28.08
CA ALA B 23 17.63 -18.44 -27.39
C ALA B 23 16.31 -19.16 -27.14
N ALA B 24 15.29 -18.39 -26.77
CA ALA B 24 13.99 -18.95 -26.46
C ALA B 24 13.23 -19.39 -27.70
N GLU B 25 13.47 -18.72 -28.82
CA GLU B 25 12.87 -19.12 -30.08
C GLU B 25 13.48 -20.45 -30.51
N ILE B 26 14.79 -20.56 -30.35
CA ILE B 26 15.49 -21.82 -30.60
C ILE B 26 14.91 -22.94 -29.72
N ALA B 27 14.77 -22.64 -28.43
CA ALA B 27 14.25 -23.62 -27.47
C ALA B 27 12.83 -24.08 -27.82
N GLU B 28 11.97 -23.13 -28.14
CA GLU B 28 10.58 -23.44 -28.47
C GLU B 28 10.48 -24.22 -29.77
N GLU B 29 11.37 -23.92 -30.72
CA GLU B 29 11.41 -24.66 -31.97
C GLU B 29 11.82 -26.11 -31.72
N LEU B 30 12.86 -26.29 -30.91
CA LEU B 30 13.33 -27.63 -30.56
C LEU B 30 12.26 -28.41 -29.79
N SER B 31 11.47 -27.69 -29.00
CA SER B 31 10.35 -28.32 -28.27
C SER B 31 9.24 -28.70 -29.24
N LYS B 32 9.09 -27.90 -30.30
CA LYS B 32 8.09 -28.18 -31.32
C LYS B 32 8.50 -29.42 -32.13
N GLN B 33 9.81 -29.62 -32.25
CA GLN B 33 10.32 -30.76 -32.99
C GLN B 33 10.00 -32.09 -32.29
N HIS B 34 10.15 -32.11 -30.98
CA HIS B 34 9.84 -33.31 -30.21
C HIS B 34 8.87 -32.95 -29.10
N PRO B 35 7.56 -33.00 -29.42
CA PRO B 35 6.47 -32.69 -28.47
C PRO B 35 6.58 -33.50 -27.20
N LEU B 36 6.44 -32.83 -26.05
CA LEU B 36 6.54 -33.49 -24.76
C LEU B 36 5.46 -34.53 -24.59
N PRO B 37 5.83 -35.73 -24.09
CA PRO B 37 4.90 -36.84 -23.85
C PRO B 37 3.70 -36.43 -23.01
N SER B 38 2.50 -36.72 -23.50
CA SER B 38 1.28 -36.37 -22.80
C SER B 38 1.14 -37.13 -21.49
N GLU B 39 0.19 -36.69 -20.67
CA GLU B 39 -0.03 -37.30 -19.37
C GLU B 39 -0.62 -38.71 -19.49
N GLU B 40 -0.36 -39.55 -18.49
CA GLU B 40 -0.91 -40.90 -18.45
C GLU B 40 -2.33 -40.89 -17.88
N PRO B 41 -3.16 -41.86 -18.30
CA PRO B 41 -4.53 -41.97 -17.80
C PRO B 41 -4.61 -42.55 -16.40
N LEU B 42 -5.66 -42.19 -15.65
CA LEU B 42 -5.80 -42.62 -14.27
C LEU B 42 -6.35 -44.05 -14.17
N VAL B 43 -5.71 -44.86 -13.32
CA VAL B 43 -6.16 -46.22 -13.08
C VAL B 43 -7.12 -46.25 -11.90
N HIS B 44 -8.24 -46.95 -12.05
CA HIS B 44 -9.26 -46.98 -11.01
C HIS B 44 -10.07 -48.27 -11.02
N HIS B 45 -10.73 -48.55 -9.90
CA HIS B 45 -11.65 -49.68 -9.79
C HIS B 45 -12.94 -49.35 -10.54
N ASP B 46 -13.41 -50.30 -11.34
CA ASP B 46 -14.57 -50.06 -12.20
C ASP B 46 -15.86 -49.83 -11.40
N ALA B 47 -15.85 -50.25 -10.14
CA ALA B 47 -16.96 -50.07 -9.21
C ALA B 47 -18.24 -50.80 -9.66
N GLY B 48 -19.23 -50.82 -8.79
CA GLY B 48 -20.48 -51.51 -9.04
C GLY B 48 -21.34 -51.52 -7.79
N GLU B 49 -20.66 -51.50 -6.64
CA GLU B 49 -21.33 -51.39 -5.36
C GLU B 49 -21.72 -49.94 -5.10
N PHE B 50 -21.30 -49.06 -6.00
CA PHE B 50 -21.59 -47.63 -5.89
C PHE B 50 -22.88 -47.28 -6.64
N LYS B 51 -23.23 -48.10 -7.61
CA LYS B 51 -24.41 -47.85 -8.44
C LYS B 51 -25.71 -47.95 -7.65
N GLY B 52 -26.77 -47.36 -8.20
CA GLY B 52 -28.07 -47.39 -7.56
C GLY B 52 -28.53 -46.01 -7.12
N LEU B 53 -27.73 -45.00 -7.41
CA LEU B 53 -28.05 -43.63 -7.01
C LEU B 53 -27.89 -42.63 -8.14
N GLN B 54 -28.83 -41.70 -8.25
CA GLN B 54 -28.71 -40.59 -9.18
C GLN B 54 -27.55 -39.71 -8.75
N ARG B 55 -26.87 -39.11 -9.71
CA ARG B 55 -25.65 -38.35 -9.45
C ARG B 55 -25.88 -37.14 -8.55
N HIS B 56 -24.94 -36.92 -7.62
CA HIS B 56 -24.99 -35.82 -6.67
C HIS B 56 -26.23 -35.87 -5.77
N HIS B 57 -26.48 -37.04 -5.19
CA HIS B 57 -27.59 -37.21 -4.26
C HIS B 57 -27.26 -38.24 -3.20
N THR B 58 -26.01 -38.25 -2.75
CA THR B 58 -25.55 -39.19 -1.73
C THR B 58 -25.93 -38.71 -0.34
N SER B 59 -26.61 -39.56 0.42
CA SER B 59 -26.99 -39.24 1.80
C SER B 59 -25.91 -39.73 2.76
N ALA B 60 -26.02 -39.32 4.02
CA ALA B 60 -25.04 -39.70 5.03
C ALA B 60 -25.18 -41.17 5.42
N GLU B 61 -26.42 -41.66 5.43
CA GLU B 61 -26.70 -43.03 5.85
C GLU B 61 -26.06 -44.04 4.90
N GLU B 62 -26.15 -43.78 3.60
CA GLU B 62 -25.56 -44.65 2.60
C GLU B 62 -24.05 -44.68 2.71
N ALA B 63 -23.45 -43.50 2.91
CA ALA B 63 -22.01 -43.38 3.09
C ALA B 63 -21.54 -44.16 4.30
N GLN B 64 -22.28 -44.05 5.40
CA GLN B 64 -21.95 -44.78 6.62
C GLN B 64 -22.12 -46.28 6.43
N LYS B 65 -23.11 -46.67 5.63
CA LYS B 65 -23.33 -48.07 5.31
C LYS B 65 -22.16 -48.63 4.51
N LEU B 66 -21.59 -47.79 3.64
CA LEU B 66 -20.40 -48.17 2.90
C LEU B 66 -19.17 -48.23 3.80
N GLU B 67 -19.14 -47.35 4.80
CA GLU B 67 -18.01 -47.27 5.73
C GLU B 67 -17.93 -48.49 6.64
N ASP B 68 -19.05 -48.86 7.24
CA ASP B 68 -19.08 -49.97 8.18
C ASP B 68 -18.87 -51.33 7.51
N GLY B 69 -18.80 -51.34 6.19
CA GLY B 69 -18.59 -52.57 5.45
C GLY B 69 -17.22 -53.18 5.69
N LYS B 70 -17.06 -54.44 5.33
CA LYS B 70 -15.80 -55.15 5.51
C LYS B 70 -14.86 -54.93 4.34
N ILE B 71 -15.41 -54.45 3.22
CA ILE B 71 -14.61 -54.19 2.04
C ILE B 71 -14.57 -52.69 1.71
N ASN B 72 -13.45 -52.26 1.13
CA ASN B 72 -13.28 -50.87 0.74
C ASN B 72 -14.10 -50.55 -0.50
N PRO B 73 -14.78 -49.40 -0.49
CA PRO B 73 -15.64 -49.00 -1.62
C PRO B 73 -14.86 -48.60 -2.87
N PHE B 74 -13.64 -48.12 -2.68
CA PHE B 74 -12.84 -47.60 -3.80
C PHE B 74 -11.76 -48.57 -4.25
N THR B 75 -11.30 -49.42 -3.32
CA THR B 75 -10.31 -50.43 -3.65
C THR B 75 -10.87 -51.83 -3.42
N GLY B 76 -10.04 -52.84 -3.68
CA GLY B 76 -10.47 -54.22 -3.50
C GLY B 76 -9.98 -54.81 -2.19
N ARG B 77 -9.33 -53.98 -1.37
CA ARG B 77 -8.74 -54.45 -0.12
C ARG B 77 -9.79 -54.69 0.96
N GLU B 78 -9.45 -55.59 1.89
CA GLU B 78 -10.26 -55.81 3.08
C GLU B 78 -9.77 -54.89 4.18
N PHE B 79 -10.69 -54.44 5.04
CA PHE B 79 -10.37 -53.48 6.08
C PHE B 79 -9.59 -54.10 7.25
N THR B 80 -8.60 -53.37 7.73
CA THR B 80 -7.79 -53.79 8.86
C THR B 80 -8.41 -53.33 10.17
N PRO B 81 -8.05 -53.98 11.29
CA PRO B 81 -8.52 -53.53 12.61
C PRO B 81 -8.13 -52.08 12.90
N LYS B 82 -6.98 -51.66 12.36
CA LYS B 82 -6.54 -50.27 12.47
C LYS B 82 -7.60 -49.33 11.92
N TYR B 83 -8.14 -49.69 10.75
CA TYR B 83 -9.21 -48.92 10.13
C TYR B 83 -10.45 -48.87 11.01
N VAL B 84 -10.72 -49.96 11.72
CA VAL B 84 -11.87 -50.03 12.61
C VAL B 84 -11.71 -49.06 13.77
N ASP B 85 -10.55 -49.10 14.42
CA ASP B 85 -10.24 -48.20 15.53
C ASP B 85 -10.30 -46.75 15.09
N ILE B 86 -9.61 -46.44 14.00
CA ILE B 86 -9.57 -45.08 13.47
C ILE B 86 -10.96 -44.58 13.10
N LEU B 87 -11.78 -45.47 12.54
CA LEU B 87 -13.14 -45.13 12.18
C LEU B 87 -13.96 -44.79 13.42
N LYS B 88 -13.83 -45.63 14.45
CA LYS B 88 -14.51 -45.40 15.73
C LYS B 88 -14.09 -44.06 16.32
N ILE B 89 -12.82 -43.71 16.15
CA ILE B 89 -12.31 -42.44 16.67
C ILE B 89 -12.85 -41.23 15.91
N ARG B 90 -12.79 -41.29 14.58
CA ARG B 90 -13.13 -40.15 13.75
C ARG B 90 -14.63 -39.96 13.56
N ARG B 91 -15.42 -40.99 13.85
CA ARG B 91 -16.86 -40.90 13.70
C ARG B 91 -17.46 -39.99 14.78
N GLU B 92 -16.69 -39.76 15.85
CA GLU B 92 -17.16 -38.94 16.96
C GLU B 92 -16.71 -37.49 16.82
N LEU B 93 -16.05 -37.17 15.71
CA LEU B 93 -15.59 -35.82 15.45
C LEU B 93 -16.78 -34.88 15.18
N PRO B 94 -16.68 -33.63 15.64
CA PRO B 94 -17.75 -32.62 15.51
C PRO B 94 -18.17 -32.37 14.07
N VAL B 95 -17.27 -32.56 13.12
CA VAL B 95 -17.57 -32.30 11.72
C VAL B 95 -18.45 -33.40 11.14
N HIS B 96 -18.40 -34.59 11.75
CA HIS B 96 -19.15 -35.74 11.26
C HIS B 96 -20.65 -35.57 11.52
N ALA B 97 -20.98 -34.98 12.68
CA ALA B 97 -22.37 -34.79 13.07
C ALA B 97 -23.12 -33.87 12.12
N GLN B 98 -22.39 -33.12 11.30
CA GLN B 98 -22.99 -32.18 10.37
C GLN B 98 -22.93 -32.68 8.94
N ARG B 99 -22.34 -33.87 8.77
CA ARG B 99 -22.11 -34.50 7.46
C ARG B 99 -23.26 -34.30 6.47
N ASP B 100 -24.44 -34.80 6.85
CA ASP B 100 -25.64 -34.71 6.04
C ASP B 100 -25.83 -33.30 5.48
N GLU B 101 -25.88 -32.31 6.38
CA GLU B 101 -26.07 -30.92 6.00
C GLU B 101 -25.03 -30.49 4.96
N PHE B 102 -23.77 -30.82 5.25
CA PHE B 102 -22.67 -30.52 4.34
C PHE B 102 -23.00 -31.02 2.95
N LEU B 103 -23.35 -32.30 2.86
CA LEU B 103 -23.74 -32.90 1.59
C LEU B 103 -24.83 -32.07 0.93
N LYS B 104 -25.89 -31.80 1.69
CA LYS B 104 -27.06 -31.11 1.17
C LYS B 104 -26.73 -29.70 0.66
N LEU B 105 -25.62 -29.14 1.10
CA LEU B 105 -25.18 -27.87 0.55
C LEU B 105 -24.32 -28.10 -0.69
N TYR B 106 -23.36 -29.01 -0.56
CA TYR B 106 -22.38 -29.28 -1.61
C TYR B 106 -23.04 -29.75 -2.90
N GLN B 107 -24.20 -30.37 -2.78
CA GLN B 107 -24.93 -30.86 -3.94
C GLN B 107 -25.67 -29.76 -4.68
N ASN B 108 -26.07 -28.73 -3.95
CA ASN B 108 -26.93 -27.69 -4.52
C ASN B 108 -26.20 -26.38 -4.80
N ASN B 109 -24.92 -26.32 -4.47
CA ASN B 109 -24.13 -25.12 -4.70
C ASN B 109 -22.82 -25.42 -5.44
N GLN B 110 -22.41 -24.50 -6.29
CA GLN B 110 -21.20 -24.68 -7.09
C GLN B 110 -19.96 -24.27 -6.31
N ILE B 111 -20.07 -23.18 -5.56
CA ILE B 111 -18.98 -22.72 -4.70
C ILE B 111 -19.49 -22.49 -3.29
N MET B 112 -18.76 -23.01 -2.30
CA MET B 112 -19.20 -22.90 -0.91
C MET B 112 -18.05 -22.56 0.03
N VAL B 113 -18.39 -21.94 1.17
CA VAL B 113 -17.40 -21.62 2.20
C VAL B 113 -17.67 -22.47 3.44
N PHE B 114 -16.60 -22.90 4.11
CA PHE B 114 -16.73 -23.75 5.28
C PHE B 114 -15.89 -23.24 6.44
N VAL B 115 -16.52 -23.04 7.59
CA VAL B 115 -15.82 -22.58 8.78
C VAL B 115 -16.13 -23.46 9.99
N GLY B 116 -15.08 -24.00 10.61
CA GLY B 116 -15.23 -24.82 11.79
C GLY B 116 -14.10 -24.60 12.78
N GLU B 117 -14.28 -25.11 14.00
CA GLU B 117 -13.27 -24.97 15.04
C GLU B 117 -11.98 -25.70 14.67
N THR B 118 -10.89 -25.29 15.31
CA THR B 118 -9.58 -25.89 15.04
C THR B 118 -9.51 -27.33 15.54
N GLY B 119 -9.16 -28.24 14.64
CA GLY B 119 -9.03 -29.64 14.98
C GLY B 119 -10.37 -30.36 15.07
N SER B 120 -11.30 -29.96 14.22
CA SER B 120 -12.61 -30.60 14.18
C SER B 120 -12.63 -31.69 13.12
N GLY B 121 -11.65 -31.66 12.22
CA GLY B 121 -11.53 -32.66 11.18
C GLY B 121 -11.93 -32.16 9.81
N LYS B 122 -11.66 -30.88 9.55
CA LYS B 122 -12.00 -30.30 8.26
C LYS B 122 -11.15 -30.92 7.14
N THR B 123 -9.85 -30.67 7.20
CA THR B 123 -8.92 -31.10 6.16
C THR B 123 -8.93 -32.62 5.92
N THR B 124 -9.29 -33.39 6.94
CA THR B 124 -9.24 -34.85 6.85
C THR B 124 -10.57 -35.48 6.40
N GLN B 125 -11.68 -34.97 6.92
CA GLN B 125 -12.98 -35.60 6.69
C GLN B 125 -13.75 -35.00 5.50
N ILE B 126 -13.61 -33.68 5.30
CA ILE B 126 -14.34 -33.01 4.22
C ILE B 126 -14.03 -33.59 2.82
N PRO B 127 -12.74 -33.79 2.48
CA PRO B 127 -12.49 -34.35 1.14
C PRO B 127 -13.04 -35.77 0.98
N GLN B 128 -13.14 -36.52 2.07
CA GLN B 128 -13.69 -37.87 2.01
C GLN B 128 -15.21 -37.80 1.81
N PHE B 129 -15.85 -36.85 2.45
CA PHE B 129 -17.27 -36.59 2.23
C PHE B 129 -17.49 -36.29 0.75
N VAL B 130 -16.63 -35.43 0.21
CA VAL B 130 -16.65 -35.08 -1.20
C VAL B 130 -16.50 -36.32 -2.07
N LEU B 131 -15.61 -37.22 -1.66
CA LEU B 131 -15.42 -38.48 -2.38
C LEU B 131 -16.68 -39.33 -2.39
N PHE B 132 -17.41 -39.30 -1.27
CA PHE B 132 -18.64 -40.09 -1.18
C PHE B 132 -19.76 -39.52 -2.03
N ASP B 133 -19.85 -38.20 -2.14
CA ASP B 133 -20.88 -37.59 -2.97
C ASP B 133 -20.51 -37.63 -4.46
N GLU B 134 -19.25 -37.34 -4.76
CA GLU B 134 -18.79 -37.29 -6.14
C GLU B 134 -18.58 -38.69 -6.73
N MET B 135 -18.19 -38.72 -8.00
CA MET B 135 -17.87 -39.98 -8.67
C MET B 135 -16.53 -39.88 -9.39
N PRO B 136 -15.44 -39.63 -8.64
CA PRO B 136 -14.14 -39.33 -9.23
C PRO B 136 -13.57 -40.49 -10.05
N HIS B 137 -13.77 -41.72 -9.59
CA HIS B 137 -13.26 -42.89 -10.27
C HIS B 137 -14.07 -43.23 -11.52
N LEU B 138 -15.35 -42.88 -11.51
CA LEU B 138 -16.23 -43.17 -12.63
C LEU B 138 -16.08 -42.15 -13.77
N GLU B 139 -15.85 -40.89 -13.41
CA GLU B 139 -15.70 -39.84 -14.41
C GLU B 139 -14.24 -39.54 -14.71
N ASN B 140 -13.36 -40.40 -14.20
CA ASN B 140 -11.92 -40.31 -14.46
C ASN B 140 -11.33 -38.95 -14.09
N THR B 141 -11.53 -38.53 -12.85
CA THR B 141 -10.98 -37.26 -12.37
C THR B 141 -10.36 -37.40 -10.98
N GLN B 142 -9.58 -36.41 -10.59
CA GLN B 142 -8.99 -36.36 -9.25
C GLN B 142 -9.66 -35.29 -8.40
N VAL B 143 -9.38 -35.32 -7.11
CA VAL B 143 -9.84 -34.28 -6.20
C VAL B 143 -8.65 -33.69 -5.45
N ALA B 144 -8.58 -32.37 -5.39
CA ALA B 144 -7.41 -31.69 -4.83
C ALA B 144 -7.75 -30.95 -3.54
N CYS B 145 -6.95 -31.21 -2.50
CA CYS B 145 -7.02 -30.44 -1.28
C CYS B 145 -5.73 -29.64 -1.12
N THR B 146 -5.86 -28.34 -0.92
CA THR B 146 -4.71 -27.45 -0.93
C THR B 146 -4.28 -27.01 0.46
N GLN B 147 -3.00 -27.21 0.76
CA GLN B 147 -2.42 -26.74 2.01
C GLN B 147 -1.34 -25.71 1.75
N PRO B 148 -1.28 -24.66 2.59
CA PRO B 148 -0.28 -23.61 2.45
C PRO B 148 1.13 -24.06 2.86
N ARG B 149 1.26 -25.32 3.26
CA ARG B 149 2.55 -25.84 3.71
C ARG B 149 2.88 -27.19 3.06
N ARG B 150 4.16 -27.49 2.92
CA ARG B 150 4.60 -28.81 2.46
C ARG B 150 4.27 -29.87 3.50
N VAL B 151 4.84 -29.67 4.69
CA VAL B 151 4.70 -30.59 5.82
C VAL B 151 3.24 -30.89 6.12
N ALA B 152 2.40 -29.87 5.98
CA ALA B 152 0.96 -30.02 6.17
C ALA B 152 0.41 -31.07 5.22
N ALA B 153 0.64 -30.85 3.92
CA ALA B 153 0.17 -31.76 2.89
C ALA B 153 0.69 -33.18 3.10
N MET B 154 1.97 -33.30 3.39
CA MET B 154 2.59 -34.61 3.61
C MET B 154 1.96 -35.36 4.79
N SER B 155 1.92 -34.69 5.94
CA SER B 155 1.39 -35.30 7.16
C SER B 155 -0.08 -35.67 7.03
N VAL B 156 -0.89 -34.77 6.49
CA VAL B 156 -2.31 -35.03 6.34
C VAL B 156 -2.54 -36.13 5.30
N ALA B 157 -1.64 -36.22 4.33
CA ALA B 157 -1.71 -37.31 3.35
C ALA B 157 -1.46 -38.63 4.04
N GLN B 158 -0.48 -38.65 4.95
CA GLN B 158 -0.20 -39.84 5.75
C GLN B 158 -1.42 -40.26 6.57
N ARG B 159 -1.94 -39.32 7.36
CA ARG B 159 -3.08 -39.57 8.23
C ARG B 159 -4.30 -40.08 7.46
N VAL B 160 -4.63 -39.41 6.37
CA VAL B 160 -5.79 -39.81 5.57
C VAL B 160 -5.56 -41.15 4.88
N ALA B 161 -4.31 -41.40 4.47
CA ALA B 161 -3.94 -42.69 3.89
C ALA B 161 -4.20 -43.80 4.91
N GLU B 162 -3.88 -43.55 6.17
CA GLU B 162 -4.16 -44.52 7.23
C GLU B 162 -5.65 -44.61 7.52
N GLU B 163 -6.38 -43.52 7.30
CA GLU B 163 -7.81 -43.49 7.58
C GLU B 163 -8.62 -44.29 6.56
N MET B 164 -8.20 -44.22 5.29
CA MET B 164 -8.93 -44.89 4.21
C MET B 164 -8.35 -46.28 3.94
N ASP B 165 -7.43 -46.70 4.79
CA ASP B 165 -6.79 -48.01 4.70
C ASP B 165 -6.15 -48.24 3.33
N VAL B 166 -5.42 -47.23 2.84
CA VAL B 166 -4.68 -47.36 1.60
C VAL B 166 -3.21 -47.03 1.85
N LYS B 167 -2.32 -47.66 1.09
CA LYS B 167 -0.90 -47.39 1.22
C LYS B 167 -0.58 -46.00 0.67
N LEU B 168 0.21 -45.24 1.43
CA LEU B 168 0.52 -43.87 1.05
C LEU B 168 1.30 -43.80 -0.26
N GLY B 169 0.71 -43.11 -1.24
CA GLY B 169 1.32 -43.01 -2.55
C GLY B 169 0.51 -43.75 -3.59
N GLU B 170 -0.48 -44.50 -3.13
CA GLU B 170 -1.36 -45.25 -4.02
C GLU B 170 -2.59 -44.45 -4.40
N GLU B 171 -3.70 -44.70 -3.70
CA GLU B 171 -4.97 -44.03 -3.99
C GLU B 171 -5.03 -42.65 -3.37
N VAL B 172 -4.38 -42.48 -2.23
CA VAL B 172 -4.31 -41.19 -1.56
C VAL B 172 -2.86 -40.74 -1.47
N GLY B 173 -2.58 -39.53 -1.95
CA GLY B 173 -1.20 -39.07 -1.98
C GLY B 173 -0.99 -37.56 -1.93
N TYR B 174 0.26 -37.16 -1.73
CA TYR B 174 0.62 -35.75 -1.70
C TYR B 174 1.61 -35.41 -2.81
N SER B 175 1.58 -34.16 -3.26
CA SER B 175 2.51 -33.70 -4.29
C SER B 175 3.22 -32.43 -3.89
N ILE B 176 4.53 -32.53 -3.66
CA ILE B 176 5.37 -31.40 -3.27
C ILE B 176 6.47 -31.24 -4.31
N ARG B 177 7.00 -30.02 -4.45
CA ARG B 177 7.96 -29.71 -5.52
C ARG B 177 9.23 -30.56 -5.49
N PHE B 178 9.62 -31.02 -4.31
CA PHE B 178 10.83 -31.82 -4.17
C PHE B 178 10.50 -33.32 -4.18
N GLU B 179 9.22 -33.64 -4.01
CA GLU B 179 8.78 -35.03 -3.96
C GLU B 179 7.27 -35.15 -4.05
N ASN B 180 6.80 -35.91 -5.05
CA ASN B 180 5.37 -36.22 -5.15
C ASN B 180 5.14 -37.72 -5.04
N LYS B 181 4.12 -38.10 -4.27
CA LYS B 181 3.76 -39.51 -4.11
C LYS B 181 2.54 -39.86 -4.95
N THR B 182 2.08 -38.90 -5.75
CA THR B 182 0.91 -39.09 -6.58
C THR B 182 1.19 -39.98 -7.79
N SER B 183 0.55 -41.14 -7.83
CA SER B 183 0.67 -42.04 -8.97
C SER B 183 -0.58 -41.95 -9.85
N ASN B 184 -0.80 -42.96 -10.68
CA ASN B 184 -1.94 -42.96 -11.57
C ASN B 184 -3.22 -43.50 -10.93
N LYS B 185 -3.08 -44.02 -9.72
CA LYS B 185 -4.24 -44.53 -8.97
C LYS B 185 -4.71 -43.51 -7.94
N THR B 186 -3.98 -42.40 -7.84
CA THR B 186 -4.27 -41.38 -6.84
C THR B 186 -5.59 -40.68 -7.11
N ILE B 187 -6.52 -40.78 -6.16
CA ILE B 187 -7.79 -40.10 -6.26
C ILE B 187 -7.79 -38.86 -5.37
N LEU B 188 -7.47 -39.05 -4.09
CA LEU B 188 -7.35 -37.92 -3.17
C LEU B 188 -5.93 -37.36 -3.18
N LYS B 189 -5.82 -36.12 -3.63
CA LYS B 189 -4.52 -35.50 -3.83
C LYS B 189 -4.34 -34.25 -2.98
N TYR B 190 -3.48 -34.34 -1.98
CA TYR B 190 -3.10 -33.18 -1.18
C TYR B 190 -1.92 -32.49 -1.82
N MET B 191 -1.95 -31.17 -1.87
CA MET B 191 -0.91 -30.42 -2.57
C MET B 191 -0.80 -28.98 -2.10
N THR B 192 0.38 -28.40 -2.28
CA THR B 192 0.58 -26.99 -1.99
C THR B 192 -0.09 -26.15 -3.07
N ASP B 193 -0.42 -24.91 -2.74
CA ASP B 193 -1.07 -24.01 -3.68
C ASP B 193 -0.18 -23.72 -4.88
N GLY B 194 1.13 -23.81 -4.69
CA GLY B 194 2.08 -23.59 -5.75
C GLY B 194 2.05 -24.69 -6.79
N MET B 195 1.86 -25.93 -6.33
CA MET B 195 1.77 -27.08 -7.23
C MET B 195 0.51 -27.00 -8.08
N LEU B 196 -0.61 -26.71 -7.43
CA LEU B 196 -1.88 -26.54 -8.13
C LEU B 196 -1.80 -25.36 -9.09
N LEU B 197 -1.00 -24.37 -8.71
CA LEU B 197 -0.77 -23.20 -9.57
C LEU B 197 0.02 -23.60 -10.81
N ARG B 198 1.00 -24.49 -10.64
CA ARG B 198 1.78 -25.01 -11.77
C ARG B 198 0.89 -25.81 -12.72
N GLU B 199 0.10 -26.71 -12.15
CA GLU B 199 -0.82 -27.52 -12.95
C GLU B 199 -1.85 -26.62 -13.64
N ALA B 200 -2.14 -25.48 -13.03
CA ALA B 200 -3.04 -24.51 -13.63
C ALA B 200 -2.34 -23.73 -14.75
N MET B 201 -1.02 -23.62 -14.64
CA MET B 201 -0.24 -22.91 -15.65
C MET B 201 -0.02 -23.77 -16.88
N GLU B 202 0.07 -25.07 -16.69
CA GLU B 202 0.20 -25.99 -17.82
C GLU B 202 -1.18 -26.30 -18.41
N ASP B 203 -2.19 -26.35 -17.55
CA ASP B 203 -3.57 -26.53 -18.00
C ASP B 203 -4.46 -25.45 -17.38
N HIS B 204 -4.93 -24.54 -18.21
CA HIS B 204 -5.66 -23.35 -17.76
C HIS B 204 -6.96 -23.68 -17.04
N ASP B 205 -7.70 -24.67 -17.55
CA ASP B 205 -9.02 -24.97 -17.02
C ASP B 205 -9.02 -26.01 -15.91
N LEU B 206 -7.86 -26.64 -15.69
CA LEU B 206 -7.72 -27.70 -14.69
C LEU B 206 -8.75 -28.81 -14.92
N SER B 207 -8.74 -29.37 -16.12
CA SER B 207 -9.71 -30.38 -16.51
C SER B 207 -9.58 -31.68 -15.73
N ARG B 208 -8.42 -31.89 -15.11
CA ARG B 208 -8.16 -33.09 -14.34
C ARG B 208 -9.02 -33.14 -13.08
N TYR B 209 -9.36 -31.97 -12.55
CA TYR B 209 -10.11 -31.90 -11.29
C TYR B 209 -11.58 -31.55 -11.51
N SER B 210 -12.45 -32.20 -10.73
CA SER B 210 -13.88 -31.92 -10.75
C SER B 210 -14.28 -31.16 -9.48
N CYS B 211 -13.46 -31.31 -8.44
CA CYS B 211 -13.68 -30.59 -7.19
C CYS B 211 -12.35 -30.15 -6.59
N ILE B 212 -12.25 -28.86 -6.26
CA ILE B 212 -11.03 -28.29 -5.70
C ILE B 212 -11.29 -27.70 -4.32
N ILE B 213 -10.45 -28.05 -3.35
CA ILE B 213 -10.61 -27.56 -1.99
C ILE B 213 -9.39 -26.76 -1.53
N LEU B 214 -9.62 -25.54 -1.09
CA LEU B 214 -8.56 -24.67 -0.61
C LEU B 214 -8.67 -24.45 0.89
N ASP B 215 -7.83 -25.16 1.66
CA ASP B 215 -7.86 -25.06 3.11
C ASP B 215 -6.93 -23.95 3.60
N GLU B 216 -7.28 -23.36 4.74
CA GLU B 216 -6.53 -22.23 5.31
C GLU B 216 -6.42 -21.08 4.32
N ALA B 217 -7.57 -20.57 3.87
CA ALA B 217 -7.59 -19.47 2.93
C ALA B 217 -7.44 -18.13 3.63
N HIS B 218 -7.30 -18.17 4.95
CA HIS B 218 -7.18 -16.95 5.74
C HIS B 218 -5.79 -16.33 5.64
N GLU B 219 -4.84 -17.11 5.14
CA GLU B 219 -3.47 -16.62 4.98
C GLU B 219 -3.34 -15.72 3.76
N ARG B 220 -4.19 -15.94 2.78
CA ARG B 220 -4.22 -15.14 1.55
C ARG B 220 -2.85 -15.10 0.87
N THR B 221 -2.24 -16.27 0.68
CA THR B 221 -0.97 -16.35 -0.01
C THR B 221 -1.14 -15.98 -1.48
N LEU B 222 -0.02 -15.72 -2.15
CA LEU B 222 -0.03 -15.31 -3.56
C LEU B 222 -0.78 -16.32 -4.43
N ALA B 223 -0.30 -17.57 -4.37
CA ALA B 223 -0.87 -18.65 -5.17
C ALA B 223 -2.35 -18.85 -4.88
N THR B 224 -2.74 -18.70 -3.62
CA THR B 224 -4.14 -18.87 -3.22
C THR B 224 -5.03 -17.84 -3.92
N ASP B 225 -4.65 -16.57 -3.81
CA ASP B 225 -5.41 -15.49 -4.43
C ASP B 225 -5.47 -15.63 -5.94
N ILE B 226 -4.32 -15.94 -6.55
CA ILE B 226 -4.27 -16.16 -8.00
C ILE B 226 -5.23 -17.29 -8.39
N LEU B 227 -5.20 -18.37 -7.62
CA LEU B 227 -6.07 -19.52 -7.88
C LEU B 227 -7.54 -19.17 -7.76
N MET B 228 -7.89 -18.34 -6.78
CA MET B 228 -9.28 -17.92 -6.62
C MET B 228 -9.73 -17.07 -7.80
N GLY B 229 -8.87 -16.10 -8.17
CA GLY B 229 -9.15 -15.23 -9.29
C GLY B 229 -9.33 -16.00 -10.59
N LEU B 230 -8.53 -17.06 -10.76
CA LEU B 230 -8.63 -17.90 -11.95
C LEU B 230 -9.90 -18.75 -11.91
N LEU B 231 -10.14 -19.39 -10.76
CA LEU B 231 -11.29 -20.27 -10.57
C LEU B 231 -12.62 -19.54 -10.76
N LYS B 232 -12.64 -18.24 -10.46
CA LYS B 232 -13.85 -17.45 -10.65
C LYS B 232 -14.25 -17.39 -12.12
N GLN B 233 -13.26 -17.47 -13.00
CA GLN B 233 -13.51 -17.47 -14.45
C GLN B 233 -13.70 -18.89 -14.96
N VAL B 234 -12.95 -19.83 -14.37
CA VAL B 234 -13.06 -21.23 -14.73
C VAL B 234 -14.47 -21.75 -14.46
N VAL B 235 -15.08 -21.28 -13.38
CA VAL B 235 -16.44 -21.68 -13.04
C VAL B 235 -17.43 -21.14 -14.06
N LYS B 236 -17.07 -20.03 -14.71
CA LYS B 236 -17.89 -19.48 -15.77
C LYS B 236 -17.78 -20.34 -17.03
N ARG B 237 -16.58 -20.83 -17.31
CA ARG B 237 -16.35 -21.65 -18.49
C ARG B 237 -16.91 -23.07 -18.33
N ARG B 238 -16.63 -23.70 -17.19
CA ARG B 238 -17.10 -25.07 -16.96
C ARG B 238 -17.88 -25.19 -15.64
N PRO B 239 -19.18 -25.49 -15.75
CA PRO B 239 -20.07 -25.63 -14.59
C PRO B 239 -19.94 -26.97 -13.87
N ASP B 240 -19.11 -27.88 -14.39
CA ASP B 240 -18.97 -29.20 -13.79
C ASP B 240 -17.96 -29.20 -12.64
N LEU B 241 -17.38 -28.03 -12.37
CA LEU B 241 -16.38 -27.90 -11.32
C LEU B 241 -16.97 -27.33 -10.04
N LYS B 242 -16.62 -27.93 -8.91
CA LYS B 242 -17.06 -27.42 -7.61
C LYS B 242 -15.86 -26.95 -6.78
N ILE B 243 -16.01 -25.83 -6.09
CA ILE B 243 -14.93 -25.25 -5.31
C ILE B 243 -15.31 -25.05 -3.85
N ILE B 244 -14.48 -25.55 -2.95
CA ILE B 244 -14.71 -25.43 -1.52
C ILE B 244 -13.63 -24.59 -0.85
N ILE B 245 -14.04 -23.57 -0.10
CA ILE B 245 -13.10 -22.72 0.62
C ILE B 245 -13.17 -23.00 2.12
N MET B 246 -12.09 -23.53 2.67
CA MET B 246 -12.06 -23.89 4.08
C MET B 246 -11.04 -23.09 4.89
N SER B 247 -11.38 -22.84 6.15
CA SER B 247 -10.48 -22.20 7.09
C SER B 247 -11.06 -22.32 8.50
N ALA B 248 -10.18 -22.33 9.50
CA ALA B 248 -10.63 -22.37 10.88
C ALA B 248 -11.18 -21.02 11.30
N THR B 249 -10.54 -19.96 10.79
CA THR B 249 -10.99 -18.60 11.04
C THR B 249 -10.97 -17.80 9.74
N LEU B 250 -11.91 -16.88 9.58
CA LEU B 250 -12.05 -16.15 8.34
C LEU B 250 -12.95 -14.93 8.45
N ASP B 251 -12.70 -13.93 7.60
CA ASP B 251 -13.66 -12.87 7.38
C ASP B 251 -14.52 -13.28 6.18
N ALA B 252 -15.37 -14.28 6.42
CA ALA B 252 -16.11 -14.96 5.35
C ALA B 252 -16.95 -14.03 4.49
N GLU B 253 -17.24 -12.82 4.99
CA GLU B 253 -18.03 -11.86 4.23
C GLU B 253 -17.38 -11.53 2.88
N LYS B 254 -16.08 -11.27 2.91
CA LYS B 254 -15.31 -10.98 1.71
C LYS B 254 -15.38 -12.13 0.70
N PHE B 255 -15.23 -13.35 1.21
CA PHE B 255 -15.23 -14.54 0.36
C PHE B 255 -16.61 -14.79 -0.26
N GLN B 256 -17.65 -14.61 0.52
CA GLN B 256 -19.02 -14.79 0.04
C GLN B 256 -19.36 -13.74 -1.00
N ARG B 257 -19.01 -12.50 -0.72
CA ARG B 257 -19.31 -11.40 -1.63
C ARG B 257 -18.49 -11.45 -2.91
N TYR B 258 -17.29 -12.03 -2.82
CA TYR B 258 -16.43 -12.15 -4.00
C TYR B 258 -16.94 -13.22 -4.96
N PHE B 259 -17.34 -14.36 -4.41
CA PHE B 259 -17.83 -15.47 -5.23
C PHE B 259 -19.33 -15.38 -5.46
N ASN B 260 -19.83 -14.16 -5.60
CA ASN B 260 -21.23 -13.89 -5.93
C ASN B 260 -22.21 -14.50 -4.93
N ASP B 261 -22.18 -14.00 -3.70
CA ASP B 261 -23.09 -14.44 -2.64
C ASP B 261 -23.03 -15.95 -2.42
N ALA B 262 -21.84 -16.46 -2.14
CA ALA B 262 -21.64 -17.89 -1.90
C ALA B 262 -22.09 -18.27 -0.49
N PRO B 263 -22.67 -19.47 -0.34
CA PRO B 263 -23.16 -19.93 0.97
C PRO B 263 -22.05 -20.21 1.97
N LEU B 264 -22.34 -19.98 3.24
CA LEU B 264 -21.38 -20.21 4.32
C LEU B 264 -21.90 -21.27 5.30
N LEU B 265 -21.11 -22.31 5.50
CA LEU B 265 -21.46 -23.37 6.45
C LEU B 265 -20.57 -23.27 7.68
N ALA B 266 -21.16 -22.84 8.79
CA ALA B 266 -20.43 -22.72 10.04
C ALA B 266 -20.82 -23.84 11.00
N VAL B 267 -19.85 -24.67 11.37
CA VAL B 267 -20.13 -25.78 12.27
C VAL B 267 -19.58 -25.52 13.68
N PRO B 268 -20.46 -25.64 14.70
CA PRO B 268 -20.03 -25.52 16.08
C PRO B 268 -19.38 -26.81 16.57
N GLY B 269 -19.15 -26.90 17.88
CA GLY B 269 -18.60 -28.12 18.46
C GLY B 269 -17.09 -28.11 18.55
N ARG B 270 -16.59 -28.36 19.74
CA ARG B 270 -15.15 -28.45 19.97
C ARG B 270 -14.76 -29.88 20.29
N THR B 271 -13.70 -30.37 19.66
CA THR B 271 -13.20 -31.71 19.92
C THR B 271 -12.68 -31.82 21.35
N TYR B 272 -11.70 -30.98 21.66
CA TYR B 272 -11.16 -30.89 23.02
C TYR B 272 -10.88 -29.45 23.39
N PRO B 273 -11.21 -29.07 24.63
CA PRO B 273 -11.01 -27.69 25.10
C PRO B 273 -9.54 -27.30 25.18
N VAL B 274 -9.21 -26.13 24.64
CA VAL B 274 -7.86 -25.60 24.74
C VAL B 274 -7.85 -24.33 25.60
N GLU B 275 -7.16 -24.40 26.72
CA GLU B 275 -7.13 -23.29 27.67
C GLU B 275 -6.13 -22.23 27.24
N LEU B 276 -6.50 -20.96 27.43
CA LEU B 276 -5.64 -19.85 27.03
C LEU B 276 -5.07 -19.11 28.24
N TYR B 277 -3.76 -18.95 28.25
CA TYR B 277 -3.06 -18.24 29.31
C TYR B 277 -2.37 -16.98 28.77
N TYR B 278 -2.72 -15.83 29.32
CA TYR B 278 -2.06 -14.58 28.95
C TYR B 278 -1.14 -14.11 30.08
N THR B 279 -0.04 -13.46 29.72
CA THR B 279 0.84 -12.85 30.71
C THR B 279 0.23 -11.52 31.16
N PRO B 280 0.21 -11.29 32.48
CA PRO B 280 -0.36 -10.04 33.03
C PRO B 280 0.40 -8.81 32.55
N GLU B 281 1.70 -8.97 32.32
CA GLU B 281 2.54 -7.87 31.87
C GLU B 281 3.18 -8.17 30.53
N PHE B 282 3.92 -7.20 30.00
CA PHE B 282 4.59 -7.34 28.71
C PHE B 282 6.00 -7.92 28.90
N GLN B 283 6.36 -8.86 28.02
CA GLN B 283 7.65 -9.53 28.11
C GLN B 283 8.73 -8.77 27.35
N ARG B 284 9.71 -8.25 28.09
CA ARG B 284 10.76 -7.41 27.53
C ARG B 284 11.56 -8.12 26.43
N ASP B 285 11.99 -9.35 26.70
CA ASP B 285 12.71 -10.14 25.71
C ASP B 285 11.95 -11.44 25.45
N TYR B 286 11.30 -11.51 24.30
CA TYR B 286 10.44 -12.64 23.96
C TYR B 286 11.20 -13.96 23.87
N LEU B 287 12.48 -13.89 23.53
CA LEU B 287 13.29 -15.10 23.42
C LEU B 287 13.57 -15.73 24.78
N ASP B 288 14.07 -14.92 25.71
CA ASP B 288 14.36 -15.39 27.06
C ASP B 288 13.07 -15.84 27.75
N SER B 289 11.99 -15.11 27.49
CA SER B 289 10.68 -15.47 28.02
C SER B 289 10.24 -16.82 27.48
N ALA B 290 10.46 -17.03 26.19
CA ALA B 290 10.11 -18.30 25.55
C ALA B 290 10.88 -19.47 26.16
N ILE B 291 12.21 -19.31 26.23
CA ILE B 291 13.06 -20.34 26.80
C ILE B 291 12.67 -20.67 28.24
N ARG B 292 12.56 -19.65 29.07
CA ARG B 292 12.23 -19.81 30.48
C ARG B 292 10.86 -20.45 30.68
N THR B 293 9.89 -20.05 29.87
CA THR B 293 8.55 -20.62 29.98
C THR B 293 8.51 -22.08 29.53
N VAL B 294 9.23 -22.39 28.46
CA VAL B 294 9.33 -23.78 28.00
C VAL B 294 9.96 -24.66 29.07
N LEU B 295 11.05 -24.18 29.66
CA LEU B 295 11.70 -24.90 30.75
C LEU B 295 10.78 -25.03 31.95
N GLN B 296 9.93 -24.04 32.16
CA GLN B 296 8.98 -24.06 33.26
C GLN B 296 7.90 -25.12 33.06
N ILE B 297 7.37 -25.20 31.85
CA ILE B 297 6.39 -26.22 31.51
C ILE B 297 7.03 -27.60 31.61
N HIS B 298 8.29 -27.67 31.22
CA HIS B 298 9.07 -28.91 31.32
C HIS B 298 9.21 -29.36 32.77
N ALA B 299 9.47 -28.41 33.66
CA ALA B 299 9.75 -28.72 35.06
C ALA B 299 8.50 -28.99 35.88
N THR B 300 7.41 -28.29 35.57
CA THR B 300 6.23 -28.31 36.44
C THR B 300 4.99 -28.98 35.84
N GLU B 301 4.54 -28.50 34.69
CA GLU B 301 3.27 -28.93 34.11
C GLU B 301 3.20 -30.43 33.84
N GLU B 302 1.98 -30.91 33.60
CA GLU B 302 1.71 -32.34 33.44
C GLU B 302 2.37 -32.92 32.19
N ALA B 303 2.19 -34.23 32.00
CA ALA B 303 2.76 -34.92 30.85
C ALA B 303 2.19 -34.40 29.54
N GLY B 304 3.05 -34.29 28.53
CA GLY B 304 2.66 -33.78 27.24
C GLY B 304 3.82 -33.05 26.56
N ASP B 305 3.77 -32.97 25.23
CA ASP B 305 4.82 -32.32 24.48
C ASP B 305 4.54 -30.83 24.27
N ILE B 306 5.60 -30.07 24.05
CA ILE B 306 5.50 -28.61 23.92
C ILE B 306 5.80 -28.14 22.50
N LEU B 307 4.94 -27.29 21.97
CA LEU B 307 5.16 -26.71 20.64
C LEU B 307 5.46 -25.22 20.75
N LEU B 308 6.69 -24.83 20.39
CA LEU B 308 7.11 -23.44 20.48
C LEU B 308 7.25 -22.80 19.09
N PHE B 309 6.74 -21.59 18.95
CA PHE B 309 6.90 -20.84 17.71
C PHE B 309 7.97 -19.77 17.86
N LEU B 310 8.78 -19.58 16.82
CA LEU B 310 9.81 -18.54 16.83
C LEU B 310 9.95 -17.85 15.48
N THR B 311 10.99 -17.06 15.32
CA THR B 311 11.16 -16.23 14.13
C THR B 311 11.91 -16.94 13.00
N GLY B 312 13.24 -16.96 13.09
CA GLY B 312 14.06 -17.51 12.02
C GLY B 312 14.89 -18.71 12.44
N GLU B 313 15.59 -19.31 11.49
CA GLU B 313 16.33 -20.54 11.73
C GLU B 313 17.53 -20.32 12.64
N ASP B 314 18.11 -19.12 12.60
CA ASP B 314 19.25 -18.78 13.44
C ASP B 314 18.79 -18.73 14.90
N GLU B 315 17.75 -17.96 15.13
CA GLU B 315 17.11 -17.83 16.44
C GLU B 315 16.67 -19.19 16.96
N ILE B 316 16.10 -20.01 16.07
CA ILE B 316 15.63 -21.34 16.43
C ILE B 316 16.79 -22.24 16.86
N GLU B 317 17.90 -22.20 16.12
CA GLU B 317 19.08 -22.98 16.48
C GLU B 317 19.64 -22.55 17.84
N ASP B 318 19.72 -21.24 18.05
CA ASP B 318 20.19 -20.70 19.33
C ASP B 318 19.31 -21.20 20.48
N ALA B 319 18.00 -21.09 20.31
CA ALA B 319 17.04 -21.55 21.31
C ALA B 319 17.18 -23.05 21.54
N VAL B 320 17.46 -23.80 20.48
CA VAL B 320 17.61 -25.24 20.56
C VAL B 320 18.81 -25.61 21.45
N ARG B 321 19.96 -25.02 21.16
CA ARG B 321 21.16 -25.36 21.93
C ARG B 321 21.05 -24.88 23.38
N LYS B 322 20.42 -23.72 23.59
CA LYS B 322 20.24 -23.21 24.94
C LYS B 322 19.30 -24.08 25.77
N ILE B 323 18.12 -24.35 25.22
CA ILE B 323 17.14 -25.20 25.89
C ILE B 323 17.68 -26.60 26.11
N SER B 324 18.50 -27.08 25.18
CA SER B 324 19.15 -28.37 25.33
C SER B 324 20.12 -28.37 26.51
N LEU B 325 20.97 -27.36 26.56
CA LEU B 325 21.95 -27.24 27.63
C LEU B 325 21.30 -27.14 29.01
N GLU B 326 20.47 -26.11 29.20
CA GLU B 326 19.84 -25.89 30.50
C GLU B 326 18.87 -27.02 30.84
N GLY B 327 18.34 -27.69 29.82
CA GLY B 327 17.48 -28.84 30.00
C GLY B 327 18.26 -30.00 30.58
N ASP B 328 19.45 -30.24 30.02
CA ASP B 328 20.34 -31.26 30.55
C ASP B 328 20.72 -30.95 31.98
N GLN B 329 21.00 -29.68 32.26
CA GLN B 329 21.32 -29.27 33.63
C GLN B 329 20.13 -29.51 34.57
N LEU B 330 18.92 -29.33 34.04
CA LEU B 330 17.70 -29.58 34.80
C LEU B 330 17.54 -31.06 35.13
N VAL B 331 17.85 -31.91 34.15
CA VAL B 331 17.78 -33.35 34.36
C VAL B 331 18.82 -33.81 35.36
N ARG B 332 20.01 -33.23 35.28
CA ARG B 332 21.14 -33.63 36.12
C ARG B 332 20.97 -33.19 37.58
N GLU B 333 20.67 -31.92 37.80
CA GLU B 333 20.71 -31.37 39.16
C GLU B 333 19.36 -31.30 39.86
N GLU B 334 18.30 -31.06 39.11
CA GLU B 334 16.97 -30.93 39.72
C GLU B 334 16.10 -32.16 39.45
N GLY B 335 16.72 -33.20 38.89
CA GLY B 335 16.06 -34.47 38.66
C GLY B 335 14.80 -34.36 37.81
N CYS B 336 14.88 -33.59 36.73
CA CYS B 336 13.75 -33.44 35.82
C CYS B 336 13.78 -34.55 34.76
N GLY B 337 12.65 -34.75 34.09
CA GLY B 337 12.54 -35.78 33.07
C GLY B 337 13.39 -35.49 31.85
N PRO B 338 13.74 -36.53 31.09
CA PRO B 338 14.51 -36.39 29.84
C PRO B 338 13.81 -35.45 28.86
N LEU B 339 14.58 -34.67 28.11
CA LEU B 339 14.04 -33.67 27.22
C LEU B 339 14.62 -33.80 25.81
N SER B 340 13.76 -33.82 24.80
CA SER B 340 14.22 -33.91 23.42
C SER B 340 13.75 -32.74 22.56
N VAL B 341 14.68 -31.89 22.15
CA VAL B 341 14.35 -30.71 21.37
C VAL B 341 14.57 -30.93 19.88
N TYR B 342 13.55 -30.65 19.08
CA TYR B 342 13.64 -30.78 17.63
C TYR B 342 13.31 -29.47 16.92
N PRO B 343 14.22 -29.01 16.04
CA PRO B 343 14.00 -27.83 15.22
C PRO B 343 13.09 -28.12 14.03
N LEU B 344 12.45 -27.09 13.49
CA LEU B 344 11.53 -27.25 12.37
C LEU B 344 11.35 -25.97 11.57
N TYR B 345 12.01 -25.90 10.42
CA TYR B 345 11.83 -24.77 9.50
C TYR B 345 11.95 -25.22 8.05
N GLY B 346 11.56 -24.34 7.14
CA GLY B 346 11.42 -24.69 5.73
C GLY B 346 12.67 -25.16 5.00
N SER B 347 13.83 -24.66 5.44
CA SER B 347 15.08 -24.97 4.75
C SER B 347 15.60 -26.36 5.09
N LEU B 348 14.89 -27.07 5.95
CA LEU B 348 15.26 -28.43 6.33
C LEU B 348 14.77 -29.45 5.32
N PRO B 349 15.53 -30.52 5.11
CA PRO B 349 15.06 -31.64 4.29
C PRO B 349 13.83 -32.28 4.91
N PRO B 350 12.90 -32.79 4.08
CA PRO B 350 11.63 -33.39 4.52
C PRO B 350 11.78 -34.41 5.64
N HIS B 351 12.91 -35.12 5.67
CA HIS B 351 13.17 -36.09 6.72
C HIS B 351 13.39 -35.40 8.07
N GLN B 352 14.26 -34.39 8.08
CA GLN B 352 14.54 -33.63 9.29
C GLN B 352 13.29 -32.91 9.78
N GLN B 353 12.39 -32.60 8.86
CA GLN B 353 11.09 -32.04 9.21
C GLN B 353 10.19 -33.10 9.82
N GLN B 354 10.31 -34.33 9.33
CA GLN B 354 9.53 -35.45 9.82
C GLN B 354 10.00 -35.86 11.22
N ARG B 355 11.22 -35.46 11.57
CA ARG B 355 11.83 -35.85 12.84
C ARG B 355 11.08 -35.36 14.09
N ILE B 356 10.14 -34.45 13.90
CA ILE B 356 9.39 -33.90 15.03
C ILE B 356 8.28 -34.82 15.52
N PHE B 357 7.90 -35.79 14.68
CA PHE B 357 6.81 -36.70 15.02
C PHE B 357 7.29 -37.92 15.80
N GLU B 358 8.56 -37.91 16.18
CA GLU B 358 9.13 -38.99 16.96
C GLU B 358 8.55 -38.98 18.38
N PRO B 359 8.39 -40.18 18.97
CA PRO B 359 7.81 -40.33 20.32
C PRO B 359 8.61 -39.58 21.39
N ALA B 360 7.98 -39.34 22.54
CA ALA B 360 8.64 -38.69 23.67
C ALA B 360 9.68 -39.62 24.28
N PRO B 361 10.76 -39.04 24.82
CA PRO B 361 11.86 -39.81 25.43
C PRO B 361 11.41 -40.74 26.57
N GLU B 362 11.97 -41.94 26.61
CA GLU B 362 11.70 -42.89 27.68
C GLU B 362 12.31 -42.40 28.99
N SER B 363 11.72 -42.83 30.10
CA SER B 363 12.18 -42.38 31.41
C SER B 363 12.68 -43.53 32.27
N HIS B 364 13.92 -43.41 32.76
CA HIS B 364 14.51 -44.42 33.62
C HIS B 364 14.28 -44.07 35.08
N ASN B 365 14.11 -42.78 35.35
CA ASN B 365 14.00 -42.29 36.71
C ASN B 365 12.55 -42.18 37.19
N GLY B 366 11.61 -42.22 36.23
CA GLY B 366 10.20 -42.13 36.56
C GLY B 366 9.64 -40.75 36.24
N ARG B 367 10.53 -39.78 36.09
CA ARG B 367 10.14 -38.42 35.73
C ARG B 367 9.66 -38.34 34.29
N PRO B 368 8.55 -37.62 34.06
CA PRO B 368 7.94 -37.50 32.73
C PRO B 368 8.90 -36.94 31.68
N GLY B 369 9.29 -37.78 30.72
CA GLY B 369 10.13 -37.34 29.62
C GLY B 369 9.28 -36.71 28.53
N ARG B 370 9.80 -35.67 27.88
CA ARG B 370 9.00 -34.93 26.91
C ARG B 370 9.79 -34.35 25.74
N LYS B 371 9.04 -33.85 24.77
CA LYS B 371 9.60 -33.34 23.52
C LYS B 371 9.21 -31.88 23.28
N VAL B 372 10.18 -31.09 22.85
CA VAL B 372 9.94 -29.69 22.53
C VAL B 372 10.20 -29.42 21.05
N VAL B 373 9.15 -29.07 20.31
CA VAL B 373 9.27 -28.78 18.90
C VAL B 373 9.36 -27.28 18.65
N ILE B 374 10.55 -26.81 18.30
CA ILE B 374 10.76 -25.40 18.01
C ILE B 374 10.62 -25.14 16.51
N SER B 375 9.53 -24.49 16.14
CA SER B 375 9.20 -24.29 14.74
C SER B 375 8.92 -22.83 14.39
N THR B 376 8.99 -22.53 13.10
CA THR B 376 8.54 -21.24 12.58
C THR B 376 7.03 -21.30 12.39
N ASN B 377 6.49 -20.41 11.56
CA ASN B 377 5.07 -20.44 11.25
C ASN B 377 4.75 -21.45 10.15
N ILE B 378 5.65 -22.42 9.97
CA ILE B 378 5.44 -23.49 9.01
C ILE B 378 4.44 -24.50 9.57
N ALA B 379 4.40 -24.60 10.90
CA ALA B 379 3.47 -25.49 11.58
C ALA B 379 2.31 -24.70 12.17
N GLU B 380 2.22 -23.44 11.78
CA GLU B 380 1.18 -22.55 12.28
C GLU B 380 -0.19 -22.92 11.76
N THR B 381 -0.25 -23.40 10.51
CA THR B 381 -1.52 -23.64 9.84
C THR B 381 -1.72 -25.08 9.38
N SER B 382 -2.87 -25.64 9.73
CA SER B 382 -3.29 -26.98 9.30
C SER B 382 -2.21 -28.05 9.46
N LEU B 383 -1.96 -28.43 10.71
CA LEU B 383 -0.99 -29.48 11.00
C LEU B 383 -1.28 -30.09 12.36
N THR B 384 -1.43 -31.41 12.41
CA THR B 384 -1.78 -32.09 13.65
C THR B 384 -0.64 -32.98 14.15
N ILE B 385 0.01 -32.54 15.21
CA ILE B 385 1.03 -33.35 15.87
C ILE B 385 0.38 -34.06 17.06
N ASP B 386 0.60 -35.37 17.15
CA ASP B 386 -0.10 -36.20 18.11
C ASP B 386 0.29 -35.92 19.57
N GLY B 387 1.58 -35.70 19.80
CA GLY B 387 2.08 -35.56 21.15
C GLY B 387 1.89 -34.19 21.79
N ILE B 388 1.72 -33.17 20.96
CA ILE B 388 1.63 -31.80 21.45
C ILE B 388 0.40 -31.57 22.33
N VAL B 389 0.65 -31.06 23.53
CA VAL B 389 -0.41 -30.66 24.45
C VAL B 389 -0.30 -29.18 24.76
N TYR B 390 0.94 -28.70 24.88
CA TYR B 390 1.19 -27.31 25.21
C TYR B 390 1.67 -26.51 24.00
N VAL B 391 1.19 -25.28 23.87
CA VAL B 391 1.62 -24.41 22.78
C VAL B 391 2.15 -23.07 23.30
N VAL B 392 3.42 -22.82 23.08
CA VAL B 392 4.05 -21.57 23.52
C VAL B 392 4.12 -20.58 22.37
N ASP B 393 3.57 -19.38 22.57
CA ASP B 393 3.52 -18.38 21.51
C ASP B 393 4.00 -17.01 21.99
N PRO B 394 5.16 -16.57 21.46
CA PRO B 394 5.70 -15.23 21.73
C PRO B 394 4.88 -14.15 21.05
N GLY B 395 4.22 -14.49 19.95
CA GLY B 395 3.38 -13.56 19.24
C GLY B 395 4.12 -12.82 18.13
N PHE B 396 5.28 -13.33 17.75
CA PHE B 396 6.08 -12.73 16.68
C PHE B 396 6.28 -13.66 15.50
N SER B 397 6.46 -13.09 14.32
CA SER B 397 6.82 -13.87 13.14
C SER B 397 7.63 -13.00 12.19
N LYS B 398 8.10 -13.59 11.10
CA LYS B 398 8.82 -12.81 10.09
C LYS B 398 7.92 -12.61 8.87
N GLN B 399 7.62 -11.36 8.55
CA GLN B 399 6.71 -11.05 7.45
C GLN B 399 7.38 -10.19 6.39
N LYS B 400 6.73 -10.09 5.24
CA LYS B 400 7.29 -9.38 4.09
C LYS B 400 6.90 -7.91 4.07
N VAL B 401 7.89 -7.03 3.92
CA VAL B 401 7.66 -5.60 3.81
C VAL B 401 8.17 -5.09 2.47
N TYR B 402 7.39 -4.26 1.80
CA TYR B 402 7.74 -3.76 0.48
C TYR B 402 7.72 -2.23 0.44
N ASN B 403 8.81 -1.64 -0.05
CA ASN B 403 8.90 -0.19 -0.13
C ASN B 403 8.69 0.33 -1.54
N PRO B 404 7.54 0.95 -1.80
CA PRO B 404 7.17 1.43 -3.14
C PRO B 404 8.16 2.44 -3.70
N ARG B 405 8.76 3.23 -2.81
CA ARG B 405 9.76 4.22 -3.22
C ARG B 405 10.99 3.52 -3.80
N ILE B 406 11.45 2.48 -3.12
CA ILE B 406 12.62 1.73 -3.57
C ILE B 406 12.21 0.66 -4.58
N ARG B 407 10.95 0.25 -4.51
CA ARG B 407 10.45 -0.93 -5.23
C ARG B 407 11.32 -2.13 -4.90
N VAL B 408 11.16 -2.62 -3.68
CA VAL B 408 11.90 -3.79 -3.23
C VAL B 408 11.20 -4.41 -2.02
N GLU B 409 11.39 -5.71 -1.84
CA GLU B 409 10.80 -6.44 -0.73
C GLU B 409 11.89 -7.04 0.17
N SER B 410 11.68 -6.94 1.47
CA SER B 410 12.59 -7.54 2.44
C SER B 410 11.78 -8.19 3.55
N LEU B 411 12.48 -8.83 4.48
CA LEU B 411 11.82 -9.53 5.58
C LEU B 411 12.05 -8.83 6.90
N LEU B 412 10.96 -8.62 7.64
CA LEU B 412 11.03 -7.90 8.91
C LEU B 412 10.25 -8.62 10.00
N VAL B 413 10.78 -8.56 11.22
CA VAL B 413 10.10 -9.15 12.38
C VAL B 413 8.87 -8.32 12.74
N SER B 414 7.70 -8.95 12.66
CA SER B 414 6.45 -8.27 12.90
C SER B 414 5.53 -9.06 13.84
N PRO B 415 4.65 -8.34 14.57
CA PRO B 415 3.62 -8.96 15.40
C PRO B 415 2.61 -9.73 14.54
N ILE B 416 2.25 -10.94 14.97
CA ILE B 416 1.34 -11.78 14.22
C ILE B 416 -0.09 -11.25 14.26
N SER B 417 -1.01 -11.97 13.62
CA SER B 417 -2.40 -11.55 13.56
C SER B 417 -3.26 -12.32 14.55
N LYS B 418 -4.48 -11.84 14.76
CA LYS B 418 -5.44 -12.49 15.64
C LYS B 418 -5.78 -13.88 15.12
N ALA B 419 -6.03 -13.97 13.82
CA ALA B 419 -6.31 -15.24 13.17
C ALA B 419 -5.15 -16.22 13.34
N SER B 420 -3.94 -15.73 13.12
CA SER B 420 -2.74 -16.55 13.25
C SER B 420 -2.58 -17.05 14.68
N ALA B 421 -2.94 -16.21 15.65
CA ALA B 421 -2.86 -16.60 17.05
C ALA B 421 -3.89 -17.68 17.38
N GLN B 422 -5.09 -17.54 16.81
CA GLN B 422 -6.13 -18.55 16.99
C GLN B 422 -5.70 -19.87 16.35
N GLN B 423 -4.89 -19.78 15.29
CA GLN B 423 -4.39 -20.97 14.62
C GLN B 423 -3.32 -21.67 15.46
N ARG B 424 -2.33 -20.89 15.89
CA ARG B 424 -1.26 -21.40 16.75
C ARG B 424 -1.83 -22.04 18.01
N ALA B 425 -2.82 -21.37 18.60
CA ALA B 425 -3.50 -21.91 19.78
C ALA B 425 -4.34 -23.12 19.40
N GLY B 426 -4.76 -23.16 18.13
CA GLY B 426 -5.58 -24.24 17.64
C GLY B 426 -4.80 -25.49 17.29
N ARG B 427 -3.47 -25.38 17.31
CA ARG B 427 -2.63 -26.55 17.06
C ARG B 427 -2.77 -27.61 18.16
N ALA B 428 -3.11 -27.17 19.37
CA ALA B 428 -3.32 -28.10 20.48
C ALA B 428 -4.80 -28.38 20.68
N GLY B 429 -5.11 -29.31 21.57
CA GLY B 429 -6.48 -29.69 21.85
C GLY B 429 -7.09 -30.51 20.73
N ARG B 430 -6.36 -31.54 20.31
CA ARG B 430 -6.83 -32.41 19.24
C ARG B 430 -6.86 -33.87 19.70
N THR B 431 -5.69 -34.42 19.97
CA THR B 431 -5.59 -35.75 20.55
C THR B 431 -6.14 -35.74 21.96
N ARG B 432 -5.73 -34.73 22.72
CA ARG B 432 -6.16 -34.54 24.10
C ARG B 432 -6.21 -33.04 24.39
N PRO B 433 -6.99 -32.64 25.41
CA PRO B 433 -7.12 -31.23 25.78
C PRO B 433 -5.77 -30.51 25.88
N GLY B 434 -5.69 -29.30 25.34
CA GLY B 434 -4.44 -28.58 25.26
C GLY B 434 -4.39 -27.31 26.09
N LYS B 435 -3.18 -26.84 26.34
CA LYS B 435 -2.95 -25.62 27.09
C LYS B 435 -2.03 -24.70 26.30
N CYS B 436 -2.47 -23.45 26.10
CA CYS B 436 -1.71 -22.52 25.26
C CYS B 436 -1.25 -21.29 26.03
N PHE B 437 0.07 -21.17 26.17
CA PHE B 437 0.68 -20.02 26.82
C PHE B 437 1.07 -18.95 25.80
N ARG B 438 0.35 -17.83 25.82
CA ARG B 438 0.67 -16.70 24.95
C ARG B 438 1.47 -15.65 25.71
N LEU B 439 2.64 -15.31 25.18
CA LEU B 439 3.56 -14.40 25.88
C LEU B 439 3.20 -12.93 25.67
N TYR B 440 1.92 -12.61 25.86
CA TYR B 440 1.45 -11.23 25.73
C TYR B 440 0.10 -11.07 26.45
N THR B 441 -0.22 -9.84 26.82
CA THR B 441 -1.44 -9.56 27.55
C THR B 441 -2.68 -9.79 26.69
N GLU B 442 -3.82 -10.04 27.34
CA GLU B 442 -5.08 -10.21 26.64
C GLU B 442 -5.48 -8.89 26.00
N GLU B 443 -5.10 -7.79 26.64
CA GLU B 443 -5.34 -6.46 26.12
C GLU B 443 -4.60 -6.27 24.80
N ALA B 444 -3.43 -6.91 24.68
CA ALA B 444 -2.66 -6.87 23.44
C ALA B 444 -3.36 -7.67 22.35
N PHE B 445 -3.96 -8.79 22.74
CA PHE B 445 -4.69 -9.64 21.80
C PHE B 445 -5.92 -8.92 21.27
N GLN B 446 -6.58 -8.16 22.14
CA GLN B 446 -7.79 -7.45 21.76
C GLN B 446 -7.52 -6.23 20.88
N LYS B 447 -6.37 -5.58 21.09
CA LYS B 447 -6.09 -4.31 20.42
C LYS B 447 -4.82 -4.33 19.57
N GLU B 448 -3.70 -4.74 20.17
CA GLU B 448 -2.40 -4.67 19.52
C GLU B 448 -2.28 -5.57 18.29
N LEU B 449 -2.88 -6.76 18.36
CA LEU B 449 -2.76 -7.73 17.28
C LEU B 449 -3.73 -7.45 16.14
N ILE B 450 -3.20 -7.45 14.92
CA ILE B 450 -3.98 -7.22 13.72
C ILE B 450 -5.10 -8.24 13.58
N GLU B 451 -6.21 -7.84 12.95
CA GLU B 451 -7.36 -8.72 12.78
C GLU B 451 -7.00 -9.97 11.98
N GLN B 452 -6.46 -9.77 10.78
CA GLN B 452 -6.06 -10.90 9.94
C GLN B 452 -5.06 -10.59 8.86
N SER B 453 -3.89 -11.24 9.04
CA SER B 453 -2.72 -11.17 8.16
C SER B 453 -2.95 -10.57 6.78
N TYR B 454 -2.24 -9.48 6.50
CA TYR B 454 -2.32 -8.78 5.23
C TYR B 454 -2.03 -9.70 4.04
N PRO B 455 -2.93 -9.70 3.03
CA PRO B 455 -2.82 -10.52 1.83
C PRO B 455 -1.47 -10.41 1.12
N GLU B 456 -1.02 -11.49 0.50
CA GLU B 456 0.30 -11.54 -0.11
C GLU B 456 0.42 -10.64 -1.34
N ILE B 457 -0.64 -10.58 -2.14
CA ILE B 457 -0.64 -9.74 -3.35
C ILE B 457 -0.39 -8.29 -3.01
N LEU B 458 -1.01 -7.83 -1.92
CA LEU B 458 -0.87 -6.44 -1.48
C LEU B 458 0.52 -6.17 -0.90
N ARG B 459 1.27 -7.23 -0.65
CA ARG B 459 2.62 -7.10 -0.11
C ARG B 459 3.68 -7.41 -1.17
N SER B 460 3.61 -8.63 -1.71
CA SER B 460 4.64 -9.14 -2.62
C SER B 460 4.89 -8.28 -3.86
N ASN B 461 6.12 -8.36 -4.36
CA ASN B 461 6.46 -7.77 -5.66
C ASN B 461 5.79 -8.58 -6.76
N LEU B 462 5.26 -7.89 -7.76
CA LEU B 462 4.42 -8.53 -8.76
C LEU B 462 5.13 -8.82 -10.08
N SER B 463 6.45 -8.85 -10.04
CA SER B 463 7.24 -9.09 -11.24
C SER B 463 7.04 -10.49 -11.81
N SER B 464 6.78 -11.45 -10.93
CA SER B 464 6.56 -12.83 -11.35
C SER B 464 5.06 -13.13 -11.49
N THR B 465 4.29 -12.54 -10.57
CA THR B 465 2.84 -12.72 -10.55
C THR B 465 2.21 -12.35 -11.88
N VAL B 466 2.67 -11.24 -12.46
CA VAL B 466 2.18 -10.77 -13.76
C VAL B 466 2.46 -11.80 -14.85
N LEU B 467 3.68 -12.33 -14.86
CA LEU B 467 4.09 -13.34 -15.84
C LEU B 467 3.19 -14.56 -15.75
N GLU B 468 2.96 -15.02 -14.52
CA GLU B 468 2.13 -16.20 -14.30
C GLU B 468 0.68 -15.96 -14.71
N LEU B 469 0.15 -14.79 -14.37
CA LEU B 469 -1.20 -14.40 -14.76
C LEU B 469 -1.35 -14.36 -16.27
N LYS B 470 -0.30 -13.88 -16.95
CA LYS B 470 -0.28 -13.84 -18.40
C LYS B 470 -0.24 -15.25 -18.97
N LYS B 471 0.47 -16.15 -18.30
CA LYS B 471 0.53 -17.54 -18.74
C LYS B 471 -0.84 -18.21 -18.60
N LEU B 472 -1.58 -17.81 -17.58
CA LEU B 472 -2.94 -18.33 -17.38
C LEU B 472 -3.84 -17.98 -18.56
N GLY B 473 -3.51 -16.90 -19.26
CA GLY B 473 -4.25 -16.51 -20.45
C GLY B 473 -5.04 -15.23 -20.24
N ILE B 474 -4.70 -14.50 -19.18
CA ILE B 474 -5.40 -13.26 -18.85
C ILE B 474 -4.77 -12.07 -19.57
N ASP B 475 -5.54 -11.43 -20.44
CA ASP B 475 -5.03 -10.32 -21.24
C ASP B 475 -5.06 -9.00 -20.48
N ASP B 476 -6.24 -8.59 -20.02
CA ASP B 476 -6.37 -7.35 -19.28
C ASP B 476 -6.28 -7.58 -17.77
N LEU B 477 -5.06 -7.44 -17.25
CA LEU B 477 -4.82 -7.67 -15.82
C LEU B 477 -5.42 -6.56 -14.97
N VAL B 478 -5.49 -5.35 -15.53
CA VAL B 478 -6.05 -4.21 -14.83
C VAL B 478 -7.53 -4.44 -14.52
N HIS B 479 -8.24 -5.02 -15.48
CA HIS B 479 -9.67 -5.28 -15.35
C HIS B 479 -9.95 -6.59 -14.64
N PHE B 480 -8.90 -7.39 -14.42
CA PHE B 480 -9.05 -8.74 -13.87
C PHE B 480 -9.58 -8.73 -12.44
N ASP B 481 -10.47 -9.69 -12.15
CA ASP B 481 -11.11 -9.78 -10.85
C ASP B 481 -10.23 -10.43 -9.78
N PHE B 482 -9.55 -9.61 -8.99
CA PHE B 482 -8.90 -10.08 -7.79
C PHE B 482 -9.88 -9.97 -6.62
N MET B 483 -9.62 -10.70 -5.54
CA MET B 483 -10.40 -10.49 -4.33
C MET B 483 -9.95 -9.18 -3.71
N ASP B 484 -8.65 -8.94 -3.75
CA ASP B 484 -8.06 -7.69 -3.28
C ASP B 484 -7.06 -7.17 -4.31
N PRO B 485 -7.52 -6.28 -5.20
CA PRO B 485 -6.70 -5.71 -6.27
C PRO B 485 -5.47 -4.96 -5.75
N PRO B 486 -4.30 -5.23 -6.34
CA PRO B 486 -3.04 -4.59 -5.94
C PRO B 486 -2.92 -3.15 -6.45
N ALA B 487 -1.83 -2.50 -6.09
CA ALA B 487 -1.58 -1.12 -6.52
C ALA B 487 -1.24 -1.06 -7.99
N PRO B 488 -2.03 -0.29 -8.76
CA PRO B 488 -1.82 -0.09 -10.21
C PRO B 488 -0.40 0.40 -10.54
N GLU B 489 0.19 1.17 -9.64
CA GLU B 489 1.57 1.63 -9.81
C GLU B 489 2.53 0.45 -9.90
N THR B 490 2.46 -0.42 -8.90
CA THR B 490 3.30 -1.63 -8.84
C THR B 490 3.06 -2.52 -10.05
N MET B 491 1.80 -2.67 -10.43
CA MET B 491 1.42 -3.43 -11.61
C MET B 491 2.09 -2.90 -12.87
N MET B 492 1.95 -1.59 -13.07
CA MET B 492 2.50 -0.94 -14.25
C MET B 492 4.02 -1.06 -14.31
N ARG B 493 4.67 -0.88 -13.16
CA ARG B 493 6.11 -1.01 -13.09
C ARG B 493 6.56 -2.45 -13.34
N ALA B 494 5.74 -3.41 -12.92
CA ALA B 494 6.02 -4.81 -13.15
C ALA B 494 5.94 -5.13 -14.64
N LEU B 495 4.87 -4.68 -15.28
CA LEU B 495 4.69 -4.80 -16.71
C LEU B 495 5.85 -4.15 -17.46
N GLU B 496 6.35 -3.06 -16.89
CA GLU B 496 7.49 -2.34 -17.46
C GLU B 496 8.75 -3.21 -17.41
N GLU B 497 9.00 -3.81 -16.24
CA GLU B 497 10.13 -4.70 -16.06
C GLU B 497 10.09 -5.87 -17.04
N LEU B 498 8.92 -6.50 -17.14
CA LEU B 498 8.75 -7.62 -18.06
C LEU B 498 8.85 -7.18 -19.52
N ASN B 499 8.55 -5.91 -19.78
CA ASN B 499 8.68 -5.36 -21.12
C ASN B 499 10.14 -5.17 -21.49
N TYR B 500 10.95 -4.74 -20.52
CA TYR B 500 12.38 -4.57 -20.75
C TYR B 500 13.09 -5.93 -20.80
N LEU B 501 12.56 -6.91 -20.09
CA LEU B 501 13.13 -8.26 -20.10
C LEU B 501 12.73 -9.05 -21.34
N ALA B 502 11.90 -8.41 -22.18
CA ALA B 502 11.40 -9.02 -23.42
C ALA B 502 10.61 -10.30 -23.16
N CYS B 503 9.85 -10.31 -22.07
CA CYS B 503 8.93 -11.40 -21.78
C CYS B 503 7.55 -11.06 -22.33
N LEU B 504 7.27 -9.76 -22.42
CA LEU B 504 6.04 -9.26 -23.01
C LEU B 504 6.35 -8.26 -24.11
N ASP B 505 5.74 -8.45 -25.28
CA ASP B 505 5.96 -7.54 -26.40
C ASP B 505 5.29 -6.20 -26.16
N ASP B 506 5.40 -5.31 -27.15
CA ASP B 506 4.81 -3.97 -27.03
C ASP B 506 3.29 -4.02 -26.97
N GLU B 507 2.70 -5.05 -27.58
CA GLU B 507 1.25 -5.17 -27.63
C GLU B 507 0.69 -5.66 -26.30
N GLY B 508 1.49 -6.42 -25.56
CA GLY B 508 1.09 -6.87 -24.23
C GLY B 508 0.91 -8.37 -24.09
N ASN B 509 1.26 -9.10 -25.13
CA ASN B 509 1.14 -10.56 -25.10
C ASN B 509 2.44 -11.24 -24.69
N LEU B 510 2.37 -12.55 -24.47
CA LEU B 510 3.53 -13.32 -24.03
C LEU B 510 4.47 -13.67 -25.18
N THR B 511 5.75 -13.39 -24.98
CA THR B 511 6.79 -13.79 -25.93
C THR B 511 7.21 -15.22 -25.65
N PRO B 512 7.83 -15.89 -26.64
CA PRO B 512 8.41 -17.22 -26.40
C PRO B 512 9.33 -17.25 -25.19
N LEU B 513 10.05 -16.16 -24.96
CA LEU B 513 10.92 -16.04 -23.80
C LEU B 513 10.12 -16.06 -22.50
N GLY B 514 8.98 -15.36 -22.49
CA GLY B 514 8.12 -15.36 -21.32
C GLY B 514 7.45 -16.70 -21.12
N ARG B 515 6.94 -17.26 -22.20
CA ARG B 515 6.26 -18.55 -22.16
C ARG B 515 7.20 -19.66 -21.70
N LEU B 516 8.48 -19.52 -22.00
CA LEU B 516 9.48 -20.48 -21.56
C LEU B 516 9.90 -20.25 -20.12
N ALA B 517 10.12 -18.98 -19.77
CA ALA B 517 10.60 -18.62 -18.45
C ALA B 517 9.53 -18.76 -17.38
N SER B 518 8.28 -18.92 -17.81
CA SER B 518 7.17 -19.09 -16.89
C SER B 518 7.19 -20.48 -16.26
N GLN B 519 7.72 -21.45 -16.98
CA GLN B 519 7.74 -22.84 -16.54
C GLN B 519 8.74 -23.06 -15.40
N PHE B 520 9.78 -22.24 -15.35
CA PHE B 520 10.82 -22.36 -14.33
C PHE B 520 10.36 -21.80 -13.00
N PRO B 521 10.82 -22.41 -11.89
CA PRO B 521 10.50 -21.96 -10.53
C PRO B 521 11.44 -20.86 -10.06
N LEU B 522 11.80 -19.94 -10.95
CA LEU B 522 12.76 -18.91 -10.64
C LEU B 522 12.19 -17.51 -10.78
N ASP B 523 12.87 -16.54 -10.18
CA ASP B 523 12.55 -15.14 -10.39
C ASP B 523 12.86 -14.79 -11.84
N PRO B 524 11.90 -14.14 -12.53
CA PRO B 524 11.94 -13.78 -13.95
C PRO B 524 13.31 -13.34 -14.47
N MET B 525 14.07 -12.60 -13.66
CA MET B 525 15.41 -12.18 -14.06
C MET B 525 16.37 -13.37 -14.11
N LEU B 526 16.36 -14.16 -13.04
CA LEU B 526 17.13 -15.40 -12.98
C LEU B 526 16.75 -16.32 -14.15
N ALA B 527 15.45 -16.36 -14.43
CA ALA B 527 14.91 -17.18 -15.51
C ALA B 527 15.49 -16.75 -16.85
N VAL B 528 15.27 -15.49 -17.21
CA VAL B 528 15.78 -14.92 -18.46
C VAL B 528 17.28 -15.13 -18.61
N MET B 529 18.01 -14.89 -17.52
CA MET B 529 19.45 -15.14 -17.48
C MET B 529 19.79 -16.58 -17.85
N LEU B 530 19.13 -17.52 -17.18
CA LEU B 530 19.34 -18.95 -17.41
C LEU B 530 19.03 -19.34 -18.85
N ILE B 531 17.95 -18.80 -19.39
CA ILE B 531 17.54 -19.09 -20.75
C ILE B 531 18.59 -18.61 -21.75
N GLY B 532 19.02 -17.35 -21.59
CA GLY B 532 19.97 -16.76 -22.50
C GLY B 532 21.39 -17.25 -22.30
N SER B 533 21.60 -18.07 -21.28
CA SER B 533 22.93 -18.55 -20.91
C SER B 533 23.68 -19.29 -22.02
N PHE B 534 23.01 -20.25 -22.67
CA PHE B 534 23.69 -21.13 -23.61
C PHE B 534 24.13 -20.45 -24.90
N GLU B 535 23.61 -19.25 -25.14
CA GLU B 535 24.04 -18.46 -26.30
C GLU B 535 25.42 -17.89 -26.07
N PHE B 536 25.83 -17.83 -24.79
CA PHE B 536 27.16 -17.35 -24.44
C PHE B 536 28.09 -18.53 -24.17
N GLN B 537 27.61 -19.73 -24.49
CA GLN B 537 28.37 -20.97 -24.34
C GLN B 537 28.88 -21.16 -22.91
N CYS B 538 27.98 -21.03 -21.94
CA CYS B 538 28.30 -21.25 -20.53
C CYS B 538 27.03 -21.50 -19.73
N SER B 539 26.13 -22.31 -20.28
CA SER B 539 24.83 -22.55 -19.67
C SER B 539 24.92 -23.38 -18.39
N GLN B 540 25.90 -24.27 -18.32
CA GLN B 540 26.07 -25.12 -17.14
C GLN B 540 26.51 -24.29 -15.94
N GLU B 541 27.50 -23.43 -16.17
CA GLU B 541 28.01 -22.55 -15.12
C GLU B 541 26.92 -21.59 -14.63
N ILE B 542 26.17 -21.04 -15.57
CA ILE B 542 25.07 -20.15 -15.24
C ILE B 542 23.99 -20.89 -14.46
N LEU B 543 23.73 -22.14 -14.85
CA LEU B 543 22.79 -23.00 -14.15
C LEU B 543 23.20 -23.15 -12.70
N THR B 544 24.47 -23.51 -12.50
CA THR B 544 25.04 -23.63 -11.16
C THR B 544 24.88 -22.34 -10.36
N ILE B 545 25.23 -21.22 -10.98
CA ILE B 545 25.14 -19.93 -10.31
C ILE B 545 23.70 -19.61 -9.87
N VAL B 546 22.74 -19.86 -10.76
CA VAL B 546 21.34 -19.66 -10.44
C VAL B 546 20.92 -20.53 -9.25
N ALA B 547 21.32 -21.79 -9.30
CA ALA B 547 21.03 -22.72 -8.20
C ALA B 547 21.60 -22.20 -6.88
N MET B 548 22.82 -21.67 -6.92
CA MET B 548 23.47 -21.15 -5.72
C MET B 548 22.80 -19.86 -5.23
N LEU B 549 22.19 -19.13 -6.15
CA LEU B 549 21.47 -17.90 -5.80
C LEU B 549 20.08 -18.23 -5.26
N SER B 550 19.61 -19.44 -5.55
CA SER B 550 18.28 -19.87 -5.11
C SER B 550 18.32 -20.47 -3.71
N VAL B 551 19.49 -20.56 -3.13
CA VAL B 551 19.66 -21.16 -1.80
C VAL B 551 20.23 -20.11 -0.84
N PRO B 552 19.79 -20.15 0.43
CA PRO B 552 20.32 -19.30 1.50
C PRO B 552 21.85 -19.26 1.57
N ASN B 553 22.39 -18.28 2.30
CA ASN B 553 23.83 -18.04 2.37
C ASN B 553 24.65 -19.29 2.67
N VAL B 554 25.62 -19.57 1.82
CA VAL B 554 26.46 -20.74 1.94
C VAL B 554 27.54 -20.57 3.00
N PHE B 555 28.13 -19.39 3.04
CA PHE B 555 29.28 -19.14 3.91
C PHE B 555 28.91 -19.05 5.38
N ILE B 556 29.71 -19.70 6.21
CA ILE B 556 29.54 -19.68 7.66
C ILE B 556 30.54 -18.72 8.29
N ARG B 557 30.06 -17.82 9.14
CA ARG B 557 30.93 -16.84 9.78
C ARG B 557 30.64 -16.75 11.28
N PRO B 558 31.47 -17.42 12.09
CA PRO B 558 31.32 -17.39 13.55
C PRO B 558 31.56 -15.99 14.09
N THR B 559 30.83 -15.61 15.13
CA THR B 559 30.96 -14.29 15.72
C THR B 559 32.35 -14.07 16.30
N LYS B 560 32.90 -15.10 16.93
CA LYS B 560 34.15 -14.98 17.67
C LYS B 560 35.35 -15.51 16.90
N ASP B 561 35.13 -15.96 15.67
CA ASP B 561 36.22 -16.46 14.83
C ASP B 561 36.04 -16.01 13.39
N LYS B 562 36.11 -14.71 13.18
CA LYS B 562 35.85 -14.12 11.86
C LYS B 562 37.03 -14.24 10.91
N LYS B 563 38.25 -14.20 11.46
CA LYS B 563 39.46 -14.22 10.66
C LYS B 563 39.60 -15.48 9.81
N ARG B 564 39.55 -16.65 10.46
CA ARG B 564 39.71 -17.92 9.77
C ARG B 564 38.60 -18.17 8.76
N ALA B 565 37.40 -17.70 9.08
CA ALA B 565 36.26 -17.83 8.18
C ALA B 565 36.47 -16.98 6.93
N ASP B 566 36.97 -15.76 7.14
CA ASP B 566 37.22 -14.84 6.04
C ASP B 566 38.36 -15.35 5.15
N ASP B 567 39.34 -16.02 5.76
CA ASP B 567 40.42 -16.61 4.99
C ASP B 567 39.90 -17.79 4.17
N ALA B 568 39.11 -18.64 4.84
CA ALA B 568 38.49 -19.79 4.18
C ALA B 568 37.62 -19.38 3.01
N LYS B 569 37.00 -18.21 3.12
CA LYS B 569 36.21 -17.66 2.02
C LYS B 569 37.13 -17.09 0.95
N ASN B 570 38.22 -16.45 1.38
CA ASN B 570 39.19 -15.87 0.45
C ASN B 570 39.85 -16.92 -0.42
N ILE B 571 39.88 -18.16 0.07
CA ILE B 571 40.41 -19.27 -0.73
C ILE B 571 39.59 -19.48 -2.01
N PHE B 572 38.27 -19.44 -1.89
CA PHE B 572 37.39 -19.61 -3.05
C PHE B 572 37.16 -18.29 -3.77
N ALA B 573 37.59 -17.19 -3.16
CA ALA B 573 37.31 -15.85 -3.66
C ALA B 573 37.93 -15.57 -5.02
N HIS B 574 37.17 -14.92 -5.89
CA HIS B 574 37.64 -14.54 -7.20
C HIS B 574 37.46 -13.05 -7.43
N PRO B 575 38.53 -12.37 -7.87
CA PRO B 575 38.48 -10.93 -8.15
C PRO B 575 37.45 -10.59 -9.22
N ASP B 576 36.76 -9.47 -9.06
CA ASP B 576 35.71 -9.05 -9.98
C ASP B 576 34.63 -10.12 -10.12
N GLY B 577 33.92 -10.39 -9.04
CA GLY B 577 32.79 -11.31 -9.09
C GLY B 577 32.52 -12.10 -7.81
N ASP B 578 31.32 -11.95 -7.28
CA ASP B 578 30.85 -12.79 -6.18
C ASP B 578 30.23 -14.06 -6.76
N HIS B 579 29.54 -13.91 -7.88
CA HIS B 579 28.92 -15.03 -8.57
C HIS B 579 29.96 -16.05 -9.00
N ILE B 580 31.07 -15.56 -9.54
CA ILE B 580 32.18 -16.41 -9.93
C ILE B 580 32.70 -17.19 -8.73
N THR B 581 32.77 -16.51 -7.59
CA THR B 581 33.20 -17.14 -6.34
C THR B 581 32.25 -18.26 -5.93
N LEU B 582 30.95 -18.00 -6.06
CA LEU B 582 29.94 -19.02 -5.76
C LEU B 582 30.12 -20.24 -6.68
N LEU B 583 30.38 -19.97 -7.95
CA LEU B 583 30.64 -21.03 -8.92
C LEU B 583 31.85 -21.86 -8.50
N ASN B 584 32.88 -21.18 -8.02
CA ASN B 584 34.07 -21.86 -7.50
C ASN B 584 33.74 -22.73 -6.30
N VAL B 585 32.90 -22.22 -5.40
CA VAL B 585 32.50 -22.96 -4.22
C VAL B 585 31.76 -24.25 -4.59
N TYR B 586 30.76 -24.14 -5.45
CA TYR B 586 30.01 -25.33 -5.85
C TYR B 586 30.90 -26.30 -6.64
N HIS B 587 31.77 -25.76 -7.48
CA HIS B 587 32.64 -26.60 -8.29
C HIS B 587 33.65 -27.34 -7.43
N ALA B 588 33.99 -26.75 -6.29
CA ALA B 588 34.91 -27.39 -5.34
C ALA B 588 34.18 -28.40 -4.47
N PHE B 589 32.90 -28.13 -4.21
CA PHE B 589 32.08 -29.05 -3.41
C PHE B 589 31.75 -30.32 -4.19
N LYS B 590 31.60 -30.18 -5.50
CA LYS B 590 31.27 -31.31 -6.35
C LYS B 590 32.53 -31.99 -6.88
N SER B 591 33.68 -31.55 -6.39
CA SER B 591 34.96 -32.09 -6.83
C SER B 591 35.26 -33.44 -6.17
N ASP B 592 35.99 -34.29 -6.87
CA ASP B 592 36.35 -35.61 -6.38
C ASP B 592 37.19 -35.51 -5.11
N GLU B 593 38.00 -34.46 -5.03
CA GLU B 593 38.88 -34.24 -3.88
C GLU B 593 38.06 -34.04 -2.60
N ALA B 594 37.04 -33.20 -2.68
CA ALA B 594 36.17 -32.92 -1.54
C ALA B 594 35.43 -34.17 -1.09
N TYR B 595 35.25 -35.11 -2.01
CA TYR B 595 34.65 -36.40 -1.68
C TYR B 595 35.67 -37.33 -1.06
N GLU B 596 36.94 -37.16 -1.43
CA GLU B 596 38.00 -37.97 -0.85
C GLU B 596 38.34 -37.48 0.56
N TYR B 597 38.02 -36.23 0.87
CA TYR B 597 38.28 -35.69 2.19
C TYR B 597 37.19 -36.11 3.18
N GLY B 598 35.97 -35.67 2.95
CA GLY B 598 34.86 -36.00 3.83
C GLY B 598 33.60 -35.17 3.60
N ILE B 599 33.43 -34.67 2.38
CA ILE B 599 32.38 -33.70 2.00
C ILE B 599 31.84 -32.87 3.15
N HIS B 600 31.07 -33.49 4.05
CA HIS B 600 30.54 -32.81 5.21
C HIS B 600 31.67 -32.35 6.12
N LYS B 601 32.70 -33.18 6.22
CA LYS B 601 33.92 -32.84 6.94
C LYS B 601 34.64 -31.71 6.21
N TRP B 602 34.65 -31.81 4.89
CA TRP B 602 35.26 -30.81 4.03
C TRP B 602 34.51 -29.48 4.11
N CYS B 603 33.20 -29.55 4.27
CA CYS B 603 32.38 -28.36 4.47
C CYS B 603 32.63 -27.78 5.85
N ARG B 604 32.85 -28.66 6.82
CA ARG B 604 33.15 -28.26 8.19
C ARG B 604 34.63 -27.96 8.37
N ASP B 605 35.36 -27.89 7.26
CA ASP B 605 36.77 -27.51 7.31
C ASP B 605 37.02 -26.22 6.54
N HIS B 606 36.10 -25.89 5.63
CA HIS B 606 36.26 -24.69 4.81
C HIS B 606 35.21 -23.63 5.13
N TYR B 607 34.57 -23.75 6.30
CA TYR B 607 33.55 -22.81 6.74
C TYR B 607 32.41 -22.67 5.74
N LEU B 608 31.79 -23.80 5.40
CA LEU B 608 30.69 -23.81 4.44
C LEU B 608 29.48 -24.55 5.01
N ASN B 609 28.29 -24.14 4.57
CA ASN B 609 27.06 -24.79 5.00
C ASN B 609 26.71 -25.98 4.12
N TYR B 610 26.71 -27.17 4.70
CA TYR B 610 26.41 -28.38 3.95
C TYR B 610 24.95 -28.43 3.52
N ARG B 611 24.06 -27.96 4.38
CA ARG B 611 22.63 -27.94 4.08
C ARG B 611 22.36 -27.09 2.85
N SER B 612 22.95 -25.91 2.82
CA SER B 612 22.80 -24.98 1.70
C SER B 612 23.39 -25.56 0.42
N LEU B 613 24.53 -26.23 0.54
CA LEU B 613 25.22 -26.78 -0.63
C LEU B 613 24.46 -27.95 -1.24
N SER B 614 23.94 -28.84 -0.39
CA SER B 614 23.17 -29.98 -0.86
C SER B 614 21.83 -29.52 -1.43
N ALA B 615 21.23 -28.53 -0.78
CA ALA B 615 20.00 -27.93 -1.29
C ALA B 615 20.25 -27.34 -2.67
N ALA B 616 21.41 -26.71 -2.83
CA ALA B 616 21.80 -26.10 -4.10
C ALA B 616 21.99 -27.18 -5.17
N ASP B 617 22.58 -28.30 -4.78
CA ASP B 617 22.77 -29.42 -5.69
C ASP B 617 21.42 -29.94 -6.17
N ASN B 618 20.48 -30.07 -5.23
CA ASN B 618 19.13 -30.52 -5.54
C ASN B 618 18.44 -29.58 -6.52
N ILE B 619 18.39 -28.30 -6.16
CA ILE B 619 17.79 -27.28 -7.02
C ILE B 619 18.41 -27.30 -8.41
N ARG B 620 19.72 -27.43 -8.47
CA ARG B 620 20.44 -27.49 -9.74
C ARG B 620 19.99 -28.69 -10.56
N SER B 621 19.79 -29.83 -9.89
CA SER B 621 19.31 -31.02 -10.57
C SER B 621 17.91 -30.80 -11.16
N GLN B 622 17.04 -30.17 -10.38
CA GLN B 622 15.68 -29.87 -10.84
C GLN B 622 15.70 -28.97 -12.07
N LEU B 623 16.44 -27.86 -11.96
CA LEU B 623 16.56 -26.91 -13.05
C LEU B 623 17.17 -27.53 -14.30
N GLU B 624 18.12 -28.44 -14.09
CA GLU B 624 18.75 -29.15 -15.20
C GLU B 624 17.75 -30.06 -15.90
N ARG B 625 16.93 -30.74 -15.11
CA ARG B 625 15.87 -31.59 -15.66
C ARG B 625 14.90 -30.76 -16.49
N LEU B 626 14.56 -29.58 -15.99
CA LEU B 626 13.64 -28.69 -16.69
C LEU B 626 14.25 -28.15 -17.98
N MET B 627 15.53 -27.82 -17.95
CA MET B 627 16.24 -27.34 -19.13
C MET B 627 16.28 -28.44 -20.19
N ASN B 628 16.51 -29.67 -19.76
CA ASN B 628 16.52 -30.80 -20.67
C ASN B 628 15.12 -31.10 -21.21
N ARG B 629 14.11 -30.77 -20.41
CA ARG B 629 12.72 -31.01 -20.81
C ARG B 629 12.27 -30.01 -21.87
N TYR B 630 12.54 -28.74 -21.65
CA TYR B 630 12.15 -27.70 -22.60
C TYR B 630 13.24 -27.45 -23.63
N ASN B 631 14.17 -28.41 -23.73
CA ASN B 631 15.17 -28.45 -24.78
C ASN B 631 16.12 -27.25 -24.81
N LEU B 632 16.83 -27.02 -23.71
CA LEU B 632 17.88 -26.02 -23.68
C LEU B 632 19.24 -26.70 -23.61
N GLU B 633 20.12 -26.31 -24.53
CA GLU B 633 21.44 -26.93 -24.65
C GLU B 633 22.32 -26.62 -23.45
N LEU B 634 22.93 -27.65 -22.88
CA LEU B 634 23.92 -27.47 -21.82
C LEU B 634 25.29 -27.24 -22.46
N ASN B 635 25.77 -26.00 -22.42
CA ASN B 635 27.01 -25.60 -23.08
C ASN B 635 27.99 -24.94 -22.12
N THR B 636 29.28 -25.12 -22.40
CA THR B 636 30.33 -24.54 -21.55
C THR B 636 31.61 -24.30 -22.36
N THR B 637 32.52 -23.53 -21.77
CA THR B 637 33.79 -23.24 -22.42
C THR B 637 34.97 -23.54 -21.48
N ASP B 638 36.15 -23.67 -22.06
CA ASP B 638 37.34 -24.01 -21.29
C ASP B 638 37.81 -22.87 -20.39
N TYR B 639 38.36 -23.22 -19.24
CA TYR B 639 38.93 -22.24 -18.32
C TYR B 639 40.15 -21.56 -18.95
N GLU B 640 40.82 -22.30 -19.83
CA GLU B 640 41.98 -21.77 -20.54
C GLU B 640 41.59 -20.58 -21.41
N SER B 641 40.35 -20.58 -21.90
CA SER B 641 39.84 -19.48 -22.70
C SER B 641 39.59 -18.26 -21.81
N PRO B 642 40.15 -17.10 -22.21
CA PRO B 642 40.02 -15.86 -21.43
C PRO B 642 38.62 -15.29 -21.45
N LYS B 643 37.79 -15.77 -22.38
CA LYS B 643 36.42 -15.28 -22.51
C LYS B 643 35.45 -16.07 -21.62
N TYR B 644 36.00 -16.85 -20.70
CA TYR B 644 35.20 -17.66 -19.78
C TYR B 644 34.42 -16.77 -18.82
N PHE B 645 35.15 -16.07 -17.96
CA PHE B 645 34.57 -15.14 -17.00
C PHE B 645 33.71 -14.09 -17.70
N ASP B 646 34.16 -13.66 -18.87
CA ASP B 646 33.44 -12.66 -19.65
C ASP B 646 32.09 -13.19 -20.15
N ASN B 647 32.10 -14.44 -20.61
CA ASN B 647 30.86 -15.09 -21.02
C ASN B 647 29.89 -15.19 -19.85
N ILE B 648 30.39 -15.64 -18.71
CA ILE B 648 29.56 -15.77 -17.51
C ILE B 648 28.95 -14.42 -17.11
N ARG B 649 29.79 -13.39 -17.06
CA ARG B 649 29.34 -12.04 -16.71
C ARG B 649 28.28 -11.53 -17.68
N LYS B 650 28.52 -11.73 -18.97
CA LYS B 650 27.55 -11.32 -20.00
C LYS B 650 26.21 -12.01 -19.80
N ALA B 651 26.24 -13.32 -19.59
CA ALA B 651 25.03 -14.09 -19.36
C ALA B 651 24.31 -13.61 -18.10
N LEU B 652 25.08 -13.14 -17.13
CA LEU B 652 24.50 -12.56 -15.92
C LEU B 652 23.78 -11.25 -16.23
N ALA B 653 24.41 -10.43 -17.09
CA ALA B 653 23.84 -9.15 -17.49
C ALA B 653 22.58 -9.36 -18.31
N SER B 654 22.49 -10.50 -18.97
CA SER B 654 21.33 -10.82 -19.81
C SER B 654 20.02 -10.81 -19.03
N GLY B 655 20.11 -11.16 -17.75
CA GLY B 655 18.93 -11.21 -16.90
C GLY B 655 18.91 -10.15 -15.82
N PHE B 656 20.09 -9.65 -15.45
CA PHE B 656 20.17 -8.66 -14.39
C PHE B 656 20.72 -7.32 -14.87
N PHE B 657 20.23 -6.84 -16.01
CA PHE B 657 20.68 -5.55 -16.52
C PHE B 657 19.95 -4.40 -15.82
N MET B 658 18.76 -4.68 -15.29
CA MET B 658 17.99 -3.66 -14.58
C MET B 658 18.55 -3.38 -13.20
N GLN B 659 19.38 -4.29 -12.70
CA GLN B 659 19.99 -4.12 -11.39
C GLN B 659 21.49 -3.87 -11.52
N VAL B 660 21.84 -2.62 -11.81
CA VAL B 660 23.23 -2.22 -11.99
C VAL B 660 23.56 -0.99 -11.16
N ALA B 661 24.74 -1.00 -10.52
CA ALA B 661 25.17 0.12 -9.72
C ALA B 661 26.46 0.74 -10.27
N LYS B 662 26.56 2.06 -10.12
CA LYS B 662 27.71 2.83 -10.55
C LYS B 662 28.30 3.62 -9.38
N LYS B 663 29.61 3.51 -9.17
CA LYS B 663 30.26 4.25 -8.10
C LYS B 663 30.31 5.73 -8.45
N ARG B 664 30.08 6.58 -7.45
CA ARG B 664 30.14 8.03 -7.66
C ARG B 664 31.50 8.47 -8.14
N SER B 665 31.54 9.13 -9.29
CA SER B 665 32.78 9.62 -9.86
C SER B 665 33.47 10.63 -8.94
N GLY B 666 34.56 10.21 -8.32
CA GLY B 666 35.32 11.07 -7.44
C GLY B 666 34.68 11.26 -6.07
N ALA B 667 33.95 10.25 -5.61
CA ALA B 667 33.30 10.31 -4.31
C ALA B 667 33.19 8.94 -3.66
N LYS B 668 32.36 8.85 -2.63
CA LYS B 668 32.16 7.60 -1.89
C LYS B 668 30.76 7.04 -2.11
N GLY B 669 30.67 5.72 -2.18
CA GLY B 669 29.39 5.05 -2.31
C GLY B 669 28.94 4.83 -3.74
N TYR B 670 27.89 4.03 -3.91
CA TYR B 670 27.36 3.70 -5.22
C TYR B 670 25.97 4.28 -5.43
N ILE B 671 25.47 4.20 -6.67
CA ILE B 671 24.11 4.61 -6.98
C ILE B 671 23.52 3.70 -8.05
N THR B 672 22.25 3.35 -7.89
CA THR B 672 21.62 2.38 -8.78
C THR B 672 21.09 3.02 -10.07
N VAL B 673 21.20 2.29 -11.16
CA VAL B 673 20.65 2.73 -12.44
C VAL B 673 19.14 2.85 -12.37
N LYS B 674 18.51 1.86 -11.74
CA LYS B 674 17.07 1.82 -11.59
C LYS B 674 16.60 2.69 -10.42
N ASP B 675 15.73 3.65 -10.72
CA ASP B 675 15.10 4.52 -9.73
C ASP B 675 16.07 5.46 -9.00
N ASN B 676 17.34 5.40 -9.36
CA ASN B 676 18.36 6.35 -8.89
C ASN B 676 18.43 6.47 -7.36
N GLN B 677 18.88 5.42 -6.69
CA GLN B 677 18.97 5.42 -5.23
C GLN B 677 20.42 5.29 -4.76
N ASP B 678 20.78 6.07 -3.74
CA ASP B 678 22.11 6.02 -3.14
C ASP B 678 22.30 4.73 -2.34
N VAL B 679 23.37 3.99 -2.66
CA VAL B 679 23.58 2.68 -2.07
C VAL B 679 25.04 2.39 -1.73
N LEU B 680 25.26 1.28 -1.03
CA LEU B 680 26.60 0.85 -0.64
C LEU B 680 26.77 -0.65 -0.89
N ILE B 681 28.02 -1.11 -0.93
CA ILE B 681 28.31 -2.52 -1.16
C ILE B 681 28.33 -3.31 0.15
N HIS B 682 27.61 -4.43 0.17
CA HIS B 682 27.51 -5.28 1.35
C HIS B 682 28.88 -5.82 1.78
N PRO B 683 29.16 -5.78 3.09
CA PRO B 683 30.44 -6.18 3.68
C PRO B 683 30.88 -7.61 3.35
N SER B 684 29.95 -8.45 2.91
CA SER B 684 30.26 -9.85 2.64
C SER B 684 30.67 -10.07 1.17
N THR B 685 30.84 -8.98 0.44
CA THR B 685 31.20 -9.05 -0.97
C THR B 685 32.71 -9.21 -1.15
N VAL B 686 33.10 -10.12 -2.04
CA VAL B 686 34.51 -10.44 -2.29
C VAL B 686 35.33 -9.26 -2.82
N LEU B 687 34.75 -8.53 -3.77
CA LEU B 687 35.45 -7.42 -4.43
C LEU B 687 36.08 -6.43 -3.45
N GLY B 688 37.41 -6.43 -3.41
CA GLY B 688 38.14 -5.55 -2.52
C GLY B 688 38.57 -4.26 -3.18
N HIS B 689 38.56 -4.26 -4.52
CA HIS B 689 38.93 -3.06 -5.28
C HIS B 689 37.69 -2.36 -5.81
N ASP B 690 37.82 -1.06 -6.09
CA ASP B 690 36.70 -0.26 -6.54
C ASP B 690 36.41 -0.44 -8.03
N ALA B 691 35.51 -1.37 -8.34
CA ALA B 691 35.00 -1.50 -9.70
C ALA B 691 33.79 -0.58 -9.86
N GLU B 692 33.90 0.38 -10.79
CA GLU B 692 32.91 1.44 -10.89
C GLU B 692 31.58 0.98 -11.48
N TRP B 693 31.56 -0.14 -12.18
CA TRP B 693 30.32 -0.68 -12.73
C TRP B 693 30.07 -2.09 -12.25
N VAL B 694 28.95 -2.30 -11.56
CA VAL B 694 28.67 -3.62 -11.01
C VAL B 694 27.23 -4.09 -11.23
N ILE B 695 27.06 -5.40 -11.36
CA ILE B 695 25.74 -6.02 -11.39
C ILE B 695 25.47 -6.67 -10.05
N TYR B 696 24.29 -6.42 -9.47
CA TYR B 696 23.98 -6.98 -8.16
C TYR B 696 22.76 -7.89 -8.18
N ASN B 697 22.66 -8.73 -7.16
CA ASN B 697 21.58 -9.71 -7.08
C ASN B 697 20.52 -9.33 -6.06
N GLU B 698 20.95 -8.88 -4.87
CA GLU B 698 19.99 -8.56 -3.83
C GLU B 698 20.10 -7.10 -3.35
N PHE B 699 18.96 -6.52 -3.01
CA PHE B 699 18.89 -5.20 -2.41
C PHE B 699 18.43 -5.37 -0.97
N VAL B 700 19.23 -4.91 -0.01
CA VAL B 700 18.92 -5.16 1.40
C VAL B 700 18.99 -3.90 2.25
N LEU B 701 17.96 -3.67 3.06
CA LEU B 701 17.93 -2.53 3.96
C LEU B 701 18.13 -2.96 5.42
N THR B 702 19.15 -2.41 6.06
CA THR B 702 19.42 -2.69 7.46
C THR B 702 19.95 -1.44 8.16
N SER B 703 21.23 -1.45 8.54
CA SER B 703 21.87 -0.28 9.10
C SER B 703 21.90 0.84 8.06
N LYS B 704 22.20 0.46 6.82
CA LYS B 704 22.17 1.39 5.69
C LYS B 704 21.56 0.69 4.48
N ASN B 705 21.43 1.43 3.38
CA ASN B 705 20.93 0.84 2.14
C ASN B 705 22.05 0.07 1.43
N TYR B 706 22.06 -1.25 1.61
CA TYR B 706 23.15 -2.08 1.12
C TYR B 706 22.81 -2.89 -0.13
N ILE B 707 23.83 -3.12 -0.93
CA ILE B 707 23.74 -3.92 -2.15
C ILE B 707 24.50 -5.24 -1.98
N ARG B 708 23.78 -6.36 -2.08
CA ARG B 708 24.36 -7.67 -1.80
C ARG B 708 24.58 -8.52 -3.05
N THR B 709 25.72 -9.20 -3.08
CA THR B 709 26.12 -10.10 -4.16
C THR B 709 26.31 -9.35 -5.48
N VAL B 710 27.56 -8.98 -5.77
CA VAL B 710 27.85 -8.19 -6.96
C VAL B 710 28.92 -8.82 -7.86
N THR B 711 29.05 -8.27 -9.06
CA THR B 711 30.05 -8.70 -10.02
C THR B 711 30.33 -7.59 -11.02
N SER B 712 31.60 -7.22 -11.18
CA SER B 712 31.97 -6.14 -12.08
C SER B 712 31.55 -6.43 -13.52
N VAL B 713 31.17 -5.39 -14.24
CA VAL B 713 30.70 -5.53 -15.61
C VAL B 713 31.12 -4.33 -16.44
N ARG B 714 31.26 -4.52 -17.74
CA ARG B 714 31.54 -3.41 -18.64
C ARG B 714 30.23 -2.84 -19.18
N PRO B 715 30.07 -1.51 -19.11
CA PRO B 715 28.88 -0.82 -19.65
C PRO B 715 28.63 -1.16 -21.11
N GLU B 716 29.70 -1.45 -21.85
CA GLU B 716 29.58 -1.86 -23.24
C GLU B 716 28.70 -3.10 -23.36
N TRP B 717 28.97 -4.09 -22.51
CA TRP B 717 28.18 -5.32 -22.49
C TRP B 717 26.72 -5.02 -22.19
N LEU B 718 26.49 -4.11 -21.26
CA LEU B 718 25.14 -3.72 -20.87
C LEU B 718 24.37 -3.09 -22.03
N ILE B 719 25.04 -2.19 -22.75
CA ILE B 719 24.45 -1.54 -23.92
C ILE B 719 24.16 -2.57 -25.00
N GLU B 720 25.10 -3.49 -25.21
CA GLU B 720 24.95 -4.56 -26.21
C GLU B 720 23.74 -5.43 -25.92
N ILE B 721 23.61 -5.87 -24.67
CA ILE B 721 22.60 -6.84 -24.30
C ILE B 721 21.20 -6.24 -24.19
N ALA B 722 21.08 -5.12 -23.48
CA ALA B 722 19.77 -4.49 -23.31
C ALA B 722 19.76 -3.05 -23.81
N PRO B 723 19.69 -2.87 -25.13
CA PRO B 723 19.63 -1.53 -25.73
C PRO B 723 18.32 -0.83 -25.43
N ALA B 724 17.27 -1.63 -25.21
CA ALA B 724 15.94 -1.12 -24.96
C ALA B 724 15.90 -0.32 -23.65
N TYR B 725 16.61 -0.80 -22.65
CA TYR B 725 16.60 -0.17 -21.34
C TYR B 725 17.72 0.87 -21.19
N TYR B 726 18.75 0.74 -22.01
CA TYR B 726 19.91 1.60 -21.89
C TYR B 726 20.02 2.63 -23.01
N ASP B 727 18.88 3.02 -23.56
CA ASP B 727 18.84 4.17 -24.46
C ASP B 727 18.84 5.42 -23.59
N LEU B 728 19.62 6.42 -24.00
CA LEU B 728 19.80 7.63 -23.20
C LEU B 728 18.49 8.35 -22.90
N SER B 729 17.52 8.18 -23.79
CA SER B 729 16.23 8.88 -23.70
C SER B 729 15.42 8.49 -22.47
N ASN B 730 15.70 7.31 -21.91
CA ASN B 730 14.91 6.79 -20.80
C ASN B 730 15.19 7.44 -19.45
N PHE B 731 16.43 7.89 -19.25
CA PHE B 731 16.86 8.30 -17.93
C PHE B 731 16.80 9.81 -17.70
N GLN B 732 16.65 10.18 -16.42
CA GLN B 732 16.55 11.57 -15.99
C GLN B 732 17.77 12.39 -16.41
N LYS B 733 17.62 13.71 -16.39
CA LYS B 733 18.65 14.62 -16.87
C LYS B 733 20.01 14.44 -16.16
N GLY B 734 21.02 15.12 -16.69
CA GLY B 734 22.41 14.98 -16.29
C GLY B 734 22.72 14.62 -14.85
N ASP B 735 22.76 13.31 -14.58
CA ASP B 735 23.19 12.81 -13.28
C ASP B 735 24.45 11.98 -13.47
N VAL B 736 25.06 11.58 -12.36
CA VAL B 736 26.35 10.88 -12.37
C VAL B 736 26.37 9.68 -13.32
N LYS B 737 25.29 8.92 -13.36
CA LYS B 737 25.19 7.76 -14.25
C LYS B 737 25.21 8.19 -15.72
N LEU B 738 24.29 9.07 -16.08
CA LEU B 738 24.10 9.49 -17.47
C LEU B 738 25.31 10.23 -18.03
N SER B 739 26.00 10.96 -17.16
CA SER B 739 27.12 11.80 -17.57
C SER B 739 28.26 11.00 -18.19
N LEU B 740 28.58 9.85 -17.60
CA LEU B 740 29.67 9.02 -18.13
C LEU B 740 29.12 7.87 -18.98
N GLU B 741 27.84 7.56 -18.82
CA GLU B 741 27.18 6.64 -19.74
C GLU B 741 27.22 7.22 -21.14
N ARG B 742 26.99 8.53 -21.23
CA ARG B 742 27.06 9.25 -22.50
C ARG B 742 28.50 9.29 -23.03
N ILE B 743 29.47 9.24 -22.13
CA ILE B 743 30.87 9.17 -22.53
C ILE B 743 31.16 7.82 -23.16
N LYS B 744 30.62 6.77 -22.55
CA LYS B 744 30.70 5.42 -23.12
C LYS B 744 30.04 5.39 -24.50
N GLU B 745 28.94 6.12 -24.64
CA GLU B 745 28.26 6.23 -25.93
C GLU B 745 29.12 6.93 -26.97
N LYS B 746 29.74 8.05 -26.59
CA LYS B 746 30.67 8.77 -27.46
C LYS B 746 31.77 7.82 -27.93
N VAL B 747 32.27 7.02 -26.99
CA VAL B 747 33.28 6.02 -27.27
C VAL B 747 32.81 5.03 -28.34
N ASP B 748 31.63 4.46 -28.11
CA ASP B 748 31.05 3.50 -29.05
C ASP B 748 30.91 4.09 -30.45
N ARG B 749 30.41 5.32 -30.50
CA ARG B 749 30.19 6.00 -31.76
C ARG B 749 31.51 6.34 -32.46
N LEU B 750 32.56 6.57 -31.69
CA LEU B 750 33.87 6.82 -32.26
C LEU B 750 34.44 5.53 -32.84
N ASN B 751 34.24 4.43 -32.13
CA ASN B 751 34.60 3.10 -32.61
C ASN B 751 33.94 2.79 -33.95
N GLU B 752 32.63 3.04 -34.02
CA GLU B 752 31.90 2.82 -35.26
C GLU B 752 32.35 3.80 -36.35
N LEU B 753 32.73 4.99 -35.94
CA LEU B 753 33.16 6.04 -36.88
C LEU B 753 34.48 5.68 -37.55
N LYS B 754 35.36 5.03 -36.80
CA LYS B 754 36.68 4.69 -37.33
C LYS B 754 36.65 3.51 -38.29
N GLN B 755 35.62 2.68 -38.20
CA GLN B 755 35.50 1.53 -39.09
C GLN B 755 34.81 1.93 -40.40
MG MG E . -19.90 18.38 -12.89
PG ANP F . -18.24 18.33 -15.48
O1G ANP F . -16.98 18.79 -14.76
O2G ANP F . -17.87 17.52 -16.64
O3G ANP F . -19.08 17.50 -14.54
PB ANP F . -20.76 19.36 -15.82
O1B ANP F . -21.11 19.18 -14.34
O2B ANP F . -21.11 18.11 -16.57
N3B ANP F . -19.10 19.66 -15.97
PA ANP F . -21.69 22.04 -15.73
O1A ANP F . -20.30 22.71 -15.72
O2A ANP F . -22.18 21.90 -14.29
O3A ANP F . -21.60 20.59 -16.41
O5' ANP F . -22.75 22.97 -16.56
C5' ANP F . -22.36 24.31 -16.90
C4' ANP F . -22.57 24.50 -18.34
O4' ANP F . -23.27 25.80 -18.59
C3' ANP F . -21.27 24.56 -19.04
O3' ANP F . -20.94 23.25 -19.59
C2' ANP F . -21.41 25.53 -20.10
O2' ANP F . -21.63 24.85 -21.34
C1' ANP F . -22.59 26.38 -19.77
N9 ANP F . -22.18 27.68 -19.50
C8 ANP F . -22.26 28.73 -20.33
N7 ANP F . -21.80 29.81 -19.74
C5 ANP F . -21.40 29.51 -18.51
C6 ANP F . -20.85 30.23 -17.45
N6 ANP F . -20.59 31.60 -17.60
N1 ANP F . -20.56 29.62 -16.31
C2 ANP F . -20.79 28.29 -16.13
N3 ANP F . -21.33 27.56 -17.14
C4 ANP F . -21.65 28.13 -18.32
MG MG G . -7.30 -27.79 8.31
PG ANP H . -7.28 -27.00 11.29
O1G ANP H . -5.82 -26.58 11.24
O2G ANP H . -7.97 -26.24 12.32
O3G ANP H . -7.92 -26.74 9.96
PB ANP H . -8.65 -29.33 10.78
O1B ANP H . -9.93 -28.59 11.07
O2B ANP H . -8.35 -29.26 9.28
N3B ANP H . -7.37 -28.64 11.64
PA ANP H . -7.79 -32.04 10.84
O1A ANP H . -6.43 -31.77 11.52
O2A ANP H . -7.59 -32.08 9.34
O3A ANP H . -8.83 -30.85 11.21
O5' ANP H . -8.39 -33.47 11.34
C5' ANP H . -7.54 -34.37 12.05
C4' ANP H . -8.20 -34.76 13.29
O4' ANP H . -8.09 -36.24 13.49
C3' ANP H . -7.55 -34.12 14.45
O3' ANP H . -8.29 -32.92 14.83
C2' ANP H . -7.57 -35.08 15.54
O2' ANP H . -8.66 -34.76 16.43
C1' ANP H . -7.80 -36.42 14.93
N9 ANP H . -6.68 -37.23 15.10
C8 ANP H . -6.53 -38.19 16.02
N7 ANP H . -5.34 -38.75 15.88
C5 ANP H . -4.69 -38.16 14.87
C6 ANP H . -3.43 -38.34 14.29
N6 ANP H . -2.56 -39.32 14.79
N1 ANP H . -3.07 -37.58 13.26
C2 ANP H . -3.88 -36.63 12.76
N3 ANP H . -5.11 -36.43 13.31
C4 ANP H . -5.54 -37.18 14.35
#